data_1TGL
# 
_entry.id   1TGL 
# 
_audit_conform.dict_name       mmcif_pdbx.dic 
_audit_conform.dict_version    5.386 
_audit_conform.dict_location   http://mmcif.pdb.org/dictionaries/ascii/mmcif_pdbx.dic 
# 
loop_
_database_2.database_id 
_database_2.database_code 
_database_2.pdbx_database_accession 
_database_2.pdbx_DOI 
PDB   1TGL         pdb_00001tgl 10.2210/pdb1tgl/pdb 
WWPDB D_1000176669 ?            ?                   
# 
loop_
_pdbx_audit_revision_history.ordinal 
_pdbx_audit_revision_history.data_content_type 
_pdbx_audit_revision_history.major_revision 
_pdbx_audit_revision_history.minor_revision 
_pdbx_audit_revision_history.revision_date 
1 'Structure model' 1 0 1990-10-15 
2 'Structure model' 1 1 2008-03-03 
3 'Structure model' 1 2 2011-07-13 
4 'Structure model' 1 3 2012-02-29 
5 'Structure model' 1 4 2024-02-14 
# 
_pdbx_audit_revision_details.ordinal             1 
_pdbx_audit_revision_details.revision_ordinal    1 
_pdbx_audit_revision_details.data_content_type   'Structure model' 
_pdbx_audit_revision_details.provider            repository 
_pdbx_audit_revision_details.type                'Initial release' 
_pdbx_audit_revision_details.description         ? 
_pdbx_audit_revision_details.details             ? 
# 
loop_
_pdbx_audit_revision_group.ordinal 
_pdbx_audit_revision_group.revision_ordinal 
_pdbx_audit_revision_group.data_content_type 
_pdbx_audit_revision_group.group 
1 2 'Structure model' 'Version format compliance' 
2 3 'Structure model' 'Version format compliance' 
3 4 'Structure model' 'Database references'       
4 5 'Structure model' 'Data collection'           
5 5 'Structure model' 'Database references'       
6 5 'Structure model' Other                       
# 
loop_
_pdbx_audit_revision_category.ordinal 
_pdbx_audit_revision_category.revision_ordinal 
_pdbx_audit_revision_category.data_content_type 
_pdbx_audit_revision_category.category 
1 5 'Structure model' chem_comp_atom       
2 5 'Structure model' chem_comp_bond       
3 5 'Structure model' database_2           
4 5 'Structure model' pdbx_database_status 
5 5 'Structure model' struct_ref_seq_dif   
# 
loop_
_pdbx_audit_revision_item.ordinal 
_pdbx_audit_revision_item.revision_ordinal 
_pdbx_audit_revision_item.data_content_type 
_pdbx_audit_revision_item.item 
1 5 'Structure model' '_database_2.pdbx_DOI'                
2 5 'Structure model' '_database_2.pdbx_database_accession' 
3 5 'Structure model' '_pdbx_database_status.process_site'  
4 5 'Structure model' '_struct_ref_seq_dif.details'         
# 
_pdbx_database_status.status_code                     REL 
_pdbx_database_status.entry_id                        1TGL 
_pdbx_database_status.recvd_initial_deposition_date   1990-02-05 
_pdbx_database_status.deposit_site                    ? 
_pdbx_database_status.process_site                    BNL 
_pdbx_database_status.SG_entry                        . 
_pdbx_database_status.status_code_sf                  ? 
_pdbx_database_status.status_code_mr                  ? 
_pdbx_database_status.status_code_cs                  ? 
_pdbx_database_status.methods_development_category    ? 
_pdbx_database_status.pdb_format_compatible           Y 
_pdbx_database_status.status_code_nmr_data            ? 
# 
loop_
_audit_author.name 
_audit_author.pdbx_ordinal 
'Brady, L.'        1  
'Brzozowski, A.M.' 2  
'Derewenda, Z.S.'  3  
'Dodson, E.J.'     4  
'Dodson, G.G.'     5  
'Tolley, S.P.'     6  
'Turkenburg, J.P.' 7  
'Christiansen, L.' 8  
'Huge-Jensen, B.'  9  
'Norskov, L.'      10 
'Thim, L.'         11 
# 
loop_
_citation.id 
_citation.title 
_citation.journal_abbrev 
_citation.journal_volume 
_citation.page_first 
_citation.page_last 
_citation.year 
_citation.journal_id_ASTM 
_citation.country 
_citation.journal_id_ISSN 
_citation.journal_id_CSD 
_citation.book_publisher 
_citation.pdbx_database_id_PubMed 
_citation.pdbx_database_id_DOI 
primary 'A serine protease triad forms the catalytic centre of a triacylglycerol lipase.' Nature 343 767 770 1990 NATUAS UK 
0028-0836 0006 ? 2304552 10.1038/343767a0 
1       'Rhizomucor Miehei Triglyceride Lipase is Synthesized as a Precursor'             Lipids 23  701 ?   1988 LPDSAP US 
0024-4201 0820 ? ?       ?                
# 
loop_
_citation_author.citation_id 
_citation_author.name 
_citation_author.ordinal 
_citation_author.identifier_ORCID 
primary 'Brady, L.'        1  ? 
primary 'Brzozowski, A.M.' 2  ? 
primary 'Derewenda, Z.S.'  3  ? 
primary 'Dodson, E.'       4  ? 
primary 'Dodson, G.'       5  ? 
primary 'Tolley, S.'       6  ? 
primary 'Turkenburg, J.P.' 7  ? 
primary 'Christiansen, L.' 8  ? 
primary 'Huge-Jensen, B.'  9  ? 
primary 'Norskov, L.'      10 ? 
primary 'Thim, L.'         11 ? 
primary 'Menge, U.'        12 ? 
1       'Boel, E.'         13 ? 
1       'Huge-Jensen, B.'  14 ? 
1       'Christensen, M.'  15 ? 
1       'Thim, L.'         16 ? 
1       'Fiil, N.P.'       17 ? 
# 
_entity.id                         1 
_entity.type                       polymer 
_entity.src_method                 man 
_entity.pdbx_description           'TRIACYL-GLYCEROL ACYLHYDROLASE' 
_entity.formula_weight             29508.945 
_entity.pdbx_number_of_molecules   1 
_entity.pdbx_ec                    3.1.1.3 
_entity.pdbx_mutation              ? 
_entity.pdbx_fragment              ? 
_entity.details                    ? 
# 
_entity_poly.entity_id                      1 
_entity_poly.type                           'polypeptide(L)' 
_entity_poly.nstd_linkage                   no 
_entity_poly.nstd_monomer                   no 
_entity_poly.pdbx_seq_one_letter_code       
;SINGGIRAATSQEINELTYYTTLSANSYCRTVIPGATWDCIHCDATEDLKIIKTWSTLIYDTNAMVARGDSEKTIYIVFR
GSSSIRNWIADLTFVPVSYPPVSGTKVHKGFLDSYGEVQNELVATVLDQFKQYPSYKVAVTGHSLGGATALLCALDLYQR
EEGLSSSNLFLYTQGQPRVGNPAFANYVVSTGIPYRRTVNERDIVPHLPPAAFGFLHAGSEYWITDNSPETVQVCTSDLE
TSDCSNSIVPFTSVLDHLSYFGINTGLCS
;
_entity_poly.pdbx_seq_one_letter_code_can   
;SINGGIRAATSQEINELTYYTTLSANSYCRTVIPGATWDCIHCDATEDLKIIKTWSTLIYDTNAMVARGDSEKTIYIVFR
GSSSIRNWIADLTFVPVSYPPVSGTKVHKGFLDSYGEVQNELVATVLDQFKQYPSYKVAVTGHSLGGATALLCALDLYQR
EEGLSSSNLFLYTQGQPRVGNPAFANYVVSTGIPYRRTVNERDIVPHLPPAAFGFLHAGSEYWITDNSPETVQVCTSDLE
TSDCSNSIVPFTSVLDHLSYFGINTGLCS
;
_entity_poly.pdbx_strand_id                 A 
_entity_poly.pdbx_target_identifier         ? 
# 
loop_
_entity_poly_seq.entity_id 
_entity_poly_seq.num 
_entity_poly_seq.mon_id 
_entity_poly_seq.hetero 
1 1   SER n 
1 2   ILE n 
1 3   ASN n 
1 4   GLY n 
1 5   GLY n 
1 6   ILE n 
1 7   ARG n 
1 8   ALA n 
1 9   ALA n 
1 10  THR n 
1 11  SER n 
1 12  GLN n 
1 13  GLU n 
1 14  ILE n 
1 15  ASN n 
1 16  GLU n 
1 17  LEU n 
1 18  THR n 
1 19  TYR n 
1 20  TYR n 
1 21  THR n 
1 22  THR n 
1 23  LEU n 
1 24  SER n 
1 25  ALA n 
1 26  ASN n 
1 27  SER n 
1 28  TYR n 
1 29  CYS n 
1 30  ARG n 
1 31  THR n 
1 32  VAL n 
1 33  ILE n 
1 34  PRO n 
1 35  GLY n 
1 36  ALA n 
1 37  THR n 
1 38  TRP n 
1 39  ASP n 
1 40  CYS n 
1 41  ILE n 
1 42  HIS n 
1 43  CYS n 
1 44  ASP n 
1 45  ALA n 
1 46  THR n 
1 47  GLU n 
1 48  ASP n 
1 49  LEU n 
1 50  LYS n 
1 51  ILE n 
1 52  ILE n 
1 53  LYS n 
1 54  THR n 
1 55  TRP n 
1 56  SER n 
1 57  THR n 
1 58  LEU n 
1 59  ILE n 
1 60  TYR n 
1 61  ASP n 
1 62  THR n 
1 63  ASN n 
1 64  ALA n 
1 65  MET n 
1 66  VAL n 
1 67  ALA n 
1 68  ARG n 
1 69  GLY n 
1 70  ASP n 
1 71  SER n 
1 72  GLU n 
1 73  LYS n 
1 74  THR n 
1 75  ILE n 
1 76  TYR n 
1 77  ILE n 
1 78  VAL n 
1 79  PHE n 
1 80  ARG n 
1 81  GLY n 
1 82  SER n 
1 83  SER n 
1 84  SER n 
1 85  ILE n 
1 86  ARG n 
1 87  ASN n 
1 88  TRP n 
1 89  ILE n 
1 90  ALA n 
1 91  ASP n 
1 92  LEU n 
1 93  THR n 
1 94  PHE n 
1 95  VAL n 
1 96  PRO n 
1 97  VAL n 
1 98  SER n 
1 99  TYR n 
1 100 PRO n 
1 101 PRO n 
1 102 VAL n 
1 103 SER n 
1 104 GLY n 
1 105 THR n 
1 106 LYS n 
1 107 VAL n 
1 108 HIS n 
1 109 LYS n 
1 110 GLY n 
1 111 PHE n 
1 112 LEU n 
1 113 ASP n 
1 114 SER n 
1 115 TYR n 
1 116 GLY n 
1 117 GLU n 
1 118 VAL n 
1 119 GLN n 
1 120 ASN n 
1 121 GLU n 
1 122 LEU n 
1 123 VAL n 
1 124 ALA n 
1 125 THR n 
1 126 VAL n 
1 127 LEU n 
1 128 ASP n 
1 129 GLN n 
1 130 PHE n 
1 131 LYS n 
1 132 GLN n 
1 133 TYR n 
1 134 PRO n 
1 135 SER n 
1 136 TYR n 
1 137 LYS n 
1 138 VAL n 
1 139 ALA n 
1 140 VAL n 
1 141 THR n 
1 142 GLY n 
1 143 HIS n 
1 144 SER n 
1 145 LEU n 
1 146 GLY n 
1 147 GLY n 
1 148 ALA n 
1 149 THR n 
1 150 ALA n 
1 151 LEU n 
1 152 LEU n 
1 153 CYS n 
1 154 ALA n 
1 155 LEU n 
1 156 ASP n 
1 157 LEU n 
1 158 TYR n 
1 159 GLN n 
1 160 ARG n 
1 161 GLU n 
1 162 GLU n 
1 163 GLY n 
1 164 LEU n 
1 165 SER n 
1 166 SER n 
1 167 SER n 
1 168 ASN n 
1 169 LEU n 
1 170 PHE n 
1 171 LEU n 
1 172 TYR n 
1 173 THR n 
1 174 GLN n 
1 175 GLY n 
1 176 GLN n 
1 177 PRO n 
1 178 ARG n 
1 179 VAL n 
1 180 GLY n 
1 181 ASN n 
1 182 PRO n 
1 183 ALA n 
1 184 PHE n 
1 185 ALA n 
1 186 ASN n 
1 187 TYR n 
1 188 VAL n 
1 189 VAL n 
1 190 SER n 
1 191 THR n 
1 192 GLY n 
1 193 ILE n 
1 194 PRO n 
1 195 TYR n 
1 196 ARG n 
1 197 ARG n 
1 198 THR n 
1 199 VAL n 
1 200 ASN n 
1 201 GLU n 
1 202 ARG n 
1 203 ASP n 
1 204 ILE n 
1 205 VAL n 
1 206 PRO n 
1 207 HIS n 
1 208 LEU n 
1 209 PRO n 
1 210 PRO n 
1 211 ALA n 
1 212 ALA n 
1 213 PHE n 
1 214 GLY n 
1 215 PHE n 
1 216 LEU n 
1 217 HIS n 
1 218 ALA n 
1 219 GLY n 
1 220 SER n 
1 221 GLU n 
1 222 TYR n 
1 223 TRP n 
1 224 ILE n 
1 225 THR n 
1 226 ASP n 
1 227 ASN n 
1 228 SER n 
1 229 PRO n 
1 230 GLU n 
1 231 THR n 
1 232 VAL n 
1 233 GLN n 
1 234 VAL n 
1 235 CYS n 
1 236 THR n 
1 237 SER n 
1 238 ASP n 
1 239 LEU n 
1 240 GLU n 
1 241 THR n 
1 242 SER n 
1 243 ASP n 
1 244 CYS n 
1 245 SER n 
1 246 ASN n 
1 247 SER n 
1 248 ILE n 
1 249 VAL n 
1 250 PRO n 
1 251 PHE n 
1 252 THR n 
1 253 SER n 
1 254 VAL n 
1 255 LEU n 
1 256 ASP n 
1 257 HIS n 
1 258 LEU n 
1 259 SER n 
1 260 TYR n 
1 261 PHE n 
1 262 GLY n 
1 263 ILE n 
1 264 ASN n 
1 265 THR n 
1 266 GLY n 
1 267 LEU n 
1 268 CYS n 
1 269 SER n 
# 
_entity_src_gen.entity_id                          1 
_entity_src_gen.pdbx_src_id                        1 
_entity_src_gen.pdbx_alt_source_flag               sample 
_entity_src_gen.pdbx_seq_type                      ? 
_entity_src_gen.pdbx_beg_seq_num                   ? 
_entity_src_gen.pdbx_end_seq_num                   ? 
_entity_src_gen.gene_src_common_name               'Mucor miehei' 
_entity_src_gen.gene_src_genus                     Rhizomucor 
_entity_src_gen.pdbx_gene_src_gene                 ? 
_entity_src_gen.gene_src_species                   ? 
_entity_src_gen.gene_src_strain                    ? 
_entity_src_gen.gene_src_tissue                    ? 
_entity_src_gen.gene_src_tissue_fraction           ? 
_entity_src_gen.gene_src_details                   ? 
_entity_src_gen.pdbx_gene_src_fragment             ? 
_entity_src_gen.pdbx_gene_src_scientific_name      'Rhizomucor miehei' 
_entity_src_gen.pdbx_gene_src_ncbi_taxonomy_id     4839 
_entity_src_gen.pdbx_gene_src_variant              ? 
_entity_src_gen.pdbx_gene_src_cell_line            ? 
_entity_src_gen.pdbx_gene_src_atcc                 ? 
_entity_src_gen.pdbx_gene_src_organ                ? 
_entity_src_gen.pdbx_gene_src_organelle            ? 
_entity_src_gen.pdbx_gene_src_cell                 ? 
_entity_src_gen.pdbx_gene_src_cellular_location    ? 
_entity_src_gen.host_org_common_name               ? 
_entity_src_gen.pdbx_host_org_scientific_name      ? 
_entity_src_gen.pdbx_host_org_ncbi_taxonomy_id     ? 
_entity_src_gen.host_org_genus                     ? 
_entity_src_gen.pdbx_host_org_gene                 ? 
_entity_src_gen.pdbx_host_org_organ                ? 
_entity_src_gen.host_org_species                   ? 
_entity_src_gen.pdbx_host_org_tissue               ? 
_entity_src_gen.pdbx_host_org_tissue_fraction      ? 
_entity_src_gen.pdbx_host_org_strain               ? 
_entity_src_gen.pdbx_host_org_variant              ? 
_entity_src_gen.pdbx_host_org_cell_line            ? 
_entity_src_gen.pdbx_host_org_atcc                 ? 
_entity_src_gen.pdbx_host_org_culture_collection   ? 
_entity_src_gen.pdbx_host_org_cell                 ? 
_entity_src_gen.pdbx_host_org_organelle            ? 
_entity_src_gen.pdbx_host_org_cellular_location    ? 
_entity_src_gen.pdbx_host_org_vector_type          ? 
_entity_src_gen.pdbx_host_org_vector               ? 
_entity_src_gen.host_org_details                   ? 
_entity_src_gen.expression_system_id               ? 
_entity_src_gen.plasmid_name                       ? 
_entity_src_gen.plasmid_details                    ? 
_entity_src_gen.pdbx_description                   ? 
# 
loop_
_chem_comp.id 
_chem_comp.type 
_chem_comp.mon_nstd_flag 
_chem_comp.name 
_chem_comp.pdbx_synonyms 
_chem_comp.formula 
_chem_comp.formula_weight 
ALA 'L-peptide linking' y ALANINE         ? 'C3 H7 N O2'     89.093  
ARG 'L-peptide linking' y ARGININE        ? 'C6 H15 N4 O2 1' 175.209 
ASN 'L-peptide linking' y ASPARAGINE      ? 'C4 H8 N2 O3'    132.118 
ASP 'L-peptide linking' y 'ASPARTIC ACID' ? 'C4 H7 N O4'     133.103 
CYS 'L-peptide linking' y CYSTEINE        ? 'C3 H7 N O2 S'   121.158 
GLN 'L-peptide linking' y GLUTAMINE       ? 'C5 H10 N2 O3'   146.144 
GLU 'L-peptide linking' y 'GLUTAMIC ACID' ? 'C5 H9 N O4'     147.129 
GLY 'peptide linking'   y GLYCINE         ? 'C2 H5 N O2'     75.067  
HIS 'L-peptide linking' y HISTIDINE       ? 'C6 H10 N3 O2 1' 156.162 
ILE 'L-peptide linking' y ISOLEUCINE      ? 'C6 H13 N O2'    131.173 
LEU 'L-peptide linking' y LEUCINE         ? 'C6 H13 N O2'    131.173 
LYS 'L-peptide linking' y LYSINE          ? 'C6 H15 N2 O2 1' 147.195 
MET 'L-peptide linking' y METHIONINE      ? 'C5 H11 N O2 S'  149.211 
PHE 'L-peptide linking' y PHENYLALANINE   ? 'C9 H11 N O2'    165.189 
PRO 'L-peptide linking' y PROLINE         ? 'C5 H9 N O2'     115.130 
SER 'L-peptide linking' y SERINE          ? 'C3 H7 N O3'     105.093 
THR 'L-peptide linking' y THREONINE       ? 'C4 H9 N O3'     119.119 
TRP 'L-peptide linking' y TRYPTOPHAN      ? 'C11 H12 N2 O2'  204.225 
TYR 'L-peptide linking' y TYROSINE        ? 'C9 H11 N O3'    181.189 
VAL 'L-peptide linking' y VALINE          ? 'C5 H11 N O2'    117.146 
# 
loop_
_pdbx_poly_seq_scheme.asym_id 
_pdbx_poly_seq_scheme.entity_id 
_pdbx_poly_seq_scheme.seq_id 
_pdbx_poly_seq_scheme.mon_id 
_pdbx_poly_seq_scheme.ndb_seq_num 
_pdbx_poly_seq_scheme.pdb_seq_num 
_pdbx_poly_seq_scheme.auth_seq_num 
_pdbx_poly_seq_scheme.pdb_mon_id 
_pdbx_poly_seq_scheme.auth_mon_id 
_pdbx_poly_seq_scheme.pdb_strand_id 
_pdbx_poly_seq_scheme.pdb_ins_code 
_pdbx_poly_seq_scheme.hetero 
A 1 1   SER 1   1   ?   ?   ?   A . n 
A 1 2   ILE 2   2   ?   ?   ?   A . n 
A 1 3   ASN 3   3   ?   ?   ?   A . n 
A 1 4   GLY 4   4   ?   ?   ?   A . n 
A 1 5   GLY 5   5   5   GLY GLY A . n 
A 1 6   ILE 6   6   6   ILE ILE A . n 
A 1 7   ARG 7   7   7   ARG ARG A . n 
A 1 8   ALA 8   8   8   ALA ALA A . n 
A 1 9   ALA 9   9   9   ALA ALA A . n 
A 1 10  THR 10  10  10  THR THR A . n 
A 1 11  SER 11  11  11  SER SER A . n 
A 1 12  GLN 12  12  12  GLN GLN A . n 
A 1 13  GLU 13  13  13  GLU GLU A . n 
A 1 14  ILE 14  14  14  ILE ILE A . n 
A 1 15  ASN 15  15  15  ASN ASN A . n 
A 1 16  GLU 16  16  16  GLU GLU A . n 
A 1 17  LEU 17  17  17  LEU LEU A . n 
A 1 18  THR 18  18  18  THR THR A . n 
A 1 19  TYR 19  19  19  TYR TYR A . n 
A 1 20  TYR 20  20  20  TYR TYR A . n 
A 1 21  THR 21  21  21  THR THR A . n 
A 1 22  THR 22  22  22  THR THR A . n 
A 1 23  LEU 23  23  23  LEU LEU A . n 
A 1 24  SER 24  24  24  SER SER A . n 
A 1 25  ALA 25  25  25  ALA ALA A . n 
A 1 26  ASN 26  26  26  ASN ASN A . n 
A 1 27  SER 27  27  27  SER SER A . n 
A 1 28  TYR 28  28  28  TYR TYR A . n 
A 1 29  CYS 29  29  29  CYS CYS A . n 
A 1 30  ARG 30  30  30  ARG ARG A . n 
A 1 31  THR 31  31  31  THR THR A . n 
A 1 32  VAL 32  32  32  VAL VAL A . n 
A 1 33  ILE 33  33  33  ILE ILE A . n 
A 1 34  PRO 34  34  34  PRO PRO A . n 
A 1 35  GLY 35  35  35  GLY GLY A . n 
A 1 36  ALA 36  36  36  ALA ALA A . n 
A 1 37  THR 37  37  37  THR THR A . n 
A 1 38  TRP 38  38  38  TRP TRP A . n 
A 1 39  ASP 39  39  39  ASP ASP A . n 
A 1 40  CYS 40  40  40  CYS CYS A . n 
A 1 41  ILE 41  41  41  ILE ILE A . n 
A 1 42  HIS 42  42  42  HIS HIS A . n 
A 1 43  CYS 43  43  43  CYS CYS A . n 
A 1 44  ASP 44  44  44  ASP ASP A . n 
A 1 45  ALA 45  45  45  ALA ALA A . n 
A 1 46  THR 46  46  46  THR THR A . n 
A 1 47  GLU 47  47  47  GLU GLU A . n 
A 1 48  ASP 48  48  48  ASP ASP A . n 
A 1 49  LEU 49  49  49  LEU LEU A . n 
A 1 50  LYS 50  50  50  LYS LYS A . n 
A 1 51  ILE 51  51  51  ILE ILE A . n 
A 1 52  ILE 52  52  52  ILE ILE A . n 
A 1 53  LYS 53  53  53  LYS LYS A . n 
A 1 54  THR 54  54  54  THR THR A . n 
A 1 55  TRP 55  55  55  TRP TRP A . n 
A 1 56  SER 56  56  56  SER SER A . n 
A 1 57  THR 57  57  57  THR THR A . n 
A 1 58  LEU 58  58  58  LEU LEU A . n 
A 1 59  ILE 59  59  59  ILE ILE A . n 
A 1 60  TYR 60  60  60  TYR TYR A . n 
A 1 61  ASP 61  61  61  ASP ASP A . n 
A 1 62  THR 62  62  62  THR THR A . n 
A 1 63  ASN 63  63  63  ASN ASN A . n 
A 1 64  ALA 64  64  64  ALA ALA A . n 
A 1 65  MET 65  65  65  MET MET A . n 
A 1 66  VAL 66  66  66  VAL VAL A . n 
A 1 67  ALA 67  67  67  ALA ALA A . n 
A 1 68  ARG 68  68  68  ARG ARG A . n 
A 1 69  GLY 69  69  69  GLY GLY A . n 
A 1 70  ASP 70  70  70  ASP ASP A . n 
A 1 71  SER 71  71  71  SER SER A . n 
A 1 72  GLU 72  72  72  GLU GLU A . n 
A 1 73  LYS 73  73  73  LYS LYS A . n 
A 1 74  THR 74  74  74  THR THR A . n 
A 1 75  ILE 75  75  75  ILE ILE A . n 
A 1 76  TYR 76  76  76  TYR TYR A . n 
A 1 77  ILE 77  77  77  ILE ILE A . n 
A 1 78  VAL 78  78  78  VAL VAL A . n 
A 1 79  PHE 79  79  79  PHE PHE A . n 
A 1 80  ARG 80  80  80  ARG ARG A . n 
A 1 81  GLY 81  81  81  GLY GLY A . n 
A 1 82  SER 82  82  82  SER SER A . n 
A 1 83  SER 83  83  83  SER SER A . n 
A 1 84  SER 84  84  84  SER SER A . n 
A 1 85  ILE 85  85  85  ILE ILE A . n 
A 1 86  ARG 86  86  86  ARG ARG A . n 
A 1 87  ASN 87  87  87  ASN ASN A . n 
A 1 88  TRP 88  88  88  TRP TRP A . n 
A 1 89  ILE 89  89  89  ILE ILE A . n 
A 1 90  ALA 90  90  90  ALA ALA A . n 
A 1 91  ASP 91  91  91  ASP ASP A . n 
A 1 92  LEU 92  92  92  LEU LEU A . n 
A 1 93  THR 93  93  93  THR THR A . n 
A 1 94  PHE 94  94  94  PHE PHE A . n 
A 1 95  VAL 95  95  95  VAL VAL A . n 
A 1 96  PRO 96  96  96  PRO PRO A . n 
A 1 97  VAL 97  97  97  VAL VAL A . n 
A 1 98  SER 98  98  98  SER SER A . n 
A 1 99  TYR 99  99  99  TYR TYR A . n 
A 1 100 PRO 100 100 100 PRO PRO A . n 
A 1 101 PRO 101 101 101 PRO PRO A . n 
A 1 102 VAL 102 102 102 VAL VAL A . n 
A 1 103 SER 103 103 103 SER SER A . n 
A 1 104 GLY 104 104 104 GLY GLY A . n 
A 1 105 THR 105 105 105 THR THR A . n 
A 1 106 LYS 106 106 106 LYS LYS A . n 
A 1 107 VAL 107 107 107 VAL VAL A . n 
A 1 108 HIS 108 108 108 HIS HIS A . n 
A 1 109 LYS 109 109 109 LYS LYS A . n 
A 1 110 GLY 110 110 110 GLY GLY A . n 
A 1 111 PHE 111 111 111 PHE PHE A . n 
A 1 112 LEU 112 112 112 LEU LEU A . n 
A 1 113 ASP 113 113 113 ASP ASP A . n 
A 1 114 SER 114 114 114 SER SER A . n 
A 1 115 TYR 115 115 115 TYR TYR A . n 
A 1 116 GLY 116 116 116 GLY GLY A . n 
A 1 117 GLU 117 117 117 GLU GLU A . n 
A 1 118 VAL 118 118 118 VAL VAL A . n 
A 1 119 GLN 119 119 119 GLN GLN A . n 
A 1 120 ASN 120 120 120 ASN ASN A . n 
A 1 121 GLU 121 121 121 GLU GLU A . n 
A 1 122 LEU 122 122 122 LEU LEU A . n 
A 1 123 VAL 123 123 123 VAL VAL A . n 
A 1 124 ALA 124 124 124 ALA ALA A . n 
A 1 125 THR 125 125 125 THR THR A . n 
A 1 126 VAL 126 126 126 VAL VAL A . n 
A 1 127 LEU 127 127 127 LEU LEU A . n 
A 1 128 ASP 128 128 128 ASP ASP A . n 
A 1 129 GLN 129 129 129 GLN GLN A . n 
A 1 130 PHE 130 130 130 PHE PHE A . n 
A 1 131 LYS 131 131 131 LYS LYS A . n 
A 1 132 GLN 132 132 132 GLN GLN A . n 
A 1 133 TYR 133 133 133 TYR TYR A . n 
A 1 134 PRO 134 134 134 PRO PRO A . n 
A 1 135 SER 135 135 135 SER SER A . n 
A 1 136 TYR 136 136 136 TYR TYR A . n 
A 1 137 LYS 137 137 137 LYS LYS A . n 
A 1 138 VAL 138 138 138 VAL VAL A . n 
A 1 139 ALA 139 139 139 ALA ALA A . n 
A 1 140 VAL 140 140 140 VAL VAL A . n 
A 1 141 THR 141 141 141 THR THR A . n 
A 1 142 GLY 142 142 142 GLY GLY A . n 
A 1 143 HIS 143 143 143 HIS HIS A . n 
A 1 144 SER 144 144 144 SER SER A . n 
A 1 145 LEU 145 145 145 LEU LEU A . n 
A 1 146 GLY 146 146 146 GLY GLY A . n 
A 1 147 GLY 147 147 147 GLY GLY A . n 
A 1 148 ALA 148 148 148 ALA ALA A . n 
A 1 149 THR 149 149 149 THR THR A . n 
A 1 150 ALA 150 150 150 ALA ALA A . n 
A 1 151 LEU 151 151 151 LEU LEU A . n 
A 1 152 LEU 152 152 152 LEU LEU A . n 
A 1 153 CYS 153 153 153 CYS CYS A . n 
A 1 154 ALA 154 154 154 ALA ALA A . n 
A 1 155 LEU 155 155 155 LEU LEU A . n 
A 1 156 ASP 156 156 156 ASP ASP A . n 
A 1 157 LEU 157 157 157 LEU LEU A . n 
A 1 158 TYR 158 158 158 TYR TYR A . n 
A 1 159 GLN 159 159 159 GLN GLN A . n 
A 1 160 ARG 160 160 160 ARG ARG A . n 
A 1 161 GLU 161 161 161 GLU GLU A . n 
A 1 162 GLU 162 162 162 GLU GLU A . n 
A 1 163 GLY 163 163 163 GLY GLY A . n 
A 1 164 LEU 164 164 164 LEU LEU A . n 
A 1 165 SER 165 165 165 SER SER A . n 
A 1 166 SER 166 166 166 SER SER A . n 
A 1 167 SER 167 167 167 SER SER A . n 
A 1 168 ASN 168 168 168 ASN ASN A . n 
A 1 169 LEU 169 169 169 LEU LEU A . n 
A 1 170 PHE 170 170 170 PHE PHE A . n 
A 1 171 LEU 171 171 171 LEU LEU A . n 
A 1 172 TYR 172 172 172 TYR TYR A . n 
A 1 173 THR 173 173 173 THR THR A . n 
A 1 174 GLN 174 174 174 GLN GLN A . n 
A 1 175 GLY 175 175 175 GLY GLY A . n 
A 1 176 GLN 176 176 176 GLN GLN A . n 
A 1 177 PRO 177 177 177 PRO PRO A . n 
A 1 178 ARG 178 178 178 ARG ARG A . n 
A 1 179 VAL 179 179 179 VAL VAL A . n 
A 1 180 GLY 180 180 180 GLY GLY A . n 
A 1 181 ASN 181 181 181 ASN ASN A . n 
A 1 182 PRO 182 182 182 PRO PRO A . n 
A 1 183 ALA 183 183 183 ALA ALA A . n 
A 1 184 PHE 184 184 184 PHE PHE A . n 
A 1 185 ALA 185 185 185 ALA ALA A . n 
A 1 186 ASN 186 186 186 ASN ASN A . n 
A 1 187 TYR 187 187 187 TYR TYR A . n 
A 1 188 VAL 188 188 188 VAL VAL A . n 
A 1 189 VAL 189 189 189 VAL VAL A . n 
A 1 190 SER 190 190 190 SER SER A . n 
A 1 191 THR 191 191 191 THR THR A . n 
A 1 192 GLY 192 192 192 GLY GLY A . n 
A 1 193 ILE 193 193 193 ILE ILE A . n 
A 1 194 PRO 194 194 194 PRO PRO A . n 
A 1 195 TYR 195 195 195 TYR TYR A . n 
A 1 196 ARG 196 196 196 ARG ARG A . n 
A 1 197 ARG 197 197 197 ARG ARG A . n 
A 1 198 THR 198 198 198 THR THR A . n 
A 1 199 VAL 199 199 199 VAL VAL A . n 
A 1 200 ASN 200 200 200 ASN ASN A . n 
A 1 201 GLU 201 201 201 GLU GLU A . n 
A 1 202 ARG 202 202 202 ARG ARG A . n 
A 1 203 ASP 203 203 203 ASP ASP A . n 
A 1 204 ILE 204 204 204 ILE ILE A . n 
A 1 205 VAL 205 205 205 VAL VAL A . n 
A 1 206 PRO 206 206 206 PRO PRO A . n 
A 1 207 HIS 207 207 207 HIS HIS A . n 
A 1 208 LEU 208 208 208 LEU LEU A . n 
A 1 209 PRO 209 209 209 PRO PRO A . n 
A 1 210 PRO 210 210 210 PRO PRO A . n 
A 1 211 ALA 211 211 211 ALA ALA A . n 
A 1 212 ALA 212 212 212 ALA ALA A . n 
A 1 213 PHE 213 213 213 PHE PHE A . n 
A 1 214 GLY 214 214 214 GLY GLY A . n 
A 1 215 PHE 215 215 215 PHE PHE A . n 
A 1 216 LEU 216 216 216 LEU LEU A . n 
A 1 217 HIS 217 217 217 HIS HIS A . n 
A 1 218 ALA 218 218 218 ALA ALA A . n 
A 1 219 GLY 219 219 219 GLY GLY A . n 
A 1 220 SER 220 220 220 SER SER A . n 
A 1 221 GLU 221 221 221 GLU GLU A . n 
A 1 222 TYR 222 222 222 TYR TYR A . n 
A 1 223 TRP 223 223 223 TRP TRP A . n 
A 1 224 ILE 224 224 224 ILE ILE A . n 
A 1 225 THR 225 225 225 THR THR A . n 
A 1 226 ASP 226 226 226 ASP ASP A . n 
A 1 227 ASN 227 227 227 ASN ASN A . n 
A 1 228 SER 228 228 228 SER SER A . n 
A 1 229 PRO 229 229 229 PRO PRO A . n 
A 1 230 GLU 230 230 230 GLU GLU A . n 
A 1 231 THR 231 231 231 THR THR A . n 
A 1 232 VAL 232 232 232 VAL VAL A . n 
A 1 233 GLN 233 233 233 GLN GLN A . n 
A 1 234 VAL 234 234 234 VAL VAL A . n 
A 1 235 CYS 235 235 235 CYS CYS A . n 
A 1 236 THR 236 236 236 THR THR A . n 
A 1 237 SER 237 237 237 SER SER A . n 
A 1 238 ASP 238 238 238 ASP ASP A . n 
A 1 239 LEU 239 239 239 LEU LEU A . n 
A 1 240 GLU 240 240 240 GLU GLU A . n 
A 1 241 THR 241 241 241 THR THR A . n 
A 1 242 SER 242 242 242 SER SER A . n 
A 1 243 ASP 243 243 243 ASP ASP A . n 
A 1 244 CYS 244 244 244 CYS CYS A . n 
A 1 245 SER 245 245 245 SER SER A . n 
A 1 246 ASN 246 246 246 ASN ASN A . n 
A 1 247 SER 247 247 247 SER SER A . n 
A 1 248 ILE 248 248 248 ILE ILE A . n 
A 1 249 VAL 249 249 249 VAL VAL A . n 
A 1 250 PRO 250 250 250 PRO PRO A . n 
A 1 251 PHE 251 251 251 PHE PHE A . n 
A 1 252 THR 252 252 252 THR THR A . n 
A 1 253 SER 253 253 253 SER SER A . n 
A 1 254 VAL 254 254 254 VAL VAL A . n 
A 1 255 LEU 255 255 255 LEU LEU A . n 
A 1 256 ASP 256 256 256 ASP ASP A . n 
A 1 257 HIS 257 257 257 HIS HIS A . n 
A 1 258 LEU 258 258 258 LEU LEU A . n 
A 1 259 SER 259 259 259 SER SER A . n 
A 1 260 TYR 260 260 260 TYR TYR A . n 
A 1 261 PHE 261 261 261 PHE PHE A . n 
A 1 262 GLY 262 262 262 GLY GLY A . n 
A 1 263 ILE 263 263 263 ILE ILE A . n 
A 1 264 ASN 264 264 264 ASN ASN A . n 
A 1 265 THR 265 265 265 THR THR A . n 
A 1 266 GLY 266 266 266 GLY GLY A . n 
A 1 267 LEU 267 267 267 LEU LEU A . n 
A 1 268 CYS 268 268 268 CYS CYS A . n 
A 1 269 SER 269 269 269 SER SER A . n 
# 
loop_
_pdbx_unobs_or_zero_occ_atoms.id 
_pdbx_unobs_or_zero_occ_atoms.PDB_model_num 
_pdbx_unobs_or_zero_occ_atoms.polymer_flag 
_pdbx_unobs_or_zero_occ_atoms.occupancy_flag 
_pdbx_unobs_or_zero_occ_atoms.auth_asym_id 
_pdbx_unobs_or_zero_occ_atoms.auth_comp_id 
_pdbx_unobs_or_zero_occ_atoms.auth_seq_id 
_pdbx_unobs_or_zero_occ_atoms.PDB_ins_code 
_pdbx_unobs_or_zero_occ_atoms.auth_atom_id 
_pdbx_unobs_or_zero_occ_atoms.label_alt_id 
_pdbx_unobs_or_zero_occ_atoms.label_asym_id 
_pdbx_unobs_or_zero_occ_atoms.label_comp_id 
_pdbx_unobs_or_zero_occ_atoms.label_seq_id 
_pdbx_unobs_or_zero_occ_atoms.label_atom_id 
1    1 Y 1 A GLY 5   ? N   ? A GLY 5   N   
2    1 Y 1 A GLY 5   ? C   ? A GLY 5   C   
3    1 Y 1 A GLY 5   ? O   ? A GLY 5   O   
4    1 Y 1 A ILE 6   ? N   ? A ILE 6   N   
5    1 Y 1 A ILE 6   ? C   ? A ILE 6   C   
6    1 Y 1 A ILE 6   ? O   ? A ILE 6   O   
7    1 Y 1 A ILE 6   ? CB  ? A ILE 6   CB  
8    1 Y 1 A ILE 6   ? CG1 ? A ILE 6   CG1 
9    1 Y 1 A ILE 6   ? CG2 ? A ILE 6   CG2 
10   1 Y 1 A ILE 6   ? CD1 ? A ILE 6   CD1 
11   1 Y 1 A ARG 7   ? N   ? A ARG 7   N   
12   1 Y 1 A ARG 7   ? C   ? A ARG 7   C   
13   1 Y 1 A ARG 7   ? O   ? A ARG 7   O   
14   1 Y 1 A ARG 7   ? CB  ? A ARG 7   CB  
15   1 Y 1 A ARG 7   ? CG  ? A ARG 7   CG  
16   1 Y 1 A ARG 7   ? CD  ? A ARG 7   CD  
17   1 Y 1 A ARG 7   ? NE  ? A ARG 7   NE  
18   1 Y 1 A ARG 7   ? CZ  ? A ARG 7   CZ  
19   1 Y 1 A ARG 7   ? NH1 ? A ARG 7   NH1 
20   1 Y 1 A ARG 7   ? NH2 ? A ARG 7   NH2 
21   1 Y 1 A ALA 8   ? N   ? A ALA 8   N   
22   1 Y 1 A ALA 8   ? C   ? A ALA 8   C   
23   1 Y 1 A ALA 8   ? O   ? A ALA 8   O   
24   1 Y 1 A ALA 8   ? CB  ? A ALA 8   CB  
25   1 Y 1 A ALA 9   ? N   ? A ALA 9   N   
26   1 Y 1 A ALA 9   ? C   ? A ALA 9   C   
27   1 Y 1 A ALA 9   ? O   ? A ALA 9   O   
28   1 Y 1 A ALA 9   ? CB  ? A ALA 9   CB  
29   1 Y 1 A THR 10  ? N   ? A THR 10  N   
30   1 Y 1 A THR 10  ? C   ? A THR 10  C   
31   1 Y 1 A THR 10  ? O   ? A THR 10  O   
32   1 Y 1 A THR 10  ? CB  ? A THR 10  CB  
33   1 Y 1 A THR 10  ? OG1 ? A THR 10  OG1 
34   1 Y 1 A THR 10  ? CG2 ? A THR 10  CG2 
35   1 Y 1 A SER 11  ? N   ? A SER 11  N   
36   1 Y 1 A SER 11  ? C   ? A SER 11  C   
37   1 Y 1 A SER 11  ? O   ? A SER 11  O   
38   1 Y 1 A SER 11  ? CB  ? A SER 11  CB  
39   1 Y 1 A SER 11  ? OG  ? A SER 11  OG  
40   1 Y 1 A GLN 12  ? N   ? A GLN 12  N   
41   1 Y 1 A GLN 12  ? C   ? A GLN 12  C   
42   1 Y 1 A GLN 12  ? O   ? A GLN 12  O   
43   1 Y 1 A GLN 12  ? CB  ? A GLN 12  CB  
44   1 Y 1 A GLN 12  ? CG  ? A GLN 12  CG  
45   1 Y 1 A GLN 12  ? CD  ? A GLN 12  CD  
46   1 Y 1 A GLN 12  ? OE1 ? A GLN 12  OE1 
47   1 Y 1 A GLN 12  ? NE2 ? A GLN 12  NE2 
48   1 Y 1 A GLU 13  ? N   ? A GLU 13  N   
49   1 Y 1 A GLU 13  ? C   ? A GLU 13  C   
50   1 Y 1 A GLU 13  ? O   ? A GLU 13  O   
51   1 Y 1 A GLU 13  ? CB  ? A GLU 13  CB  
52   1 Y 1 A GLU 13  ? CG  ? A GLU 13  CG  
53   1 Y 1 A GLU 13  ? CD  ? A GLU 13  CD  
54   1 Y 1 A GLU 13  ? OE1 ? A GLU 13  OE1 
55   1 Y 1 A GLU 13  ? OE2 ? A GLU 13  OE2 
56   1 Y 1 A ILE 14  ? N   ? A ILE 14  N   
57   1 Y 1 A ILE 14  ? C   ? A ILE 14  C   
58   1 Y 1 A ILE 14  ? O   ? A ILE 14  O   
59   1 Y 1 A ILE 14  ? CB  ? A ILE 14  CB  
60   1 Y 1 A ILE 14  ? CG1 ? A ILE 14  CG1 
61   1 Y 1 A ILE 14  ? CG2 ? A ILE 14  CG2 
62   1 Y 1 A ILE 14  ? CD1 ? A ILE 14  CD1 
63   1 Y 1 A ASN 15  ? N   ? A ASN 15  N   
64   1 Y 1 A ASN 15  ? C   ? A ASN 15  C   
65   1 Y 1 A ASN 15  ? O   ? A ASN 15  O   
66   1 Y 1 A ASN 15  ? CB  ? A ASN 15  CB  
67   1 Y 1 A ASN 15  ? CG  ? A ASN 15  CG  
68   1 Y 1 A ASN 15  ? OD1 ? A ASN 15  OD1 
69   1 Y 1 A ASN 15  ? ND2 ? A ASN 15  ND2 
70   1 Y 1 A GLU 16  ? N   ? A GLU 16  N   
71   1 Y 1 A GLU 16  ? C   ? A GLU 16  C   
72   1 Y 1 A GLU 16  ? O   ? A GLU 16  O   
73   1 Y 1 A GLU 16  ? CB  ? A GLU 16  CB  
74   1 Y 1 A GLU 16  ? CG  ? A GLU 16  CG  
75   1 Y 1 A GLU 16  ? CD  ? A GLU 16  CD  
76   1 Y 1 A GLU 16  ? OE1 ? A GLU 16  OE1 
77   1 Y 1 A GLU 16  ? OE2 ? A GLU 16  OE2 
78   1 Y 1 A LEU 17  ? N   ? A LEU 17  N   
79   1 Y 1 A LEU 17  ? C   ? A LEU 17  C   
80   1 Y 1 A LEU 17  ? O   ? A LEU 17  O   
81   1 Y 1 A LEU 17  ? CB  ? A LEU 17  CB  
82   1 Y 1 A LEU 17  ? CG  ? A LEU 17  CG  
83   1 Y 1 A LEU 17  ? CD1 ? A LEU 17  CD1 
84   1 Y 1 A LEU 17  ? CD2 ? A LEU 17  CD2 
85   1 Y 1 A THR 18  ? N   ? A THR 18  N   
86   1 Y 1 A THR 18  ? C   ? A THR 18  C   
87   1 Y 1 A THR 18  ? O   ? A THR 18  O   
88   1 Y 1 A THR 18  ? CB  ? A THR 18  CB  
89   1 Y 1 A THR 18  ? OG1 ? A THR 18  OG1 
90   1 Y 1 A THR 18  ? CG2 ? A THR 18  CG2 
91   1 Y 1 A TYR 19  ? N   ? A TYR 19  N   
92   1 Y 1 A TYR 19  ? C   ? A TYR 19  C   
93   1 Y 1 A TYR 19  ? O   ? A TYR 19  O   
94   1 Y 1 A TYR 19  ? CB  ? A TYR 19  CB  
95   1 Y 1 A TYR 19  ? CG  ? A TYR 19  CG  
96   1 Y 1 A TYR 19  ? CD1 ? A TYR 19  CD1 
97   1 Y 1 A TYR 19  ? CD2 ? A TYR 19  CD2 
98   1 Y 1 A TYR 19  ? CE1 ? A TYR 19  CE1 
99   1 Y 1 A TYR 19  ? CE2 ? A TYR 19  CE2 
100  1 Y 1 A TYR 19  ? CZ  ? A TYR 19  CZ  
101  1 Y 1 A TYR 19  ? OH  ? A TYR 19  OH  
102  1 Y 1 A TYR 20  ? N   ? A TYR 20  N   
103  1 Y 1 A TYR 20  ? C   ? A TYR 20  C   
104  1 Y 1 A TYR 20  ? O   ? A TYR 20  O   
105  1 Y 1 A TYR 20  ? CB  ? A TYR 20  CB  
106  1 Y 1 A TYR 20  ? CG  ? A TYR 20  CG  
107  1 Y 1 A TYR 20  ? CD1 ? A TYR 20  CD1 
108  1 Y 1 A TYR 20  ? CD2 ? A TYR 20  CD2 
109  1 Y 1 A TYR 20  ? CE1 ? A TYR 20  CE1 
110  1 Y 1 A TYR 20  ? CE2 ? A TYR 20  CE2 
111  1 Y 1 A TYR 20  ? CZ  ? A TYR 20  CZ  
112  1 Y 1 A TYR 20  ? OH  ? A TYR 20  OH  
113  1 Y 1 A THR 21  ? N   ? A THR 21  N   
114  1 Y 1 A THR 21  ? C   ? A THR 21  C   
115  1 Y 1 A THR 21  ? O   ? A THR 21  O   
116  1 Y 1 A THR 21  ? CB  ? A THR 21  CB  
117  1 Y 1 A THR 21  ? OG1 ? A THR 21  OG1 
118  1 Y 1 A THR 21  ? CG2 ? A THR 21  CG2 
119  1 Y 1 A THR 22  ? N   ? A THR 22  N   
120  1 Y 1 A THR 22  ? C   ? A THR 22  C   
121  1 Y 1 A THR 22  ? O   ? A THR 22  O   
122  1 Y 1 A THR 22  ? CB  ? A THR 22  CB  
123  1 Y 1 A THR 22  ? OG1 ? A THR 22  OG1 
124  1 Y 1 A THR 22  ? CG2 ? A THR 22  CG2 
125  1 Y 1 A LEU 23  ? N   ? A LEU 23  N   
126  1 Y 1 A LEU 23  ? C   ? A LEU 23  C   
127  1 Y 1 A LEU 23  ? O   ? A LEU 23  O   
128  1 Y 1 A LEU 23  ? CB  ? A LEU 23  CB  
129  1 Y 1 A LEU 23  ? CG  ? A LEU 23  CG  
130  1 Y 1 A LEU 23  ? CD1 ? A LEU 23  CD1 
131  1 Y 1 A LEU 23  ? CD2 ? A LEU 23  CD2 
132  1 Y 1 A SER 24  ? N   ? A SER 24  N   
133  1 Y 1 A SER 24  ? C   ? A SER 24  C   
134  1 Y 1 A SER 24  ? O   ? A SER 24  O   
135  1 Y 1 A SER 24  ? CB  ? A SER 24  CB  
136  1 Y 1 A SER 24  ? OG  ? A SER 24  OG  
137  1 Y 1 A ALA 25  ? N   ? A ALA 25  N   
138  1 Y 1 A ALA 25  ? C   ? A ALA 25  C   
139  1 Y 1 A ALA 25  ? O   ? A ALA 25  O   
140  1 Y 1 A ALA 25  ? CB  ? A ALA 25  CB  
141  1 Y 1 A ASN 26  ? N   ? A ASN 26  N   
142  1 Y 1 A ASN 26  ? C   ? A ASN 26  C   
143  1 Y 1 A ASN 26  ? O   ? A ASN 26  O   
144  1 Y 1 A ASN 26  ? CB  ? A ASN 26  CB  
145  1 Y 1 A ASN 26  ? CG  ? A ASN 26  CG  
146  1 Y 1 A ASN 26  ? OD1 ? A ASN 26  OD1 
147  1 Y 1 A ASN 26  ? ND2 ? A ASN 26  ND2 
148  1 Y 1 A SER 27  ? N   ? A SER 27  N   
149  1 Y 1 A SER 27  ? C   ? A SER 27  C   
150  1 Y 1 A SER 27  ? O   ? A SER 27  O   
151  1 Y 1 A SER 27  ? CB  ? A SER 27  CB  
152  1 Y 1 A SER 27  ? OG  ? A SER 27  OG  
153  1 Y 1 A TYR 28  ? N   ? A TYR 28  N   
154  1 Y 1 A TYR 28  ? C   ? A TYR 28  C   
155  1 Y 1 A TYR 28  ? O   ? A TYR 28  O   
156  1 Y 1 A TYR 28  ? CB  ? A TYR 28  CB  
157  1 Y 1 A TYR 28  ? CG  ? A TYR 28  CG  
158  1 Y 1 A TYR 28  ? CD1 ? A TYR 28  CD1 
159  1 Y 1 A TYR 28  ? CD2 ? A TYR 28  CD2 
160  1 Y 1 A TYR 28  ? CE1 ? A TYR 28  CE1 
161  1 Y 1 A TYR 28  ? CE2 ? A TYR 28  CE2 
162  1 Y 1 A TYR 28  ? CZ  ? A TYR 28  CZ  
163  1 Y 1 A TYR 28  ? OH  ? A TYR 28  OH  
164  1 Y 1 A CYS 29  ? N   ? A CYS 29  N   
165  1 Y 1 A CYS 29  ? C   ? A CYS 29  C   
166  1 Y 1 A CYS 29  ? O   ? A CYS 29  O   
167  1 Y 1 A CYS 29  ? CB  ? A CYS 29  CB  
168  1 Y 1 A CYS 29  ? SG  ? A CYS 29  SG  
169  1 Y 1 A ARG 30  ? N   ? A ARG 30  N   
170  1 Y 1 A ARG 30  ? C   ? A ARG 30  C   
171  1 Y 1 A ARG 30  ? O   ? A ARG 30  O   
172  1 Y 1 A ARG 30  ? CB  ? A ARG 30  CB  
173  1 Y 1 A ARG 30  ? CG  ? A ARG 30  CG  
174  1 Y 1 A ARG 30  ? CD  ? A ARG 30  CD  
175  1 Y 1 A ARG 30  ? NE  ? A ARG 30  NE  
176  1 Y 1 A ARG 30  ? CZ  ? A ARG 30  CZ  
177  1 Y 1 A ARG 30  ? NH1 ? A ARG 30  NH1 
178  1 Y 1 A ARG 30  ? NH2 ? A ARG 30  NH2 
179  1 Y 1 A THR 31  ? N   ? A THR 31  N   
180  1 Y 1 A THR 31  ? C   ? A THR 31  C   
181  1 Y 1 A THR 31  ? O   ? A THR 31  O   
182  1 Y 1 A THR 31  ? CB  ? A THR 31  CB  
183  1 Y 1 A THR 31  ? OG1 ? A THR 31  OG1 
184  1 Y 1 A THR 31  ? CG2 ? A THR 31  CG2 
185  1 Y 1 A VAL 32  ? N   ? A VAL 32  N   
186  1 Y 1 A VAL 32  ? C   ? A VAL 32  C   
187  1 Y 1 A VAL 32  ? O   ? A VAL 32  O   
188  1 Y 1 A VAL 32  ? CB  ? A VAL 32  CB  
189  1 Y 1 A VAL 32  ? CG1 ? A VAL 32  CG1 
190  1 Y 1 A VAL 32  ? CG2 ? A VAL 32  CG2 
191  1 Y 1 A ILE 33  ? N   ? A ILE 33  N   
192  1 Y 1 A ILE 33  ? C   ? A ILE 33  C   
193  1 Y 1 A ILE 33  ? O   ? A ILE 33  O   
194  1 Y 1 A ILE 33  ? CB  ? A ILE 33  CB  
195  1 Y 1 A ILE 33  ? CG1 ? A ILE 33  CG1 
196  1 Y 1 A ILE 33  ? CG2 ? A ILE 33  CG2 
197  1 Y 1 A ILE 33  ? CD1 ? A ILE 33  CD1 
198  1 Y 1 A PRO 34  ? N   ? A PRO 34  N   
199  1 Y 1 A PRO 34  ? C   ? A PRO 34  C   
200  1 Y 1 A PRO 34  ? O   ? A PRO 34  O   
201  1 Y 1 A PRO 34  ? CB  ? A PRO 34  CB  
202  1 Y 1 A PRO 34  ? CG  ? A PRO 34  CG  
203  1 Y 1 A PRO 34  ? CD  ? A PRO 34  CD  
204  1 Y 1 A GLY 35  ? N   ? A GLY 35  N   
205  1 Y 1 A GLY 35  ? C   ? A GLY 35  C   
206  1 Y 1 A GLY 35  ? O   ? A GLY 35  O   
207  1 Y 1 A ALA 36  ? N   ? A ALA 36  N   
208  1 Y 1 A ALA 36  ? C   ? A ALA 36  C   
209  1 Y 1 A ALA 36  ? O   ? A ALA 36  O   
210  1 Y 1 A ALA 36  ? CB  ? A ALA 36  CB  
211  1 Y 1 A THR 37  ? N   ? A THR 37  N   
212  1 Y 1 A THR 37  ? C   ? A THR 37  C   
213  1 Y 1 A THR 37  ? O   ? A THR 37  O   
214  1 Y 1 A THR 37  ? CB  ? A THR 37  CB  
215  1 Y 1 A THR 37  ? OG1 ? A THR 37  OG1 
216  1 Y 1 A THR 37  ? CG2 ? A THR 37  CG2 
217  1 Y 1 A TRP 38  ? N   ? A TRP 38  N   
218  1 Y 1 A TRP 38  ? C   ? A TRP 38  C   
219  1 Y 1 A TRP 38  ? O   ? A TRP 38  O   
220  1 Y 1 A TRP 38  ? CB  ? A TRP 38  CB  
221  1 Y 1 A TRP 38  ? CG  ? A TRP 38  CG  
222  1 Y 1 A TRP 38  ? CD1 ? A TRP 38  CD1 
223  1 Y 1 A TRP 38  ? CD2 ? A TRP 38  CD2 
224  1 Y 1 A TRP 38  ? NE1 ? A TRP 38  NE1 
225  1 Y 1 A TRP 38  ? CE2 ? A TRP 38  CE2 
226  1 Y 1 A TRP 38  ? CE3 ? A TRP 38  CE3 
227  1 Y 1 A TRP 38  ? CZ2 ? A TRP 38  CZ2 
228  1 Y 1 A TRP 38  ? CZ3 ? A TRP 38  CZ3 
229  1 Y 1 A TRP 38  ? CH2 ? A TRP 38  CH2 
230  1 Y 1 A ASP 39  ? N   ? A ASP 39  N   
231  1 Y 1 A ASP 39  ? C   ? A ASP 39  C   
232  1 Y 1 A ASP 39  ? O   ? A ASP 39  O   
233  1 Y 1 A ASP 39  ? CB  ? A ASP 39  CB  
234  1 Y 1 A ASP 39  ? CG  ? A ASP 39  CG  
235  1 Y 1 A ASP 39  ? OD1 ? A ASP 39  OD1 
236  1 Y 1 A ASP 39  ? OD2 ? A ASP 39  OD2 
237  1 Y 1 A CYS 40  ? N   ? A CYS 40  N   
238  1 Y 1 A CYS 40  ? C   ? A CYS 40  C   
239  1 Y 1 A CYS 40  ? O   ? A CYS 40  O   
240  1 Y 1 A CYS 40  ? CB  ? A CYS 40  CB  
241  1 Y 1 A CYS 40  ? SG  ? A CYS 40  SG  
242  1 Y 1 A ILE 41  ? N   ? A ILE 41  N   
243  1 Y 1 A ILE 41  ? C   ? A ILE 41  C   
244  1 Y 1 A ILE 41  ? O   ? A ILE 41  O   
245  1 Y 1 A ILE 41  ? CB  ? A ILE 41  CB  
246  1 Y 1 A ILE 41  ? CG1 ? A ILE 41  CG1 
247  1 Y 1 A ILE 41  ? CG2 ? A ILE 41  CG2 
248  1 Y 1 A ILE 41  ? CD1 ? A ILE 41  CD1 
249  1 Y 1 A HIS 42  ? N   ? A HIS 42  N   
250  1 Y 1 A HIS 42  ? C   ? A HIS 42  C   
251  1 Y 1 A HIS 42  ? O   ? A HIS 42  O   
252  1 Y 1 A HIS 42  ? CB  ? A HIS 42  CB  
253  1 Y 1 A HIS 42  ? CG  ? A HIS 42  CG  
254  1 Y 1 A HIS 42  ? ND1 ? A HIS 42  ND1 
255  1 Y 1 A HIS 42  ? CD2 ? A HIS 42  CD2 
256  1 Y 1 A HIS 42  ? CE1 ? A HIS 42  CE1 
257  1 Y 1 A HIS 42  ? NE2 ? A HIS 42  NE2 
258  1 Y 1 A CYS 43  ? N   ? A CYS 43  N   
259  1 Y 1 A CYS 43  ? C   ? A CYS 43  C   
260  1 Y 1 A CYS 43  ? O   ? A CYS 43  O   
261  1 Y 1 A CYS 43  ? CB  ? A CYS 43  CB  
262  1 Y 1 A CYS 43  ? SG  ? A CYS 43  SG  
263  1 Y 1 A ASP 44  ? N   ? A ASP 44  N   
264  1 Y 1 A ASP 44  ? C   ? A ASP 44  C   
265  1 Y 1 A ASP 44  ? O   ? A ASP 44  O   
266  1 Y 1 A ASP 44  ? CB  ? A ASP 44  CB  
267  1 Y 1 A ASP 44  ? CG  ? A ASP 44  CG  
268  1 Y 1 A ASP 44  ? OD1 ? A ASP 44  OD1 
269  1 Y 1 A ASP 44  ? OD2 ? A ASP 44  OD2 
270  1 Y 1 A ALA 45  ? N   ? A ALA 45  N   
271  1 Y 1 A ALA 45  ? C   ? A ALA 45  C   
272  1 Y 1 A ALA 45  ? O   ? A ALA 45  O   
273  1 Y 1 A ALA 45  ? CB  ? A ALA 45  CB  
274  1 Y 1 A THR 46  ? N   ? A THR 46  N   
275  1 Y 1 A THR 46  ? C   ? A THR 46  C   
276  1 Y 1 A THR 46  ? O   ? A THR 46  O   
277  1 Y 1 A THR 46  ? CB  ? A THR 46  CB  
278  1 Y 1 A THR 46  ? OG1 ? A THR 46  OG1 
279  1 Y 1 A THR 46  ? CG2 ? A THR 46  CG2 
280  1 Y 1 A GLU 47  ? N   ? A GLU 47  N   
281  1 Y 1 A GLU 47  ? C   ? A GLU 47  C   
282  1 Y 1 A GLU 47  ? O   ? A GLU 47  O   
283  1 Y 1 A GLU 47  ? CB  ? A GLU 47  CB  
284  1 Y 1 A GLU 47  ? CG  ? A GLU 47  CG  
285  1 Y 1 A GLU 47  ? CD  ? A GLU 47  CD  
286  1 Y 1 A GLU 47  ? OE1 ? A GLU 47  OE1 
287  1 Y 1 A GLU 47  ? OE2 ? A GLU 47  OE2 
288  1 Y 1 A ASP 48  ? N   ? A ASP 48  N   
289  1 Y 1 A ASP 48  ? C   ? A ASP 48  C   
290  1 Y 1 A ASP 48  ? O   ? A ASP 48  O   
291  1 Y 1 A ASP 48  ? CB  ? A ASP 48  CB  
292  1 Y 1 A ASP 48  ? CG  ? A ASP 48  CG  
293  1 Y 1 A ASP 48  ? OD1 ? A ASP 48  OD1 
294  1 Y 1 A ASP 48  ? OD2 ? A ASP 48  OD2 
295  1 Y 1 A LEU 49  ? N   ? A LEU 49  N   
296  1 Y 1 A LEU 49  ? C   ? A LEU 49  C   
297  1 Y 1 A LEU 49  ? O   ? A LEU 49  O   
298  1 Y 1 A LEU 49  ? CB  ? A LEU 49  CB  
299  1 Y 1 A LEU 49  ? CG  ? A LEU 49  CG  
300  1 Y 1 A LEU 49  ? CD1 ? A LEU 49  CD1 
301  1 Y 1 A LEU 49  ? CD2 ? A LEU 49  CD2 
302  1 Y 1 A LYS 50  ? N   ? A LYS 50  N   
303  1 Y 1 A LYS 50  ? C   ? A LYS 50  C   
304  1 Y 1 A LYS 50  ? O   ? A LYS 50  O   
305  1 Y 1 A LYS 50  ? CB  ? A LYS 50  CB  
306  1 Y 1 A LYS 50  ? CG  ? A LYS 50  CG  
307  1 Y 1 A LYS 50  ? CD  ? A LYS 50  CD  
308  1 Y 1 A LYS 50  ? CE  ? A LYS 50  CE  
309  1 Y 1 A LYS 50  ? NZ  ? A LYS 50  NZ  
310  1 Y 1 A ILE 51  ? N   ? A ILE 51  N   
311  1 Y 1 A ILE 51  ? C   ? A ILE 51  C   
312  1 Y 1 A ILE 51  ? O   ? A ILE 51  O   
313  1 Y 1 A ILE 51  ? CB  ? A ILE 51  CB  
314  1 Y 1 A ILE 51  ? CG1 ? A ILE 51  CG1 
315  1 Y 1 A ILE 51  ? CG2 ? A ILE 51  CG2 
316  1 Y 1 A ILE 51  ? CD1 ? A ILE 51  CD1 
317  1 Y 1 A ILE 52  ? N   ? A ILE 52  N   
318  1 Y 1 A ILE 52  ? C   ? A ILE 52  C   
319  1 Y 1 A ILE 52  ? O   ? A ILE 52  O   
320  1 Y 1 A ILE 52  ? CB  ? A ILE 52  CB  
321  1 Y 1 A ILE 52  ? CG1 ? A ILE 52  CG1 
322  1 Y 1 A ILE 52  ? CG2 ? A ILE 52  CG2 
323  1 Y 1 A ILE 52  ? CD1 ? A ILE 52  CD1 
324  1 Y 1 A LYS 53  ? N   ? A LYS 53  N   
325  1 Y 1 A LYS 53  ? C   ? A LYS 53  C   
326  1 Y 1 A LYS 53  ? O   ? A LYS 53  O   
327  1 Y 1 A LYS 53  ? CB  ? A LYS 53  CB  
328  1 Y 1 A LYS 53  ? CG  ? A LYS 53  CG  
329  1 Y 1 A LYS 53  ? CD  ? A LYS 53  CD  
330  1 Y 1 A LYS 53  ? CE  ? A LYS 53  CE  
331  1 Y 1 A LYS 53  ? NZ  ? A LYS 53  NZ  
332  1 Y 1 A THR 54  ? N   ? A THR 54  N   
333  1 Y 1 A THR 54  ? C   ? A THR 54  C   
334  1 Y 1 A THR 54  ? O   ? A THR 54  O   
335  1 Y 1 A THR 54  ? CB  ? A THR 54  CB  
336  1 Y 1 A THR 54  ? OG1 ? A THR 54  OG1 
337  1 Y 1 A THR 54  ? CG2 ? A THR 54  CG2 
338  1 Y 1 A TRP 55  ? N   ? A TRP 55  N   
339  1 Y 1 A TRP 55  ? C   ? A TRP 55  C   
340  1 Y 1 A TRP 55  ? O   ? A TRP 55  O   
341  1 Y 1 A TRP 55  ? CB  ? A TRP 55  CB  
342  1 Y 1 A TRP 55  ? CG  ? A TRP 55  CG  
343  1 Y 1 A TRP 55  ? CD1 ? A TRP 55  CD1 
344  1 Y 1 A TRP 55  ? CD2 ? A TRP 55  CD2 
345  1 Y 1 A TRP 55  ? NE1 ? A TRP 55  NE1 
346  1 Y 1 A TRP 55  ? CE2 ? A TRP 55  CE2 
347  1 Y 1 A TRP 55  ? CE3 ? A TRP 55  CE3 
348  1 Y 1 A TRP 55  ? CZ2 ? A TRP 55  CZ2 
349  1 Y 1 A TRP 55  ? CZ3 ? A TRP 55  CZ3 
350  1 Y 1 A TRP 55  ? CH2 ? A TRP 55  CH2 
351  1 Y 1 A SER 56  ? N   ? A SER 56  N   
352  1 Y 1 A SER 56  ? C   ? A SER 56  C   
353  1 Y 1 A SER 56  ? O   ? A SER 56  O   
354  1 Y 1 A SER 56  ? CB  ? A SER 56  CB  
355  1 Y 1 A SER 56  ? OG  ? A SER 56  OG  
356  1 Y 1 A THR 57  ? N   ? A THR 57  N   
357  1 Y 1 A THR 57  ? C   ? A THR 57  C   
358  1 Y 1 A THR 57  ? O   ? A THR 57  O   
359  1 Y 1 A THR 57  ? CB  ? A THR 57  CB  
360  1 Y 1 A THR 57  ? OG1 ? A THR 57  OG1 
361  1 Y 1 A THR 57  ? CG2 ? A THR 57  CG2 
362  1 Y 1 A LEU 58  ? N   ? A LEU 58  N   
363  1 Y 1 A LEU 58  ? C   ? A LEU 58  C   
364  1 Y 1 A LEU 58  ? O   ? A LEU 58  O   
365  1 Y 1 A LEU 58  ? CB  ? A LEU 58  CB  
366  1 Y 1 A LEU 58  ? CG  ? A LEU 58  CG  
367  1 Y 1 A LEU 58  ? CD1 ? A LEU 58  CD1 
368  1 Y 1 A LEU 58  ? CD2 ? A LEU 58  CD2 
369  1 Y 1 A ILE 59  ? N   ? A ILE 59  N   
370  1 Y 1 A ILE 59  ? C   ? A ILE 59  C   
371  1 Y 1 A ILE 59  ? O   ? A ILE 59  O   
372  1 Y 1 A ILE 59  ? CB  ? A ILE 59  CB  
373  1 Y 1 A ILE 59  ? CG1 ? A ILE 59  CG1 
374  1 Y 1 A ILE 59  ? CG2 ? A ILE 59  CG2 
375  1 Y 1 A ILE 59  ? CD1 ? A ILE 59  CD1 
376  1 Y 1 A TYR 60  ? N   ? A TYR 60  N   
377  1 Y 1 A TYR 60  ? C   ? A TYR 60  C   
378  1 Y 1 A TYR 60  ? O   ? A TYR 60  O   
379  1 Y 1 A TYR 60  ? CB  ? A TYR 60  CB  
380  1 Y 1 A TYR 60  ? CG  ? A TYR 60  CG  
381  1 Y 1 A TYR 60  ? CD1 ? A TYR 60  CD1 
382  1 Y 1 A TYR 60  ? CD2 ? A TYR 60  CD2 
383  1 Y 1 A TYR 60  ? CE1 ? A TYR 60  CE1 
384  1 Y 1 A TYR 60  ? CE2 ? A TYR 60  CE2 
385  1 Y 1 A TYR 60  ? CZ  ? A TYR 60  CZ  
386  1 Y 1 A TYR 60  ? OH  ? A TYR 60  OH  
387  1 Y 1 A ASP 61  ? N   ? A ASP 61  N   
388  1 Y 1 A ASP 61  ? C   ? A ASP 61  C   
389  1 Y 1 A ASP 61  ? O   ? A ASP 61  O   
390  1 Y 1 A ASP 61  ? CB  ? A ASP 61  CB  
391  1 Y 1 A ASP 61  ? CG  ? A ASP 61  CG  
392  1 Y 1 A ASP 61  ? OD1 ? A ASP 61  OD1 
393  1 Y 1 A ASP 61  ? OD2 ? A ASP 61  OD2 
394  1 Y 1 A THR 62  ? N   ? A THR 62  N   
395  1 Y 1 A THR 62  ? C   ? A THR 62  C   
396  1 Y 1 A THR 62  ? O   ? A THR 62  O   
397  1 Y 1 A THR 62  ? CB  ? A THR 62  CB  
398  1 Y 1 A THR 62  ? OG1 ? A THR 62  OG1 
399  1 Y 1 A THR 62  ? CG2 ? A THR 62  CG2 
400  1 Y 1 A ASN 63  ? N   ? A ASN 63  N   
401  1 Y 1 A ASN 63  ? C   ? A ASN 63  C   
402  1 Y 1 A ASN 63  ? O   ? A ASN 63  O   
403  1 Y 1 A ASN 63  ? CB  ? A ASN 63  CB  
404  1 Y 1 A ASN 63  ? CG  ? A ASN 63  CG  
405  1 Y 1 A ASN 63  ? OD1 ? A ASN 63  OD1 
406  1 Y 1 A ASN 63  ? ND2 ? A ASN 63  ND2 
407  1 Y 1 A ALA 64  ? N   ? A ALA 64  N   
408  1 Y 1 A ALA 64  ? C   ? A ALA 64  C   
409  1 Y 1 A ALA 64  ? O   ? A ALA 64  O   
410  1 Y 1 A ALA 64  ? CB  ? A ALA 64  CB  
411  1 Y 1 A MET 65  ? N   ? A MET 65  N   
412  1 Y 1 A MET 65  ? C   ? A MET 65  C   
413  1 Y 1 A MET 65  ? O   ? A MET 65  O   
414  1 Y 1 A MET 65  ? CB  ? A MET 65  CB  
415  1 Y 1 A MET 65  ? CG  ? A MET 65  CG  
416  1 Y 1 A MET 65  ? SD  ? A MET 65  SD  
417  1 Y 1 A MET 65  ? CE  ? A MET 65  CE  
418  1 Y 1 A VAL 66  ? N   ? A VAL 66  N   
419  1 Y 1 A VAL 66  ? C   ? A VAL 66  C   
420  1 Y 1 A VAL 66  ? O   ? A VAL 66  O   
421  1 Y 1 A VAL 66  ? CB  ? A VAL 66  CB  
422  1 Y 1 A VAL 66  ? CG1 ? A VAL 66  CG1 
423  1 Y 1 A VAL 66  ? CG2 ? A VAL 66  CG2 
424  1 Y 1 A ALA 67  ? N   ? A ALA 67  N   
425  1 Y 1 A ALA 67  ? C   ? A ALA 67  C   
426  1 Y 1 A ALA 67  ? O   ? A ALA 67  O   
427  1 Y 1 A ALA 67  ? CB  ? A ALA 67  CB  
428  1 Y 1 A ARG 68  ? N   ? A ARG 68  N   
429  1 Y 1 A ARG 68  ? C   ? A ARG 68  C   
430  1 Y 1 A ARG 68  ? O   ? A ARG 68  O   
431  1 Y 1 A ARG 68  ? CB  ? A ARG 68  CB  
432  1 Y 1 A ARG 68  ? CG  ? A ARG 68  CG  
433  1 Y 1 A ARG 68  ? CD  ? A ARG 68  CD  
434  1 Y 1 A ARG 68  ? NE  ? A ARG 68  NE  
435  1 Y 1 A ARG 68  ? CZ  ? A ARG 68  CZ  
436  1 Y 1 A ARG 68  ? NH1 ? A ARG 68  NH1 
437  1 Y 1 A ARG 68  ? NH2 ? A ARG 68  NH2 
438  1 Y 1 A GLY 69  ? N   ? A GLY 69  N   
439  1 Y 1 A GLY 69  ? C   ? A GLY 69  C   
440  1 Y 1 A GLY 69  ? O   ? A GLY 69  O   
441  1 Y 1 A ASP 70  ? N   ? A ASP 70  N   
442  1 Y 1 A ASP 70  ? C   ? A ASP 70  C   
443  1 Y 1 A ASP 70  ? O   ? A ASP 70  O   
444  1 Y 1 A ASP 70  ? CB  ? A ASP 70  CB  
445  1 Y 1 A ASP 70  ? CG  ? A ASP 70  CG  
446  1 Y 1 A ASP 70  ? OD1 ? A ASP 70  OD1 
447  1 Y 1 A ASP 70  ? OD2 ? A ASP 70  OD2 
448  1 Y 1 A SER 71  ? N   ? A SER 71  N   
449  1 Y 1 A SER 71  ? C   ? A SER 71  C   
450  1 Y 1 A SER 71  ? O   ? A SER 71  O   
451  1 Y 1 A SER 71  ? CB  ? A SER 71  CB  
452  1 Y 1 A SER 71  ? OG  ? A SER 71  OG  
453  1 Y 1 A GLU 72  ? N   ? A GLU 72  N   
454  1 Y 1 A GLU 72  ? C   ? A GLU 72  C   
455  1 Y 1 A GLU 72  ? O   ? A GLU 72  O   
456  1 Y 1 A GLU 72  ? CB  ? A GLU 72  CB  
457  1 Y 1 A GLU 72  ? CG  ? A GLU 72  CG  
458  1 Y 1 A GLU 72  ? CD  ? A GLU 72  CD  
459  1 Y 1 A GLU 72  ? OE1 ? A GLU 72  OE1 
460  1 Y 1 A GLU 72  ? OE2 ? A GLU 72  OE2 
461  1 Y 1 A LYS 73  ? N   ? A LYS 73  N   
462  1 Y 1 A LYS 73  ? C   ? A LYS 73  C   
463  1 Y 1 A LYS 73  ? O   ? A LYS 73  O   
464  1 Y 1 A LYS 73  ? CB  ? A LYS 73  CB  
465  1 Y 1 A LYS 73  ? CG  ? A LYS 73  CG  
466  1 Y 1 A LYS 73  ? CD  ? A LYS 73  CD  
467  1 Y 1 A LYS 73  ? CE  ? A LYS 73  CE  
468  1 Y 1 A LYS 73  ? NZ  ? A LYS 73  NZ  
469  1 Y 1 A THR 74  ? N   ? A THR 74  N   
470  1 Y 1 A THR 74  ? C   ? A THR 74  C   
471  1 Y 1 A THR 74  ? O   ? A THR 74  O   
472  1 Y 1 A THR 74  ? CB  ? A THR 74  CB  
473  1 Y 1 A THR 74  ? OG1 ? A THR 74  OG1 
474  1 Y 1 A THR 74  ? CG2 ? A THR 74  CG2 
475  1 Y 1 A ILE 75  ? N   ? A ILE 75  N   
476  1 Y 1 A ILE 75  ? C   ? A ILE 75  C   
477  1 Y 1 A ILE 75  ? O   ? A ILE 75  O   
478  1 Y 1 A ILE 75  ? CB  ? A ILE 75  CB  
479  1 Y 1 A ILE 75  ? CG1 ? A ILE 75  CG1 
480  1 Y 1 A ILE 75  ? CG2 ? A ILE 75  CG2 
481  1 Y 1 A ILE 75  ? CD1 ? A ILE 75  CD1 
482  1 Y 1 A TYR 76  ? N   ? A TYR 76  N   
483  1 Y 1 A TYR 76  ? C   ? A TYR 76  C   
484  1 Y 1 A TYR 76  ? O   ? A TYR 76  O   
485  1 Y 1 A TYR 76  ? CB  ? A TYR 76  CB  
486  1 Y 1 A TYR 76  ? CG  ? A TYR 76  CG  
487  1 Y 1 A TYR 76  ? CD1 ? A TYR 76  CD1 
488  1 Y 1 A TYR 76  ? CD2 ? A TYR 76  CD2 
489  1 Y 1 A TYR 76  ? CE1 ? A TYR 76  CE1 
490  1 Y 1 A TYR 76  ? CE2 ? A TYR 76  CE2 
491  1 Y 1 A TYR 76  ? CZ  ? A TYR 76  CZ  
492  1 Y 1 A TYR 76  ? OH  ? A TYR 76  OH  
493  1 Y 1 A ILE 77  ? N   ? A ILE 77  N   
494  1 Y 1 A ILE 77  ? C   ? A ILE 77  C   
495  1 Y 1 A ILE 77  ? O   ? A ILE 77  O   
496  1 Y 1 A ILE 77  ? CB  ? A ILE 77  CB  
497  1 Y 1 A ILE 77  ? CG1 ? A ILE 77  CG1 
498  1 Y 1 A ILE 77  ? CG2 ? A ILE 77  CG2 
499  1 Y 1 A ILE 77  ? CD1 ? A ILE 77  CD1 
500  1 Y 1 A VAL 78  ? N   ? A VAL 78  N   
501  1 Y 1 A VAL 78  ? C   ? A VAL 78  C   
502  1 Y 1 A VAL 78  ? O   ? A VAL 78  O   
503  1 Y 1 A VAL 78  ? CB  ? A VAL 78  CB  
504  1 Y 1 A VAL 78  ? CG1 ? A VAL 78  CG1 
505  1 Y 1 A VAL 78  ? CG2 ? A VAL 78  CG2 
506  1 Y 1 A PHE 79  ? N   ? A PHE 79  N   
507  1 Y 1 A PHE 79  ? C   ? A PHE 79  C   
508  1 Y 1 A PHE 79  ? O   ? A PHE 79  O   
509  1 Y 1 A PHE 79  ? CB  ? A PHE 79  CB  
510  1 Y 1 A PHE 79  ? CG  ? A PHE 79  CG  
511  1 Y 1 A PHE 79  ? CD1 ? A PHE 79  CD1 
512  1 Y 1 A PHE 79  ? CD2 ? A PHE 79  CD2 
513  1 Y 1 A PHE 79  ? CE1 ? A PHE 79  CE1 
514  1 Y 1 A PHE 79  ? CE2 ? A PHE 79  CE2 
515  1 Y 1 A PHE 79  ? CZ  ? A PHE 79  CZ  
516  1 Y 1 A ARG 80  ? N   ? A ARG 80  N   
517  1 Y 1 A ARG 80  ? C   ? A ARG 80  C   
518  1 Y 1 A ARG 80  ? O   ? A ARG 80  O   
519  1 Y 1 A ARG 80  ? CB  ? A ARG 80  CB  
520  1 Y 1 A ARG 80  ? CG  ? A ARG 80  CG  
521  1 Y 1 A ARG 80  ? CD  ? A ARG 80  CD  
522  1 Y 1 A ARG 80  ? NE  ? A ARG 80  NE  
523  1 Y 1 A ARG 80  ? CZ  ? A ARG 80  CZ  
524  1 Y 1 A ARG 80  ? NH1 ? A ARG 80  NH1 
525  1 Y 1 A ARG 80  ? NH2 ? A ARG 80  NH2 
526  1 Y 1 A GLY 81  ? N   ? A GLY 81  N   
527  1 Y 1 A GLY 81  ? C   ? A GLY 81  C   
528  1 Y 1 A GLY 81  ? O   ? A GLY 81  O   
529  1 Y 1 A SER 82  ? N   ? A SER 82  N   
530  1 Y 1 A SER 82  ? C   ? A SER 82  C   
531  1 Y 1 A SER 82  ? O   ? A SER 82  O   
532  1 Y 1 A SER 82  ? CB  ? A SER 82  CB  
533  1 Y 1 A SER 82  ? OG  ? A SER 82  OG  
534  1 Y 1 A SER 83  ? N   ? A SER 83  N   
535  1 Y 1 A SER 83  ? C   ? A SER 83  C   
536  1 Y 1 A SER 83  ? O   ? A SER 83  O   
537  1 Y 1 A SER 83  ? CB  ? A SER 83  CB  
538  1 Y 1 A SER 83  ? OG  ? A SER 83  OG  
539  1 Y 1 A SER 84  ? N   ? A SER 84  N   
540  1 Y 1 A SER 84  ? C   ? A SER 84  C   
541  1 Y 1 A SER 84  ? O   ? A SER 84  O   
542  1 Y 1 A SER 84  ? CB  ? A SER 84  CB  
543  1 Y 1 A SER 84  ? OG  ? A SER 84  OG  
544  1 Y 1 A ILE 85  ? N   ? A ILE 85  N   
545  1 Y 1 A ILE 85  ? C   ? A ILE 85  C   
546  1 Y 1 A ILE 85  ? O   ? A ILE 85  O   
547  1 Y 1 A ILE 85  ? CB  ? A ILE 85  CB  
548  1 Y 1 A ILE 85  ? CG1 ? A ILE 85  CG1 
549  1 Y 1 A ILE 85  ? CG2 ? A ILE 85  CG2 
550  1 Y 1 A ILE 85  ? CD1 ? A ILE 85  CD1 
551  1 Y 1 A ARG 86  ? N   ? A ARG 86  N   
552  1 Y 1 A ARG 86  ? C   ? A ARG 86  C   
553  1 Y 1 A ARG 86  ? O   ? A ARG 86  O   
554  1 Y 1 A ARG 86  ? CB  ? A ARG 86  CB  
555  1 Y 1 A ARG 86  ? CG  ? A ARG 86  CG  
556  1 Y 1 A ARG 86  ? CD  ? A ARG 86  CD  
557  1 Y 1 A ARG 86  ? NE  ? A ARG 86  NE  
558  1 Y 1 A ARG 86  ? CZ  ? A ARG 86  CZ  
559  1 Y 1 A ARG 86  ? NH1 ? A ARG 86  NH1 
560  1 Y 1 A ARG 86  ? NH2 ? A ARG 86  NH2 
561  1 Y 1 A ASN 87  ? N   ? A ASN 87  N   
562  1 Y 1 A ASN 87  ? C   ? A ASN 87  C   
563  1 Y 1 A ASN 87  ? O   ? A ASN 87  O   
564  1 Y 1 A ASN 87  ? CB  ? A ASN 87  CB  
565  1 Y 1 A ASN 87  ? CG  ? A ASN 87  CG  
566  1 Y 1 A ASN 87  ? OD1 ? A ASN 87  OD1 
567  1 Y 1 A ASN 87  ? ND2 ? A ASN 87  ND2 
568  1 Y 1 A TRP 88  ? N   ? A TRP 88  N   
569  1 Y 1 A TRP 88  ? C   ? A TRP 88  C   
570  1 Y 1 A TRP 88  ? O   ? A TRP 88  O   
571  1 Y 1 A TRP 88  ? CB  ? A TRP 88  CB  
572  1 Y 1 A TRP 88  ? CG  ? A TRP 88  CG  
573  1 Y 1 A TRP 88  ? CD1 ? A TRP 88  CD1 
574  1 Y 1 A TRP 88  ? CD2 ? A TRP 88  CD2 
575  1 Y 1 A TRP 88  ? NE1 ? A TRP 88  NE1 
576  1 Y 1 A TRP 88  ? CE2 ? A TRP 88  CE2 
577  1 Y 1 A TRP 88  ? CE3 ? A TRP 88  CE3 
578  1 Y 1 A TRP 88  ? CZ2 ? A TRP 88  CZ2 
579  1 Y 1 A TRP 88  ? CZ3 ? A TRP 88  CZ3 
580  1 Y 1 A TRP 88  ? CH2 ? A TRP 88  CH2 
581  1 Y 1 A ILE 89  ? N   ? A ILE 89  N   
582  1 Y 1 A ILE 89  ? C   ? A ILE 89  C   
583  1 Y 1 A ILE 89  ? O   ? A ILE 89  O   
584  1 Y 1 A ILE 89  ? CB  ? A ILE 89  CB  
585  1 Y 1 A ILE 89  ? CG1 ? A ILE 89  CG1 
586  1 Y 1 A ILE 89  ? CG2 ? A ILE 89  CG2 
587  1 Y 1 A ILE 89  ? CD1 ? A ILE 89  CD1 
588  1 Y 1 A ALA 90  ? N   ? A ALA 90  N   
589  1 Y 1 A ALA 90  ? C   ? A ALA 90  C   
590  1 Y 1 A ALA 90  ? O   ? A ALA 90  O   
591  1 Y 1 A ALA 90  ? CB  ? A ALA 90  CB  
592  1 Y 1 A ASP 91  ? N   ? A ASP 91  N   
593  1 Y 1 A ASP 91  ? C   ? A ASP 91  C   
594  1 Y 1 A ASP 91  ? O   ? A ASP 91  O   
595  1 Y 1 A ASP 91  ? CB  ? A ASP 91  CB  
596  1 Y 1 A ASP 91  ? CG  ? A ASP 91  CG  
597  1 Y 1 A ASP 91  ? OD1 ? A ASP 91  OD1 
598  1 Y 1 A ASP 91  ? OD2 ? A ASP 91  OD2 
599  1 Y 1 A LEU 92  ? N   ? A LEU 92  N   
600  1 Y 1 A LEU 92  ? C   ? A LEU 92  C   
601  1 Y 1 A LEU 92  ? O   ? A LEU 92  O   
602  1 Y 1 A LEU 92  ? CB  ? A LEU 92  CB  
603  1 Y 1 A LEU 92  ? CG  ? A LEU 92  CG  
604  1 Y 1 A LEU 92  ? CD1 ? A LEU 92  CD1 
605  1 Y 1 A LEU 92  ? CD2 ? A LEU 92  CD2 
606  1 Y 1 A THR 93  ? N   ? A THR 93  N   
607  1 Y 1 A THR 93  ? C   ? A THR 93  C   
608  1 Y 1 A THR 93  ? O   ? A THR 93  O   
609  1 Y 1 A THR 93  ? CB  ? A THR 93  CB  
610  1 Y 1 A THR 93  ? OG1 ? A THR 93  OG1 
611  1 Y 1 A THR 93  ? CG2 ? A THR 93  CG2 
612  1 Y 1 A PHE 94  ? N   ? A PHE 94  N   
613  1 Y 1 A PHE 94  ? C   ? A PHE 94  C   
614  1 Y 1 A PHE 94  ? O   ? A PHE 94  O   
615  1 Y 1 A PHE 94  ? CB  ? A PHE 94  CB  
616  1 Y 1 A PHE 94  ? CG  ? A PHE 94  CG  
617  1 Y 1 A PHE 94  ? CD1 ? A PHE 94  CD1 
618  1 Y 1 A PHE 94  ? CD2 ? A PHE 94  CD2 
619  1 Y 1 A PHE 94  ? CE1 ? A PHE 94  CE1 
620  1 Y 1 A PHE 94  ? CE2 ? A PHE 94  CE2 
621  1 Y 1 A PHE 94  ? CZ  ? A PHE 94  CZ  
622  1 Y 1 A VAL 95  ? N   ? A VAL 95  N   
623  1 Y 1 A VAL 95  ? C   ? A VAL 95  C   
624  1 Y 1 A VAL 95  ? O   ? A VAL 95  O   
625  1 Y 1 A VAL 95  ? CB  ? A VAL 95  CB  
626  1 Y 1 A VAL 95  ? CG1 ? A VAL 95  CG1 
627  1 Y 1 A VAL 95  ? CG2 ? A VAL 95  CG2 
628  1 Y 1 A PRO 96  ? N   ? A PRO 96  N   
629  1 Y 1 A PRO 96  ? C   ? A PRO 96  C   
630  1 Y 1 A PRO 96  ? O   ? A PRO 96  O   
631  1 Y 1 A PRO 96  ? CB  ? A PRO 96  CB  
632  1 Y 1 A PRO 96  ? CG  ? A PRO 96  CG  
633  1 Y 1 A PRO 96  ? CD  ? A PRO 96  CD  
634  1 Y 1 A VAL 97  ? N   ? A VAL 97  N   
635  1 Y 1 A VAL 97  ? C   ? A VAL 97  C   
636  1 Y 1 A VAL 97  ? O   ? A VAL 97  O   
637  1 Y 1 A VAL 97  ? CB  ? A VAL 97  CB  
638  1 Y 1 A VAL 97  ? CG1 ? A VAL 97  CG1 
639  1 Y 1 A VAL 97  ? CG2 ? A VAL 97  CG2 
640  1 Y 1 A SER 98  ? N   ? A SER 98  N   
641  1 Y 1 A SER 98  ? C   ? A SER 98  C   
642  1 Y 1 A SER 98  ? O   ? A SER 98  O   
643  1 Y 1 A SER 98  ? CB  ? A SER 98  CB  
644  1 Y 1 A SER 98  ? OG  ? A SER 98  OG  
645  1 Y 1 A TYR 99  ? N   ? A TYR 99  N   
646  1 Y 1 A TYR 99  ? C   ? A TYR 99  C   
647  1 Y 1 A TYR 99  ? O   ? A TYR 99  O   
648  1 Y 1 A TYR 99  ? CB  ? A TYR 99  CB  
649  1 Y 1 A TYR 99  ? CG  ? A TYR 99  CG  
650  1 Y 1 A TYR 99  ? CD1 ? A TYR 99  CD1 
651  1 Y 1 A TYR 99  ? CD2 ? A TYR 99  CD2 
652  1 Y 1 A TYR 99  ? CE1 ? A TYR 99  CE1 
653  1 Y 1 A TYR 99  ? CE2 ? A TYR 99  CE2 
654  1 Y 1 A TYR 99  ? CZ  ? A TYR 99  CZ  
655  1 Y 1 A TYR 99  ? OH  ? A TYR 99  OH  
656  1 Y 1 A PRO 100 ? N   ? A PRO 100 N   
657  1 Y 1 A PRO 100 ? C   ? A PRO 100 C   
658  1 Y 1 A PRO 100 ? O   ? A PRO 100 O   
659  1 Y 1 A PRO 100 ? CB  ? A PRO 100 CB  
660  1 Y 1 A PRO 100 ? CG  ? A PRO 100 CG  
661  1 Y 1 A PRO 100 ? CD  ? A PRO 100 CD  
662  1 Y 1 A PRO 101 ? N   ? A PRO 101 N   
663  1 Y 1 A PRO 101 ? C   ? A PRO 101 C   
664  1 Y 1 A PRO 101 ? O   ? A PRO 101 O   
665  1 Y 1 A PRO 101 ? CB  ? A PRO 101 CB  
666  1 Y 1 A PRO 101 ? CG  ? A PRO 101 CG  
667  1 Y 1 A PRO 101 ? CD  ? A PRO 101 CD  
668  1 Y 1 A VAL 102 ? N   ? A VAL 102 N   
669  1 Y 1 A VAL 102 ? C   ? A VAL 102 C   
670  1 Y 1 A VAL 102 ? O   ? A VAL 102 O   
671  1 Y 1 A VAL 102 ? CB  ? A VAL 102 CB  
672  1 Y 1 A VAL 102 ? CG1 ? A VAL 102 CG1 
673  1 Y 1 A VAL 102 ? CG2 ? A VAL 102 CG2 
674  1 Y 1 A SER 103 ? N   ? A SER 103 N   
675  1 Y 1 A SER 103 ? C   ? A SER 103 C   
676  1 Y 1 A SER 103 ? O   ? A SER 103 O   
677  1 Y 1 A SER 103 ? CB  ? A SER 103 CB  
678  1 Y 1 A SER 103 ? OG  ? A SER 103 OG  
679  1 Y 1 A GLY 104 ? N   ? A GLY 104 N   
680  1 Y 1 A GLY 104 ? C   ? A GLY 104 C   
681  1 Y 1 A GLY 104 ? O   ? A GLY 104 O   
682  1 Y 1 A THR 105 ? N   ? A THR 105 N   
683  1 Y 1 A THR 105 ? C   ? A THR 105 C   
684  1 Y 1 A THR 105 ? O   ? A THR 105 O   
685  1 Y 1 A THR 105 ? CB  ? A THR 105 CB  
686  1 Y 1 A THR 105 ? OG1 ? A THR 105 OG1 
687  1 Y 1 A THR 105 ? CG2 ? A THR 105 CG2 
688  1 Y 1 A LYS 106 ? N   ? A LYS 106 N   
689  1 Y 1 A LYS 106 ? C   ? A LYS 106 C   
690  1 Y 1 A LYS 106 ? O   ? A LYS 106 O   
691  1 Y 1 A LYS 106 ? CB  ? A LYS 106 CB  
692  1 Y 1 A LYS 106 ? CG  ? A LYS 106 CG  
693  1 Y 1 A LYS 106 ? CD  ? A LYS 106 CD  
694  1 Y 1 A LYS 106 ? CE  ? A LYS 106 CE  
695  1 Y 1 A LYS 106 ? NZ  ? A LYS 106 NZ  
696  1 Y 1 A VAL 107 ? N   ? A VAL 107 N   
697  1 Y 1 A VAL 107 ? C   ? A VAL 107 C   
698  1 Y 1 A VAL 107 ? O   ? A VAL 107 O   
699  1 Y 1 A VAL 107 ? CB  ? A VAL 107 CB  
700  1 Y 1 A VAL 107 ? CG1 ? A VAL 107 CG1 
701  1 Y 1 A VAL 107 ? CG2 ? A VAL 107 CG2 
702  1 Y 1 A HIS 108 ? N   ? A HIS 108 N   
703  1 Y 1 A HIS 108 ? C   ? A HIS 108 C   
704  1 Y 1 A HIS 108 ? O   ? A HIS 108 O   
705  1 Y 1 A HIS 108 ? CB  ? A HIS 108 CB  
706  1 Y 1 A HIS 108 ? CG  ? A HIS 108 CG  
707  1 Y 1 A HIS 108 ? ND1 ? A HIS 108 ND1 
708  1 Y 1 A HIS 108 ? CD2 ? A HIS 108 CD2 
709  1 Y 1 A HIS 108 ? CE1 ? A HIS 108 CE1 
710  1 Y 1 A HIS 108 ? NE2 ? A HIS 108 NE2 
711  1 Y 1 A LYS 109 ? N   ? A LYS 109 N   
712  1 Y 1 A LYS 109 ? C   ? A LYS 109 C   
713  1 Y 1 A LYS 109 ? O   ? A LYS 109 O   
714  1 Y 1 A LYS 109 ? CB  ? A LYS 109 CB  
715  1 Y 1 A LYS 109 ? CG  ? A LYS 109 CG  
716  1 Y 1 A LYS 109 ? CD  ? A LYS 109 CD  
717  1 Y 1 A LYS 109 ? CE  ? A LYS 109 CE  
718  1 Y 1 A LYS 109 ? NZ  ? A LYS 109 NZ  
719  1 Y 1 A GLY 110 ? N   ? A GLY 110 N   
720  1 Y 1 A GLY 110 ? C   ? A GLY 110 C   
721  1 Y 1 A GLY 110 ? O   ? A GLY 110 O   
722  1 Y 1 A PHE 111 ? N   ? A PHE 111 N   
723  1 Y 1 A PHE 111 ? C   ? A PHE 111 C   
724  1 Y 1 A PHE 111 ? O   ? A PHE 111 O   
725  1 Y 1 A PHE 111 ? CB  ? A PHE 111 CB  
726  1 Y 1 A PHE 111 ? CG  ? A PHE 111 CG  
727  1 Y 1 A PHE 111 ? CD1 ? A PHE 111 CD1 
728  1 Y 1 A PHE 111 ? CD2 ? A PHE 111 CD2 
729  1 Y 1 A PHE 111 ? CE1 ? A PHE 111 CE1 
730  1 Y 1 A PHE 111 ? CE2 ? A PHE 111 CE2 
731  1 Y 1 A PHE 111 ? CZ  ? A PHE 111 CZ  
732  1 Y 1 A LEU 112 ? N   ? A LEU 112 N   
733  1 Y 1 A LEU 112 ? C   ? A LEU 112 C   
734  1 Y 1 A LEU 112 ? O   ? A LEU 112 O   
735  1 Y 1 A LEU 112 ? CB  ? A LEU 112 CB  
736  1 Y 1 A LEU 112 ? CG  ? A LEU 112 CG  
737  1 Y 1 A LEU 112 ? CD1 ? A LEU 112 CD1 
738  1 Y 1 A LEU 112 ? CD2 ? A LEU 112 CD2 
739  1 Y 1 A ASP 113 ? N   ? A ASP 113 N   
740  1 Y 1 A ASP 113 ? C   ? A ASP 113 C   
741  1 Y 1 A ASP 113 ? O   ? A ASP 113 O   
742  1 Y 1 A ASP 113 ? CB  ? A ASP 113 CB  
743  1 Y 1 A ASP 113 ? CG  ? A ASP 113 CG  
744  1 Y 1 A ASP 113 ? OD1 ? A ASP 113 OD1 
745  1 Y 1 A ASP 113 ? OD2 ? A ASP 113 OD2 
746  1 Y 1 A SER 114 ? N   ? A SER 114 N   
747  1 Y 1 A SER 114 ? C   ? A SER 114 C   
748  1 Y 1 A SER 114 ? O   ? A SER 114 O   
749  1 Y 1 A SER 114 ? CB  ? A SER 114 CB  
750  1 Y 1 A SER 114 ? OG  ? A SER 114 OG  
751  1 Y 1 A TYR 115 ? N   ? A TYR 115 N   
752  1 Y 1 A TYR 115 ? C   ? A TYR 115 C   
753  1 Y 1 A TYR 115 ? O   ? A TYR 115 O   
754  1 Y 1 A TYR 115 ? CB  ? A TYR 115 CB  
755  1 Y 1 A TYR 115 ? CG  ? A TYR 115 CG  
756  1 Y 1 A TYR 115 ? CD1 ? A TYR 115 CD1 
757  1 Y 1 A TYR 115 ? CD2 ? A TYR 115 CD2 
758  1 Y 1 A TYR 115 ? CE1 ? A TYR 115 CE1 
759  1 Y 1 A TYR 115 ? CE2 ? A TYR 115 CE2 
760  1 Y 1 A TYR 115 ? CZ  ? A TYR 115 CZ  
761  1 Y 1 A TYR 115 ? OH  ? A TYR 115 OH  
762  1 Y 1 A GLY 116 ? N   ? A GLY 116 N   
763  1 Y 1 A GLY 116 ? C   ? A GLY 116 C   
764  1 Y 1 A GLY 116 ? O   ? A GLY 116 O   
765  1 Y 1 A GLU 117 ? N   ? A GLU 117 N   
766  1 Y 1 A GLU 117 ? C   ? A GLU 117 C   
767  1 Y 1 A GLU 117 ? O   ? A GLU 117 O   
768  1 Y 1 A GLU 117 ? CB  ? A GLU 117 CB  
769  1 Y 1 A GLU 117 ? CG  ? A GLU 117 CG  
770  1 Y 1 A GLU 117 ? CD  ? A GLU 117 CD  
771  1 Y 1 A GLU 117 ? OE1 ? A GLU 117 OE1 
772  1 Y 1 A GLU 117 ? OE2 ? A GLU 117 OE2 
773  1 Y 1 A VAL 118 ? N   ? A VAL 118 N   
774  1 Y 1 A VAL 118 ? C   ? A VAL 118 C   
775  1 Y 1 A VAL 118 ? O   ? A VAL 118 O   
776  1 Y 1 A VAL 118 ? CB  ? A VAL 118 CB  
777  1 Y 1 A VAL 118 ? CG1 ? A VAL 118 CG1 
778  1 Y 1 A VAL 118 ? CG2 ? A VAL 118 CG2 
779  1 Y 1 A GLN 119 ? N   ? A GLN 119 N   
780  1 Y 1 A GLN 119 ? C   ? A GLN 119 C   
781  1 Y 1 A GLN 119 ? O   ? A GLN 119 O   
782  1 Y 1 A GLN 119 ? CB  ? A GLN 119 CB  
783  1 Y 1 A GLN 119 ? CG  ? A GLN 119 CG  
784  1 Y 1 A GLN 119 ? CD  ? A GLN 119 CD  
785  1 Y 1 A GLN 119 ? OE1 ? A GLN 119 OE1 
786  1 Y 1 A GLN 119 ? NE2 ? A GLN 119 NE2 
787  1 Y 1 A ASN 120 ? N   ? A ASN 120 N   
788  1 Y 1 A ASN 120 ? C   ? A ASN 120 C   
789  1 Y 1 A ASN 120 ? O   ? A ASN 120 O   
790  1 Y 1 A ASN 120 ? CB  ? A ASN 120 CB  
791  1 Y 1 A ASN 120 ? CG  ? A ASN 120 CG  
792  1 Y 1 A ASN 120 ? OD1 ? A ASN 120 OD1 
793  1 Y 1 A ASN 120 ? ND2 ? A ASN 120 ND2 
794  1 Y 1 A GLU 121 ? N   ? A GLU 121 N   
795  1 Y 1 A GLU 121 ? C   ? A GLU 121 C   
796  1 Y 1 A GLU 121 ? O   ? A GLU 121 O   
797  1 Y 1 A GLU 121 ? CB  ? A GLU 121 CB  
798  1 Y 1 A GLU 121 ? CG  ? A GLU 121 CG  
799  1 Y 1 A GLU 121 ? CD  ? A GLU 121 CD  
800  1 Y 1 A GLU 121 ? OE1 ? A GLU 121 OE1 
801  1 Y 1 A GLU 121 ? OE2 ? A GLU 121 OE2 
802  1 Y 1 A LEU 122 ? N   ? A LEU 122 N   
803  1 Y 1 A LEU 122 ? C   ? A LEU 122 C   
804  1 Y 1 A LEU 122 ? O   ? A LEU 122 O   
805  1 Y 1 A LEU 122 ? CB  ? A LEU 122 CB  
806  1 Y 1 A LEU 122 ? CG  ? A LEU 122 CG  
807  1 Y 1 A LEU 122 ? CD1 ? A LEU 122 CD1 
808  1 Y 1 A LEU 122 ? CD2 ? A LEU 122 CD2 
809  1 Y 1 A VAL 123 ? N   ? A VAL 123 N   
810  1 Y 1 A VAL 123 ? C   ? A VAL 123 C   
811  1 Y 1 A VAL 123 ? O   ? A VAL 123 O   
812  1 Y 1 A VAL 123 ? CB  ? A VAL 123 CB  
813  1 Y 1 A VAL 123 ? CG1 ? A VAL 123 CG1 
814  1 Y 1 A VAL 123 ? CG2 ? A VAL 123 CG2 
815  1 Y 1 A ALA 124 ? N   ? A ALA 124 N   
816  1 Y 1 A ALA 124 ? C   ? A ALA 124 C   
817  1 Y 1 A ALA 124 ? O   ? A ALA 124 O   
818  1 Y 1 A ALA 124 ? CB  ? A ALA 124 CB  
819  1 Y 1 A THR 125 ? N   ? A THR 125 N   
820  1 Y 1 A THR 125 ? C   ? A THR 125 C   
821  1 Y 1 A THR 125 ? O   ? A THR 125 O   
822  1 Y 1 A THR 125 ? CB  ? A THR 125 CB  
823  1 Y 1 A THR 125 ? OG1 ? A THR 125 OG1 
824  1 Y 1 A THR 125 ? CG2 ? A THR 125 CG2 
825  1 Y 1 A VAL 126 ? N   ? A VAL 126 N   
826  1 Y 1 A VAL 126 ? C   ? A VAL 126 C   
827  1 Y 1 A VAL 126 ? O   ? A VAL 126 O   
828  1 Y 1 A VAL 126 ? CB  ? A VAL 126 CB  
829  1 Y 1 A VAL 126 ? CG1 ? A VAL 126 CG1 
830  1 Y 1 A VAL 126 ? CG2 ? A VAL 126 CG2 
831  1 Y 1 A LEU 127 ? N   ? A LEU 127 N   
832  1 Y 1 A LEU 127 ? C   ? A LEU 127 C   
833  1 Y 1 A LEU 127 ? O   ? A LEU 127 O   
834  1 Y 1 A LEU 127 ? CB  ? A LEU 127 CB  
835  1 Y 1 A LEU 127 ? CG  ? A LEU 127 CG  
836  1 Y 1 A LEU 127 ? CD1 ? A LEU 127 CD1 
837  1 Y 1 A LEU 127 ? CD2 ? A LEU 127 CD2 
838  1 Y 1 A ASP 128 ? N   ? A ASP 128 N   
839  1 Y 1 A ASP 128 ? C   ? A ASP 128 C   
840  1 Y 1 A ASP 128 ? O   ? A ASP 128 O   
841  1 Y 1 A ASP 128 ? CB  ? A ASP 128 CB  
842  1 Y 1 A ASP 128 ? CG  ? A ASP 128 CG  
843  1 Y 1 A ASP 128 ? OD1 ? A ASP 128 OD1 
844  1 Y 1 A ASP 128 ? OD2 ? A ASP 128 OD2 
845  1 Y 1 A GLN 129 ? N   ? A GLN 129 N   
846  1 Y 1 A GLN 129 ? C   ? A GLN 129 C   
847  1 Y 1 A GLN 129 ? O   ? A GLN 129 O   
848  1 Y 1 A GLN 129 ? CB  ? A GLN 129 CB  
849  1 Y 1 A GLN 129 ? CG  ? A GLN 129 CG  
850  1 Y 1 A GLN 129 ? CD  ? A GLN 129 CD  
851  1 Y 1 A GLN 129 ? OE1 ? A GLN 129 OE1 
852  1 Y 1 A GLN 129 ? NE2 ? A GLN 129 NE2 
853  1 Y 1 A PHE 130 ? N   ? A PHE 130 N   
854  1 Y 1 A PHE 130 ? C   ? A PHE 130 C   
855  1 Y 1 A PHE 130 ? O   ? A PHE 130 O   
856  1 Y 1 A PHE 130 ? CB  ? A PHE 130 CB  
857  1 Y 1 A PHE 130 ? CG  ? A PHE 130 CG  
858  1 Y 1 A PHE 130 ? CD1 ? A PHE 130 CD1 
859  1 Y 1 A PHE 130 ? CD2 ? A PHE 130 CD2 
860  1 Y 1 A PHE 130 ? CE1 ? A PHE 130 CE1 
861  1 Y 1 A PHE 130 ? CE2 ? A PHE 130 CE2 
862  1 Y 1 A PHE 130 ? CZ  ? A PHE 130 CZ  
863  1 Y 1 A LYS 131 ? N   ? A LYS 131 N   
864  1 Y 1 A LYS 131 ? C   ? A LYS 131 C   
865  1 Y 1 A LYS 131 ? O   ? A LYS 131 O   
866  1 Y 1 A LYS 131 ? CB  ? A LYS 131 CB  
867  1 Y 1 A LYS 131 ? CG  ? A LYS 131 CG  
868  1 Y 1 A LYS 131 ? CD  ? A LYS 131 CD  
869  1 Y 1 A LYS 131 ? CE  ? A LYS 131 CE  
870  1 Y 1 A LYS 131 ? NZ  ? A LYS 131 NZ  
871  1 Y 1 A GLN 132 ? N   ? A GLN 132 N   
872  1 Y 1 A GLN 132 ? C   ? A GLN 132 C   
873  1 Y 1 A GLN 132 ? O   ? A GLN 132 O   
874  1 Y 1 A GLN 132 ? CB  ? A GLN 132 CB  
875  1 Y 1 A GLN 132 ? CG  ? A GLN 132 CG  
876  1 Y 1 A GLN 132 ? CD  ? A GLN 132 CD  
877  1 Y 1 A GLN 132 ? OE1 ? A GLN 132 OE1 
878  1 Y 1 A GLN 132 ? NE2 ? A GLN 132 NE2 
879  1 Y 1 A TYR 133 ? N   ? A TYR 133 N   
880  1 Y 1 A TYR 133 ? C   ? A TYR 133 C   
881  1 Y 1 A TYR 133 ? O   ? A TYR 133 O   
882  1 Y 1 A TYR 133 ? CB  ? A TYR 133 CB  
883  1 Y 1 A TYR 133 ? CG  ? A TYR 133 CG  
884  1 Y 1 A TYR 133 ? CD1 ? A TYR 133 CD1 
885  1 Y 1 A TYR 133 ? CD2 ? A TYR 133 CD2 
886  1 Y 1 A TYR 133 ? CE1 ? A TYR 133 CE1 
887  1 Y 1 A TYR 133 ? CE2 ? A TYR 133 CE2 
888  1 Y 1 A TYR 133 ? CZ  ? A TYR 133 CZ  
889  1 Y 1 A TYR 133 ? OH  ? A TYR 133 OH  
890  1 Y 1 A PRO 134 ? N   ? A PRO 134 N   
891  1 Y 1 A PRO 134 ? C   ? A PRO 134 C   
892  1 Y 1 A PRO 134 ? O   ? A PRO 134 O   
893  1 Y 1 A PRO 134 ? CB  ? A PRO 134 CB  
894  1 Y 1 A PRO 134 ? CG  ? A PRO 134 CG  
895  1 Y 1 A PRO 134 ? CD  ? A PRO 134 CD  
896  1 Y 1 A SER 135 ? N   ? A SER 135 N   
897  1 Y 1 A SER 135 ? C   ? A SER 135 C   
898  1 Y 1 A SER 135 ? O   ? A SER 135 O   
899  1 Y 1 A SER 135 ? CB  ? A SER 135 CB  
900  1 Y 1 A SER 135 ? OG  ? A SER 135 OG  
901  1 Y 1 A TYR 136 ? N   ? A TYR 136 N   
902  1 Y 1 A TYR 136 ? C   ? A TYR 136 C   
903  1 Y 1 A TYR 136 ? O   ? A TYR 136 O   
904  1 Y 1 A TYR 136 ? CB  ? A TYR 136 CB  
905  1 Y 1 A TYR 136 ? CG  ? A TYR 136 CG  
906  1 Y 1 A TYR 136 ? CD1 ? A TYR 136 CD1 
907  1 Y 1 A TYR 136 ? CD2 ? A TYR 136 CD2 
908  1 Y 1 A TYR 136 ? CE1 ? A TYR 136 CE1 
909  1 Y 1 A TYR 136 ? CE2 ? A TYR 136 CE2 
910  1 Y 1 A TYR 136 ? CZ  ? A TYR 136 CZ  
911  1 Y 1 A TYR 136 ? OH  ? A TYR 136 OH  
912  1 Y 1 A LYS 137 ? N   ? A LYS 137 N   
913  1 Y 1 A LYS 137 ? C   ? A LYS 137 C   
914  1 Y 1 A LYS 137 ? O   ? A LYS 137 O   
915  1 Y 1 A LYS 137 ? CB  ? A LYS 137 CB  
916  1 Y 1 A LYS 137 ? CG  ? A LYS 137 CG  
917  1 Y 1 A LYS 137 ? CD  ? A LYS 137 CD  
918  1 Y 1 A LYS 137 ? CE  ? A LYS 137 CE  
919  1 Y 1 A LYS 137 ? NZ  ? A LYS 137 NZ  
920  1 Y 1 A VAL 138 ? N   ? A VAL 138 N   
921  1 Y 1 A VAL 138 ? C   ? A VAL 138 C   
922  1 Y 1 A VAL 138 ? O   ? A VAL 138 O   
923  1 Y 1 A VAL 138 ? CB  ? A VAL 138 CB  
924  1 Y 1 A VAL 138 ? CG1 ? A VAL 138 CG1 
925  1 Y 1 A VAL 138 ? CG2 ? A VAL 138 CG2 
926  1 Y 1 A ALA 139 ? N   ? A ALA 139 N   
927  1 Y 1 A ALA 139 ? C   ? A ALA 139 C   
928  1 Y 1 A ALA 139 ? O   ? A ALA 139 O   
929  1 Y 1 A ALA 139 ? CB  ? A ALA 139 CB  
930  1 Y 1 A VAL 140 ? N   ? A VAL 140 N   
931  1 Y 1 A VAL 140 ? C   ? A VAL 140 C   
932  1 Y 1 A VAL 140 ? O   ? A VAL 140 O   
933  1 Y 1 A VAL 140 ? CB  ? A VAL 140 CB  
934  1 Y 1 A VAL 140 ? CG1 ? A VAL 140 CG1 
935  1 Y 1 A VAL 140 ? CG2 ? A VAL 140 CG2 
936  1 Y 1 A THR 141 ? N   ? A THR 141 N   
937  1 Y 1 A THR 141 ? C   ? A THR 141 C   
938  1 Y 1 A THR 141 ? O   ? A THR 141 O   
939  1 Y 1 A THR 141 ? CB  ? A THR 141 CB  
940  1 Y 1 A THR 141 ? OG1 ? A THR 141 OG1 
941  1 Y 1 A THR 141 ? CG2 ? A THR 141 CG2 
942  1 Y 1 A GLY 142 ? N   ? A GLY 142 N   
943  1 Y 1 A GLY 142 ? C   ? A GLY 142 C   
944  1 Y 1 A GLY 142 ? O   ? A GLY 142 O   
945  1 Y 1 A HIS 143 ? N   ? A HIS 143 N   
946  1 Y 1 A HIS 143 ? C   ? A HIS 143 C   
947  1 Y 1 A HIS 143 ? O   ? A HIS 143 O   
948  1 Y 1 A HIS 143 ? CB  ? A HIS 143 CB  
949  1 Y 1 A HIS 143 ? CG  ? A HIS 143 CG  
950  1 Y 1 A HIS 143 ? ND1 ? A HIS 143 ND1 
951  1 Y 1 A HIS 143 ? CD2 ? A HIS 143 CD2 
952  1 Y 1 A HIS 143 ? CE1 ? A HIS 143 CE1 
953  1 Y 1 A HIS 143 ? NE2 ? A HIS 143 NE2 
954  1 Y 1 A LEU 145 ? N   ? A LEU 145 N   
955  1 Y 1 A LEU 145 ? C   ? A LEU 145 C   
956  1 Y 1 A LEU 145 ? O   ? A LEU 145 O   
957  1 Y 1 A LEU 145 ? CB  ? A LEU 145 CB  
958  1 Y 1 A LEU 145 ? CG  ? A LEU 145 CG  
959  1 Y 1 A LEU 145 ? CD1 ? A LEU 145 CD1 
960  1 Y 1 A LEU 145 ? CD2 ? A LEU 145 CD2 
961  1 Y 1 A GLY 146 ? N   ? A GLY 146 N   
962  1 Y 1 A GLY 146 ? C   ? A GLY 146 C   
963  1 Y 1 A GLY 146 ? O   ? A GLY 146 O   
964  1 Y 1 A GLY 147 ? N   ? A GLY 147 N   
965  1 Y 1 A GLY 147 ? C   ? A GLY 147 C   
966  1 Y 1 A GLY 147 ? O   ? A GLY 147 O   
967  1 Y 1 A ALA 148 ? N   ? A ALA 148 N   
968  1 Y 1 A ALA 148 ? C   ? A ALA 148 C   
969  1 Y 1 A ALA 148 ? O   ? A ALA 148 O   
970  1 Y 1 A ALA 148 ? CB  ? A ALA 148 CB  
971  1 Y 1 A THR 149 ? N   ? A THR 149 N   
972  1 Y 1 A THR 149 ? C   ? A THR 149 C   
973  1 Y 1 A THR 149 ? O   ? A THR 149 O   
974  1 Y 1 A THR 149 ? CB  ? A THR 149 CB  
975  1 Y 1 A THR 149 ? OG1 ? A THR 149 OG1 
976  1 Y 1 A THR 149 ? CG2 ? A THR 149 CG2 
977  1 Y 1 A ALA 150 ? N   ? A ALA 150 N   
978  1 Y 1 A ALA 150 ? C   ? A ALA 150 C   
979  1 Y 1 A ALA 150 ? O   ? A ALA 150 O   
980  1 Y 1 A ALA 150 ? CB  ? A ALA 150 CB  
981  1 Y 1 A LEU 151 ? N   ? A LEU 151 N   
982  1 Y 1 A LEU 151 ? C   ? A LEU 151 C   
983  1 Y 1 A LEU 151 ? O   ? A LEU 151 O   
984  1 Y 1 A LEU 151 ? CB  ? A LEU 151 CB  
985  1 Y 1 A LEU 151 ? CG  ? A LEU 151 CG  
986  1 Y 1 A LEU 151 ? CD1 ? A LEU 151 CD1 
987  1 Y 1 A LEU 151 ? CD2 ? A LEU 151 CD2 
988  1 Y 1 A LEU 152 ? N   ? A LEU 152 N   
989  1 Y 1 A LEU 152 ? C   ? A LEU 152 C   
990  1 Y 1 A LEU 152 ? O   ? A LEU 152 O   
991  1 Y 1 A LEU 152 ? CB  ? A LEU 152 CB  
992  1 Y 1 A LEU 152 ? CG  ? A LEU 152 CG  
993  1 Y 1 A LEU 152 ? CD1 ? A LEU 152 CD1 
994  1 Y 1 A LEU 152 ? CD2 ? A LEU 152 CD2 
995  1 Y 1 A CYS 153 ? N   ? A CYS 153 N   
996  1 Y 1 A CYS 153 ? C   ? A CYS 153 C   
997  1 Y 1 A CYS 153 ? O   ? A CYS 153 O   
998  1 Y 1 A CYS 153 ? CB  ? A CYS 153 CB  
999  1 Y 1 A CYS 153 ? SG  ? A CYS 153 SG  
1000 1 Y 1 A ALA 154 ? N   ? A ALA 154 N   
1001 1 Y 1 A ALA 154 ? C   ? A ALA 154 C   
1002 1 Y 1 A ALA 154 ? O   ? A ALA 154 O   
1003 1 Y 1 A ALA 154 ? CB  ? A ALA 154 CB  
1004 1 Y 1 A LEU 155 ? N   ? A LEU 155 N   
1005 1 Y 1 A LEU 155 ? C   ? A LEU 155 C   
1006 1 Y 1 A LEU 155 ? O   ? A LEU 155 O   
1007 1 Y 1 A LEU 155 ? CB  ? A LEU 155 CB  
1008 1 Y 1 A LEU 155 ? CG  ? A LEU 155 CG  
1009 1 Y 1 A LEU 155 ? CD1 ? A LEU 155 CD1 
1010 1 Y 1 A LEU 155 ? CD2 ? A LEU 155 CD2 
1011 1 Y 1 A ASP 156 ? N   ? A ASP 156 N   
1012 1 Y 1 A ASP 156 ? C   ? A ASP 156 C   
1013 1 Y 1 A ASP 156 ? O   ? A ASP 156 O   
1014 1 Y 1 A ASP 156 ? CB  ? A ASP 156 CB  
1015 1 Y 1 A ASP 156 ? CG  ? A ASP 156 CG  
1016 1 Y 1 A ASP 156 ? OD1 ? A ASP 156 OD1 
1017 1 Y 1 A ASP 156 ? OD2 ? A ASP 156 OD2 
1018 1 Y 1 A LEU 157 ? N   ? A LEU 157 N   
1019 1 Y 1 A LEU 157 ? C   ? A LEU 157 C   
1020 1 Y 1 A LEU 157 ? O   ? A LEU 157 O   
1021 1 Y 1 A LEU 157 ? CB  ? A LEU 157 CB  
1022 1 Y 1 A LEU 157 ? CG  ? A LEU 157 CG  
1023 1 Y 1 A LEU 157 ? CD1 ? A LEU 157 CD1 
1024 1 Y 1 A LEU 157 ? CD2 ? A LEU 157 CD2 
1025 1 Y 1 A TYR 158 ? N   ? A TYR 158 N   
1026 1 Y 1 A TYR 158 ? C   ? A TYR 158 C   
1027 1 Y 1 A TYR 158 ? O   ? A TYR 158 O   
1028 1 Y 1 A TYR 158 ? CB  ? A TYR 158 CB  
1029 1 Y 1 A TYR 158 ? CG  ? A TYR 158 CG  
1030 1 Y 1 A TYR 158 ? CD1 ? A TYR 158 CD1 
1031 1 Y 1 A TYR 158 ? CD2 ? A TYR 158 CD2 
1032 1 Y 1 A TYR 158 ? CE1 ? A TYR 158 CE1 
1033 1 Y 1 A TYR 158 ? CE2 ? A TYR 158 CE2 
1034 1 Y 1 A TYR 158 ? CZ  ? A TYR 158 CZ  
1035 1 Y 1 A TYR 158 ? OH  ? A TYR 158 OH  
1036 1 Y 1 A GLN 159 ? N   ? A GLN 159 N   
1037 1 Y 1 A GLN 159 ? C   ? A GLN 159 C   
1038 1 Y 1 A GLN 159 ? O   ? A GLN 159 O   
1039 1 Y 1 A GLN 159 ? CB  ? A GLN 159 CB  
1040 1 Y 1 A GLN 159 ? CG  ? A GLN 159 CG  
1041 1 Y 1 A GLN 159 ? CD  ? A GLN 159 CD  
1042 1 Y 1 A GLN 159 ? OE1 ? A GLN 159 OE1 
1043 1 Y 1 A GLN 159 ? NE2 ? A GLN 159 NE2 
1044 1 Y 1 A ARG 160 ? N   ? A ARG 160 N   
1045 1 Y 1 A ARG 160 ? C   ? A ARG 160 C   
1046 1 Y 1 A ARG 160 ? O   ? A ARG 160 O   
1047 1 Y 1 A ARG 160 ? CB  ? A ARG 160 CB  
1048 1 Y 1 A ARG 160 ? CG  ? A ARG 160 CG  
1049 1 Y 1 A ARG 160 ? CD  ? A ARG 160 CD  
1050 1 Y 1 A ARG 160 ? NE  ? A ARG 160 NE  
1051 1 Y 1 A ARG 160 ? CZ  ? A ARG 160 CZ  
1052 1 Y 1 A ARG 160 ? NH1 ? A ARG 160 NH1 
1053 1 Y 1 A ARG 160 ? NH2 ? A ARG 160 NH2 
1054 1 Y 1 A GLU 161 ? N   ? A GLU 161 N   
1055 1 Y 1 A GLU 161 ? C   ? A GLU 161 C   
1056 1 Y 1 A GLU 161 ? O   ? A GLU 161 O   
1057 1 Y 1 A GLU 161 ? CB  ? A GLU 161 CB  
1058 1 Y 1 A GLU 161 ? CG  ? A GLU 161 CG  
1059 1 Y 1 A GLU 161 ? CD  ? A GLU 161 CD  
1060 1 Y 1 A GLU 161 ? OE1 ? A GLU 161 OE1 
1061 1 Y 1 A GLU 161 ? OE2 ? A GLU 161 OE2 
1062 1 Y 1 A GLU 162 ? N   ? A GLU 162 N   
1063 1 Y 1 A GLU 162 ? C   ? A GLU 162 C   
1064 1 Y 1 A GLU 162 ? O   ? A GLU 162 O   
1065 1 Y 1 A GLU 162 ? CB  ? A GLU 162 CB  
1066 1 Y 1 A GLU 162 ? CG  ? A GLU 162 CG  
1067 1 Y 1 A GLU 162 ? CD  ? A GLU 162 CD  
1068 1 Y 1 A GLU 162 ? OE1 ? A GLU 162 OE1 
1069 1 Y 1 A GLU 162 ? OE2 ? A GLU 162 OE2 
1070 1 Y 1 A GLY 163 ? N   ? A GLY 163 N   
1071 1 Y 1 A GLY 163 ? C   ? A GLY 163 C   
1072 1 Y 1 A GLY 163 ? O   ? A GLY 163 O   
1073 1 Y 1 A LEU 164 ? N   ? A LEU 164 N   
1074 1 Y 1 A LEU 164 ? C   ? A LEU 164 C   
1075 1 Y 1 A LEU 164 ? O   ? A LEU 164 O   
1076 1 Y 1 A LEU 164 ? CB  ? A LEU 164 CB  
1077 1 Y 1 A LEU 164 ? CG  ? A LEU 164 CG  
1078 1 Y 1 A LEU 164 ? CD1 ? A LEU 164 CD1 
1079 1 Y 1 A LEU 164 ? CD2 ? A LEU 164 CD2 
1080 1 Y 1 A SER 165 ? N   ? A SER 165 N   
1081 1 Y 1 A SER 165 ? C   ? A SER 165 C   
1082 1 Y 1 A SER 165 ? O   ? A SER 165 O   
1083 1 Y 1 A SER 165 ? CB  ? A SER 165 CB  
1084 1 Y 1 A SER 165 ? OG  ? A SER 165 OG  
1085 1 Y 1 A SER 166 ? N   ? A SER 166 N   
1086 1 Y 1 A SER 166 ? C   ? A SER 166 C   
1087 1 Y 1 A SER 166 ? O   ? A SER 166 O   
1088 1 Y 1 A SER 166 ? CB  ? A SER 166 CB  
1089 1 Y 1 A SER 166 ? OG  ? A SER 166 OG  
1090 1 Y 1 A SER 167 ? N   ? A SER 167 N   
1091 1 Y 1 A SER 167 ? C   ? A SER 167 C   
1092 1 Y 1 A SER 167 ? O   ? A SER 167 O   
1093 1 Y 1 A SER 167 ? CB  ? A SER 167 CB  
1094 1 Y 1 A SER 167 ? OG  ? A SER 167 OG  
1095 1 Y 1 A ASN 168 ? N   ? A ASN 168 N   
1096 1 Y 1 A ASN 168 ? C   ? A ASN 168 C   
1097 1 Y 1 A ASN 168 ? O   ? A ASN 168 O   
1098 1 Y 1 A ASN 168 ? CB  ? A ASN 168 CB  
1099 1 Y 1 A ASN 168 ? CG  ? A ASN 168 CG  
1100 1 Y 1 A ASN 168 ? OD1 ? A ASN 168 OD1 
1101 1 Y 1 A ASN 168 ? ND2 ? A ASN 168 ND2 
1102 1 Y 1 A LEU 169 ? N   ? A LEU 169 N   
1103 1 Y 1 A LEU 169 ? C   ? A LEU 169 C   
1104 1 Y 1 A LEU 169 ? O   ? A LEU 169 O   
1105 1 Y 1 A LEU 169 ? CB  ? A LEU 169 CB  
1106 1 Y 1 A LEU 169 ? CG  ? A LEU 169 CG  
1107 1 Y 1 A LEU 169 ? CD1 ? A LEU 169 CD1 
1108 1 Y 1 A LEU 169 ? CD2 ? A LEU 169 CD2 
1109 1 Y 1 A PHE 170 ? N   ? A PHE 170 N   
1110 1 Y 1 A PHE 170 ? C   ? A PHE 170 C   
1111 1 Y 1 A PHE 170 ? O   ? A PHE 170 O   
1112 1 Y 1 A PHE 170 ? CB  ? A PHE 170 CB  
1113 1 Y 1 A PHE 170 ? CG  ? A PHE 170 CG  
1114 1 Y 1 A PHE 170 ? CD1 ? A PHE 170 CD1 
1115 1 Y 1 A PHE 170 ? CD2 ? A PHE 170 CD2 
1116 1 Y 1 A PHE 170 ? CE1 ? A PHE 170 CE1 
1117 1 Y 1 A PHE 170 ? CE2 ? A PHE 170 CE2 
1118 1 Y 1 A PHE 170 ? CZ  ? A PHE 170 CZ  
1119 1 Y 1 A LEU 171 ? N   ? A LEU 171 N   
1120 1 Y 1 A LEU 171 ? C   ? A LEU 171 C   
1121 1 Y 1 A LEU 171 ? O   ? A LEU 171 O   
1122 1 Y 1 A LEU 171 ? CB  ? A LEU 171 CB  
1123 1 Y 1 A LEU 171 ? CG  ? A LEU 171 CG  
1124 1 Y 1 A LEU 171 ? CD1 ? A LEU 171 CD1 
1125 1 Y 1 A LEU 171 ? CD2 ? A LEU 171 CD2 
1126 1 Y 1 A TYR 172 ? N   ? A TYR 172 N   
1127 1 Y 1 A TYR 172 ? C   ? A TYR 172 C   
1128 1 Y 1 A TYR 172 ? O   ? A TYR 172 O   
1129 1 Y 1 A TYR 172 ? CB  ? A TYR 172 CB  
1130 1 Y 1 A TYR 172 ? CG  ? A TYR 172 CG  
1131 1 Y 1 A TYR 172 ? CD1 ? A TYR 172 CD1 
1132 1 Y 1 A TYR 172 ? CD2 ? A TYR 172 CD2 
1133 1 Y 1 A TYR 172 ? CE1 ? A TYR 172 CE1 
1134 1 Y 1 A TYR 172 ? CE2 ? A TYR 172 CE2 
1135 1 Y 1 A TYR 172 ? CZ  ? A TYR 172 CZ  
1136 1 Y 1 A TYR 172 ? OH  ? A TYR 172 OH  
1137 1 Y 1 A THR 173 ? N   ? A THR 173 N   
1138 1 Y 1 A THR 173 ? C   ? A THR 173 C   
1139 1 Y 1 A THR 173 ? O   ? A THR 173 O   
1140 1 Y 1 A THR 173 ? CB  ? A THR 173 CB  
1141 1 Y 1 A THR 173 ? OG1 ? A THR 173 OG1 
1142 1 Y 1 A THR 173 ? CG2 ? A THR 173 CG2 
1143 1 Y 1 A GLN 174 ? N   ? A GLN 174 N   
1144 1 Y 1 A GLN 174 ? C   ? A GLN 174 C   
1145 1 Y 1 A GLN 174 ? O   ? A GLN 174 O   
1146 1 Y 1 A GLN 174 ? CB  ? A GLN 174 CB  
1147 1 Y 1 A GLN 174 ? CG  ? A GLN 174 CG  
1148 1 Y 1 A GLN 174 ? CD  ? A GLN 174 CD  
1149 1 Y 1 A GLN 174 ? OE1 ? A GLN 174 OE1 
1150 1 Y 1 A GLN 174 ? NE2 ? A GLN 174 NE2 
1151 1 Y 1 A GLY 175 ? N   ? A GLY 175 N   
1152 1 Y 1 A GLY 175 ? C   ? A GLY 175 C   
1153 1 Y 1 A GLY 175 ? O   ? A GLY 175 O   
1154 1 Y 1 A GLN 176 ? N   ? A GLN 176 N   
1155 1 Y 1 A GLN 176 ? C   ? A GLN 176 C   
1156 1 Y 1 A GLN 176 ? O   ? A GLN 176 O   
1157 1 Y 1 A GLN 176 ? CB  ? A GLN 176 CB  
1158 1 Y 1 A GLN 176 ? CG  ? A GLN 176 CG  
1159 1 Y 1 A GLN 176 ? CD  ? A GLN 176 CD  
1160 1 Y 1 A GLN 176 ? OE1 ? A GLN 176 OE1 
1161 1 Y 1 A GLN 176 ? NE2 ? A GLN 176 NE2 
1162 1 Y 1 A PRO 177 ? N   ? A PRO 177 N   
1163 1 Y 1 A PRO 177 ? C   ? A PRO 177 C   
1164 1 Y 1 A PRO 177 ? O   ? A PRO 177 O   
1165 1 Y 1 A PRO 177 ? CB  ? A PRO 177 CB  
1166 1 Y 1 A PRO 177 ? CG  ? A PRO 177 CG  
1167 1 Y 1 A PRO 177 ? CD  ? A PRO 177 CD  
1168 1 Y 1 A ARG 178 ? N   ? A ARG 178 N   
1169 1 Y 1 A ARG 178 ? C   ? A ARG 178 C   
1170 1 Y 1 A ARG 178 ? O   ? A ARG 178 O   
1171 1 Y 1 A ARG 178 ? CB  ? A ARG 178 CB  
1172 1 Y 1 A ARG 178 ? CG  ? A ARG 178 CG  
1173 1 Y 1 A ARG 178 ? CD  ? A ARG 178 CD  
1174 1 Y 1 A ARG 178 ? NE  ? A ARG 178 NE  
1175 1 Y 1 A ARG 178 ? CZ  ? A ARG 178 CZ  
1176 1 Y 1 A ARG 178 ? NH1 ? A ARG 178 NH1 
1177 1 Y 1 A ARG 178 ? NH2 ? A ARG 178 NH2 
1178 1 Y 1 A VAL 179 ? N   ? A VAL 179 N   
1179 1 Y 1 A VAL 179 ? C   ? A VAL 179 C   
1180 1 Y 1 A VAL 179 ? O   ? A VAL 179 O   
1181 1 Y 1 A VAL 179 ? CB  ? A VAL 179 CB  
1182 1 Y 1 A VAL 179 ? CG1 ? A VAL 179 CG1 
1183 1 Y 1 A VAL 179 ? CG2 ? A VAL 179 CG2 
1184 1 Y 1 A GLY 180 ? N   ? A GLY 180 N   
1185 1 Y 1 A GLY 180 ? C   ? A GLY 180 C   
1186 1 Y 1 A GLY 180 ? O   ? A GLY 180 O   
1187 1 Y 1 A ASN 181 ? N   ? A ASN 181 N   
1188 1 Y 1 A ASN 181 ? C   ? A ASN 181 C   
1189 1 Y 1 A ASN 181 ? O   ? A ASN 181 O   
1190 1 Y 1 A ASN 181 ? CB  ? A ASN 181 CB  
1191 1 Y 1 A ASN 181 ? CG  ? A ASN 181 CG  
1192 1 Y 1 A ASN 181 ? OD1 ? A ASN 181 OD1 
1193 1 Y 1 A ASN 181 ? ND2 ? A ASN 181 ND2 
1194 1 Y 1 A PRO 182 ? N   ? A PRO 182 N   
1195 1 Y 1 A PRO 182 ? C   ? A PRO 182 C   
1196 1 Y 1 A PRO 182 ? O   ? A PRO 182 O   
1197 1 Y 1 A PRO 182 ? CB  ? A PRO 182 CB  
1198 1 Y 1 A PRO 182 ? CG  ? A PRO 182 CG  
1199 1 Y 1 A PRO 182 ? CD  ? A PRO 182 CD  
1200 1 Y 1 A ALA 183 ? N   ? A ALA 183 N   
1201 1 Y 1 A ALA 183 ? C   ? A ALA 183 C   
1202 1 Y 1 A ALA 183 ? O   ? A ALA 183 O   
1203 1 Y 1 A ALA 183 ? CB  ? A ALA 183 CB  
1204 1 Y 1 A PHE 184 ? N   ? A PHE 184 N   
1205 1 Y 1 A PHE 184 ? C   ? A PHE 184 C   
1206 1 Y 1 A PHE 184 ? O   ? A PHE 184 O   
1207 1 Y 1 A PHE 184 ? CB  ? A PHE 184 CB  
1208 1 Y 1 A PHE 184 ? CG  ? A PHE 184 CG  
1209 1 Y 1 A PHE 184 ? CD1 ? A PHE 184 CD1 
1210 1 Y 1 A PHE 184 ? CD2 ? A PHE 184 CD2 
1211 1 Y 1 A PHE 184 ? CE1 ? A PHE 184 CE1 
1212 1 Y 1 A PHE 184 ? CE2 ? A PHE 184 CE2 
1213 1 Y 1 A PHE 184 ? CZ  ? A PHE 184 CZ  
1214 1 Y 1 A ALA 185 ? N   ? A ALA 185 N   
1215 1 Y 1 A ALA 185 ? C   ? A ALA 185 C   
1216 1 Y 1 A ALA 185 ? O   ? A ALA 185 O   
1217 1 Y 1 A ALA 185 ? CB  ? A ALA 185 CB  
1218 1 Y 1 A ASN 186 ? N   ? A ASN 186 N   
1219 1 Y 1 A ASN 186 ? C   ? A ASN 186 C   
1220 1 Y 1 A ASN 186 ? O   ? A ASN 186 O   
1221 1 Y 1 A ASN 186 ? CB  ? A ASN 186 CB  
1222 1 Y 1 A ASN 186 ? CG  ? A ASN 186 CG  
1223 1 Y 1 A ASN 186 ? OD1 ? A ASN 186 OD1 
1224 1 Y 1 A ASN 186 ? ND2 ? A ASN 186 ND2 
1225 1 Y 1 A TYR 187 ? N   ? A TYR 187 N   
1226 1 Y 1 A TYR 187 ? C   ? A TYR 187 C   
1227 1 Y 1 A TYR 187 ? O   ? A TYR 187 O   
1228 1 Y 1 A TYR 187 ? CB  ? A TYR 187 CB  
1229 1 Y 1 A TYR 187 ? CG  ? A TYR 187 CG  
1230 1 Y 1 A TYR 187 ? CD1 ? A TYR 187 CD1 
1231 1 Y 1 A TYR 187 ? CD2 ? A TYR 187 CD2 
1232 1 Y 1 A TYR 187 ? CE1 ? A TYR 187 CE1 
1233 1 Y 1 A TYR 187 ? CE2 ? A TYR 187 CE2 
1234 1 Y 1 A TYR 187 ? CZ  ? A TYR 187 CZ  
1235 1 Y 1 A TYR 187 ? OH  ? A TYR 187 OH  
1236 1 Y 1 A VAL 188 ? N   ? A VAL 188 N   
1237 1 Y 1 A VAL 188 ? C   ? A VAL 188 C   
1238 1 Y 1 A VAL 188 ? O   ? A VAL 188 O   
1239 1 Y 1 A VAL 188 ? CB  ? A VAL 188 CB  
1240 1 Y 1 A VAL 188 ? CG1 ? A VAL 188 CG1 
1241 1 Y 1 A VAL 188 ? CG2 ? A VAL 188 CG2 
1242 1 Y 1 A VAL 189 ? N   ? A VAL 189 N   
1243 1 Y 1 A VAL 189 ? C   ? A VAL 189 C   
1244 1 Y 1 A VAL 189 ? O   ? A VAL 189 O   
1245 1 Y 1 A VAL 189 ? CB  ? A VAL 189 CB  
1246 1 Y 1 A VAL 189 ? CG1 ? A VAL 189 CG1 
1247 1 Y 1 A VAL 189 ? CG2 ? A VAL 189 CG2 
1248 1 Y 1 A SER 190 ? N   ? A SER 190 N   
1249 1 Y 1 A SER 190 ? C   ? A SER 190 C   
1250 1 Y 1 A SER 190 ? O   ? A SER 190 O   
1251 1 Y 1 A SER 190 ? CB  ? A SER 190 CB  
1252 1 Y 1 A SER 190 ? OG  ? A SER 190 OG  
1253 1 Y 1 A THR 191 ? N   ? A THR 191 N   
1254 1 Y 1 A THR 191 ? C   ? A THR 191 C   
1255 1 Y 1 A THR 191 ? O   ? A THR 191 O   
1256 1 Y 1 A THR 191 ? CB  ? A THR 191 CB  
1257 1 Y 1 A THR 191 ? OG1 ? A THR 191 OG1 
1258 1 Y 1 A THR 191 ? CG2 ? A THR 191 CG2 
1259 1 Y 1 A GLY 192 ? N   ? A GLY 192 N   
1260 1 Y 1 A GLY 192 ? C   ? A GLY 192 C   
1261 1 Y 1 A GLY 192 ? O   ? A GLY 192 O   
1262 1 Y 1 A ILE 193 ? N   ? A ILE 193 N   
1263 1 Y 1 A ILE 193 ? C   ? A ILE 193 C   
1264 1 Y 1 A ILE 193 ? O   ? A ILE 193 O   
1265 1 Y 1 A ILE 193 ? CB  ? A ILE 193 CB  
1266 1 Y 1 A ILE 193 ? CG1 ? A ILE 193 CG1 
1267 1 Y 1 A ILE 193 ? CG2 ? A ILE 193 CG2 
1268 1 Y 1 A ILE 193 ? CD1 ? A ILE 193 CD1 
1269 1 Y 1 A PRO 194 ? N   ? A PRO 194 N   
1270 1 Y 1 A PRO 194 ? C   ? A PRO 194 C   
1271 1 Y 1 A PRO 194 ? O   ? A PRO 194 O   
1272 1 Y 1 A PRO 194 ? CB  ? A PRO 194 CB  
1273 1 Y 1 A PRO 194 ? CG  ? A PRO 194 CG  
1274 1 Y 1 A PRO 194 ? CD  ? A PRO 194 CD  
1275 1 Y 1 A TYR 195 ? N   ? A TYR 195 N   
1276 1 Y 1 A TYR 195 ? C   ? A TYR 195 C   
1277 1 Y 1 A TYR 195 ? O   ? A TYR 195 O   
1278 1 Y 1 A TYR 195 ? CB  ? A TYR 195 CB  
1279 1 Y 1 A TYR 195 ? CG  ? A TYR 195 CG  
1280 1 Y 1 A TYR 195 ? CD1 ? A TYR 195 CD1 
1281 1 Y 1 A TYR 195 ? CD2 ? A TYR 195 CD2 
1282 1 Y 1 A TYR 195 ? CE1 ? A TYR 195 CE1 
1283 1 Y 1 A TYR 195 ? CE2 ? A TYR 195 CE2 
1284 1 Y 1 A TYR 195 ? CZ  ? A TYR 195 CZ  
1285 1 Y 1 A TYR 195 ? OH  ? A TYR 195 OH  
1286 1 Y 1 A ARG 196 ? N   ? A ARG 196 N   
1287 1 Y 1 A ARG 196 ? C   ? A ARG 196 C   
1288 1 Y 1 A ARG 196 ? O   ? A ARG 196 O   
1289 1 Y 1 A ARG 196 ? CB  ? A ARG 196 CB  
1290 1 Y 1 A ARG 196 ? CG  ? A ARG 196 CG  
1291 1 Y 1 A ARG 196 ? CD  ? A ARG 196 CD  
1292 1 Y 1 A ARG 196 ? NE  ? A ARG 196 NE  
1293 1 Y 1 A ARG 196 ? CZ  ? A ARG 196 CZ  
1294 1 Y 1 A ARG 196 ? NH1 ? A ARG 196 NH1 
1295 1 Y 1 A ARG 196 ? NH2 ? A ARG 196 NH2 
1296 1 Y 1 A ARG 197 ? N   ? A ARG 197 N   
1297 1 Y 1 A ARG 197 ? C   ? A ARG 197 C   
1298 1 Y 1 A ARG 197 ? O   ? A ARG 197 O   
1299 1 Y 1 A ARG 197 ? CB  ? A ARG 197 CB  
1300 1 Y 1 A ARG 197 ? CG  ? A ARG 197 CG  
1301 1 Y 1 A ARG 197 ? CD  ? A ARG 197 CD  
1302 1 Y 1 A ARG 197 ? NE  ? A ARG 197 NE  
1303 1 Y 1 A ARG 197 ? CZ  ? A ARG 197 CZ  
1304 1 Y 1 A ARG 197 ? NH1 ? A ARG 197 NH1 
1305 1 Y 1 A ARG 197 ? NH2 ? A ARG 197 NH2 
1306 1 Y 1 A THR 198 ? N   ? A THR 198 N   
1307 1 Y 1 A THR 198 ? C   ? A THR 198 C   
1308 1 Y 1 A THR 198 ? O   ? A THR 198 O   
1309 1 Y 1 A THR 198 ? CB  ? A THR 198 CB  
1310 1 Y 1 A THR 198 ? OG1 ? A THR 198 OG1 
1311 1 Y 1 A THR 198 ? CG2 ? A THR 198 CG2 
1312 1 Y 1 A VAL 199 ? N   ? A VAL 199 N   
1313 1 Y 1 A VAL 199 ? C   ? A VAL 199 C   
1314 1 Y 1 A VAL 199 ? O   ? A VAL 199 O   
1315 1 Y 1 A VAL 199 ? CB  ? A VAL 199 CB  
1316 1 Y 1 A VAL 199 ? CG1 ? A VAL 199 CG1 
1317 1 Y 1 A VAL 199 ? CG2 ? A VAL 199 CG2 
1318 1 Y 1 A ASN 200 ? N   ? A ASN 200 N   
1319 1 Y 1 A ASN 200 ? C   ? A ASN 200 C   
1320 1 Y 1 A ASN 200 ? O   ? A ASN 200 O   
1321 1 Y 1 A ASN 200 ? CB  ? A ASN 200 CB  
1322 1 Y 1 A ASN 200 ? CG  ? A ASN 200 CG  
1323 1 Y 1 A ASN 200 ? OD1 ? A ASN 200 OD1 
1324 1 Y 1 A ASN 200 ? ND2 ? A ASN 200 ND2 
1325 1 Y 1 A GLU 201 ? N   ? A GLU 201 N   
1326 1 Y 1 A GLU 201 ? C   ? A GLU 201 C   
1327 1 Y 1 A GLU 201 ? O   ? A GLU 201 O   
1328 1 Y 1 A GLU 201 ? CB  ? A GLU 201 CB  
1329 1 Y 1 A GLU 201 ? CG  ? A GLU 201 CG  
1330 1 Y 1 A GLU 201 ? CD  ? A GLU 201 CD  
1331 1 Y 1 A GLU 201 ? OE1 ? A GLU 201 OE1 
1332 1 Y 1 A GLU 201 ? OE2 ? A GLU 201 OE2 
1333 1 Y 1 A ARG 202 ? N   ? A ARG 202 N   
1334 1 Y 1 A ARG 202 ? C   ? A ARG 202 C   
1335 1 Y 1 A ARG 202 ? O   ? A ARG 202 O   
1336 1 Y 1 A ARG 202 ? CB  ? A ARG 202 CB  
1337 1 Y 1 A ARG 202 ? CG  ? A ARG 202 CG  
1338 1 Y 1 A ARG 202 ? CD  ? A ARG 202 CD  
1339 1 Y 1 A ARG 202 ? NE  ? A ARG 202 NE  
1340 1 Y 1 A ARG 202 ? CZ  ? A ARG 202 CZ  
1341 1 Y 1 A ARG 202 ? NH1 ? A ARG 202 NH1 
1342 1 Y 1 A ARG 202 ? NH2 ? A ARG 202 NH2 
1343 1 Y 1 A ILE 204 ? N   ? A ILE 204 N   
1344 1 Y 1 A ILE 204 ? C   ? A ILE 204 C   
1345 1 Y 1 A ILE 204 ? O   ? A ILE 204 O   
1346 1 Y 1 A ILE 204 ? CB  ? A ILE 204 CB  
1347 1 Y 1 A ILE 204 ? CG1 ? A ILE 204 CG1 
1348 1 Y 1 A ILE 204 ? CG2 ? A ILE 204 CG2 
1349 1 Y 1 A ILE 204 ? CD1 ? A ILE 204 CD1 
1350 1 Y 1 A VAL 205 ? N   ? A VAL 205 N   
1351 1 Y 1 A VAL 205 ? C   ? A VAL 205 C   
1352 1 Y 1 A VAL 205 ? O   ? A VAL 205 O   
1353 1 Y 1 A VAL 205 ? CB  ? A VAL 205 CB  
1354 1 Y 1 A VAL 205 ? CG1 ? A VAL 205 CG1 
1355 1 Y 1 A VAL 205 ? CG2 ? A VAL 205 CG2 
1356 1 Y 1 A PRO 206 ? N   ? A PRO 206 N   
1357 1 Y 1 A PRO 206 ? C   ? A PRO 206 C   
1358 1 Y 1 A PRO 206 ? O   ? A PRO 206 O   
1359 1 Y 1 A PRO 206 ? CB  ? A PRO 206 CB  
1360 1 Y 1 A PRO 206 ? CG  ? A PRO 206 CG  
1361 1 Y 1 A PRO 206 ? CD  ? A PRO 206 CD  
1362 1 Y 1 A HIS 207 ? N   ? A HIS 207 N   
1363 1 Y 1 A HIS 207 ? C   ? A HIS 207 C   
1364 1 Y 1 A HIS 207 ? O   ? A HIS 207 O   
1365 1 Y 1 A HIS 207 ? CB  ? A HIS 207 CB  
1366 1 Y 1 A HIS 207 ? CG  ? A HIS 207 CG  
1367 1 Y 1 A HIS 207 ? ND1 ? A HIS 207 ND1 
1368 1 Y 1 A HIS 207 ? CD2 ? A HIS 207 CD2 
1369 1 Y 1 A HIS 207 ? CE1 ? A HIS 207 CE1 
1370 1 Y 1 A HIS 207 ? NE2 ? A HIS 207 NE2 
1371 1 Y 1 A LEU 208 ? N   ? A LEU 208 N   
1372 1 Y 1 A LEU 208 ? C   ? A LEU 208 C   
1373 1 Y 1 A LEU 208 ? O   ? A LEU 208 O   
1374 1 Y 1 A LEU 208 ? CB  ? A LEU 208 CB  
1375 1 Y 1 A LEU 208 ? CG  ? A LEU 208 CG  
1376 1 Y 1 A LEU 208 ? CD1 ? A LEU 208 CD1 
1377 1 Y 1 A LEU 208 ? CD2 ? A LEU 208 CD2 
1378 1 Y 1 A PRO 209 ? N   ? A PRO 209 N   
1379 1 Y 1 A PRO 209 ? C   ? A PRO 209 C   
1380 1 Y 1 A PRO 209 ? O   ? A PRO 209 O   
1381 1 Y 1 A PRO 209 ? CB  ? A PRO 209 CB  
1382 1 Y 1 A PRO 209 ? CG  ? A PRO 209 CG  
1383 1 Y 1 A PRO 209 ? CD  ? A PRO 209 CD  
1384 1 Y 1 A PRO 210 ? N   ? A PRO 210 N   
1385 1 Y 1 A PRO 210 ? C   ? A PRO 210 C   
1386 1 Y 1 A PRO 210 ? O   ? A PRO 210 O   
1387 1 Y 1 A PRO 210 ? CB  ? A PRO 210 CB  
1388 1 Y 1 A PRO 210 ? CG  ? A PRO 210 CG  
1389 1 Y 1 A PRO 210 ? CD  ? A PRO 210 CD  
1390 1 Y 1 A ALA 211 ? N   ? A ALA 211 N   
1391 1 Y 1 A ALA 211 ? C   ? A ALA 211 C   
1392 1 Y 1 A ALA 211 ? O   ? A ALA 211 O   
1393 1 Y 1 A ALA 211 ? CB  ? A ALA 211 CB  
1394 1 Y 1 A ALA 212 ? N   ? A ALA 212 N   
1395 1 Y 1 A ALA 212 ? C   ? A ALA 212 C   
1396 1 Y 1 A ALA 212 ? O   ? A ALA 212 O   
1397 1 Y 1 A ALA 212 ? CB  ? A ALA 212 CB  
1398 1 Y 1 A PHE 213 ? N   ? A PHE 213 N   
1399 1 Y 1 A PHE 213 ? C   ? A PHE 213 C   
1400 1 Y 1 A PHE 213 ? O   ? A PHE 213 O   
1401 1 Y 1 A PHE 213 ? CB  ? A PHE 213 CB  
1402 1 Y 1 A PHE 213 ? CG  ? A PHE 213 CG  
1403 1 Y 1 A PHE 213 ? CD1 ? A PHE 213 CD1 
1404 1 Y 1 A PHE 213 ? CD2 ? A PHE 213 CD2 
1405 1 Y 1 A PHE 213 ? CE1 ? A PHE 213 CE1 
1406 1 Y 1 A PHE 213 ? CE2 ? A PHE 213 CE2 
1407 1 Y 1 A PHE 213 ? CZ  ? A PHE 213 CZ  
1408 1 Y 1 A GLY 214 ? N   ? A GLY 214 N   
1409 1 Y 1 A GLY 214 ? C   ? A GLY 214 C   
1410 1 Y 1 A GLY 214 ? O   ? A GLY 214 O   
1411 1 Y 1 A PHE 215 ? N   ? A PHE 215 N   
1412 1 Y 1 A PHE 215 ? C   ? A PHE 215 C   
1413 1 Y 1 A PHE 215 ? O   ? A PHE 215 O   
1414 1 Y 1 A PHE 215 ? CB  ? A PHE 215 CB  
1415 1 Y 1 A PHE 215 ? CG  ? A PHE 215 CG  
1416 1 Y 1 A PHE 215 ? CD1 ? A PHE 215 CD1 
1417 1 Y 1 A PHE 215 ? CD2 ? A PHE 215 CD2 
1418 1 Y 1 A PHE 215 ? CE1 ? A PHE 215 CE1 
1419 1 Y 1 A PHE 215 ? CE2 ? A PHE 215 CE2 
1420 1 Y 1 A PHE 215 ? CZ  ? A PHE 215 CZ  
1421 1 Y 1 A LEU 216 ? N   ? A LEU 216 N   
1422 1 Y 1 A LEU 216 ? C   ? A LEU 216 C   
1423 1 Y 1 A LEU 216 ? O   ? A LEU 216 O   
1424 1 Y 1 A LEU 216 ? CB  ? A LEU 216 CB  
1425 1 Y 1 A LEU 216 ? CG  ? A LEU 216 CG  
1426 1 Y 1 A LEU 216 ? CD1 ? A LEU 216 CD1 
1427 1 Y 1 A LEU 216 ? CD2 ? A LEU 216 CD2 
1428 1 Y 1 A HIS 217 ? N   ? A HIS 217 N   
1429 1 Y 1 A HIS 217 ? C   ? A HIS 217 C   
1430 1 Y 1 A HIS 217 ? O   ? A HIS 217 O   
1431 1 Y 1 A HIS 217 ? CB  ? A HIS 217 CB  
1432 1 Y 1 A HIS 217 ? CG  ? A HIS 217 CG  
1433 1 Y 1 A HIS 217 ? ND1 ? A HIS 217 ND1 
1434 1 Y 1 A HIS 217 ? CD2 ? A HIS 217 CD2 
1435 1 Y 1 A HIS 217 ? CE1 ? A HIS 217 CE1 
1436 1 Y 1 A HIS 217 ? NE2 ? A HIS 217 NE2 
1437 1 Y 1 A ALA 218 ? N   ? A ALA 218 N   
1438 1 Y 1 A ALA 218 ? C   ? A ALA 218 C   
1439 1 Y 1 A ALA 218 ? O   ? A ALA 218 O   
1440 1 Y 1 A ALA 218 ? CB  ? A ALA 218 CB  
1441 1 Y 1 A GLY 219 ? N   ? A GLY 219 N   
1442 1 Y 1 A GLY 219 ? C   ? A GLY 219 C   
1443 1 Y 1 A GLY 219 ? O   ? A GLY 219 O   
1444 1 Y 1 A SER 220 ? N   ? A SER 220 N   
1445 1 Y 1 A SER 220 ? C   ? A SER 220 C   
1446 1 Y 1 A SER 220 ? O   ? A SER 220 O   
1447 1 Y 1 A SER 220 ? CB  ? A SER 220 CB  
1448 1 Y 1 A SER 220 ? OG  ? A SER 220 OG  
1449 1 Y 1 A GLU 221 ? N   ? A GLU 221 N   
1450 1 Y 1 A GLU 221 ? C   ? A GLU 221 C   
1451 1 Y 1 A GLU 221 ? O   ? A GLU 221 O   
1452 1 Y 1 A GLU 221 ? CB  ? A GLU 221 CB  
1453 1 Y 1 A GLU 221 ? CG  ? A GLU 221 CG  
1454 1 Y 1 A GLU 221 ? CD  ? A GLU 221 CD  
1455 1 Y 1 A GLU 221 ? OE1 ? A GLU 221 OE1 
1456 1 Y 1 A GLU 221 ? OE2 ? A GLU 221 OE2 
1457 1 Y 1 A TYR 222 ? N   ? A TYR 222 N   
1458 1 Y 1 A TYR 222 ? C   ? A TYR 222 C   
1459 1 Y 1 A TYR 222 ? O   ? A TYR 222 O   
1460 1 Y 1 A TYR 222 ? CB  ? A TYR 222 CB  
1461 1 Y 1 A TYR 222 ? CG  ? A TYR 222 CG  
1462 1 Y 1 A TYR 222 ? CD1 ? A TYR 222 CD1 
1463 1 Y 1 A TYR 222 ? CD2 ? A TYR 222 CD2 
1464 1 Y 1 A TYR 222 ? CE1 ? A TYR 222 CE1 
1465 1 Y 1 A TYR 222 ? CE2 ? A TYR 222 CE2 
1466 1 Y 1 A TYR 222 ? CZ  ? A TYR 222 CZ  
1467 1 Y 1 A TYR 222 ? OH  ? A TYR 222 OH  
1468 1 Y 1 A TRP 223 ? N   ? A TRP 223 N   
1469 1 Y 1 A TRP 223 ? C   ? A TRP 223 C   
1470 1 Y 1 A TRP 223 ? O   ? A TRP 223 O   
1471 1 Y 1 A TRP 223 ? CB  ? A TRP 223 CB  
1472 1 Y 1 A TRP 223 ? CG  ? A TRP 223 CG  
1473 1 Y 1 A TRP 223 ? CD1 ? A TRP 223 CD1 
1474 1 Y 1 A TRP 223 ? CD2 ? A TRP 223 CD2 
1475 1 Y 1 A TRP 223 ? NE1 ? A TRP 223 NE1 
1476 1 Y 1 A TRP 223 ? CE2 ? A TRP 223 CE2 
1477 1 Y 1 A TRP 223 ? CE3 ? A TRP 223 CE3 
1478 1 Y 1 A TRP 223 ? CZ2 ? A TRP 223 CZ2 
1479 1 Y 1 A TRP 223 ? CZ3 ? A TRP 223 CZ3 
1480 1 Y 1 A TRP 223 ? CH2 ? A TRP 223 CH2 
1481 1 Y 1 A ILE 224 ? N   ? A ILE 224 N   
1482 1 Y 1 A ILE 224 ? C   ? A ILE 224 C   
1483 1 Y 1 A ILE 224 ? O   ? A ILE 224 O   
1484 1 Y 1 A ILE 224 ? CB  ? A ILE 224 CB  
1485 1 Y 1 A ILE 224 ? CG1 ? A ILE 224 CG1 
1486 1 Y 1 A ILE 224 ? CG2 ? A ILE 224 CG2 
1487 1 Y 1 A ILE 224 ? CD1 ? A ILE 224 CD1 
1488 1 Y 1 A THR 225 ? N   ? A THR 225 N   
1489 1 Y 1 A THR 225 ? C   ? A THR 225 C   
1490 1 Y 1 A THR 225 ? O   ? A THR 225 O   
1491 1 Y 1 A THR 225 ? CB  ? A THR 225 CB  
1492 1 Y 1 A THR 225 ? OG1 ? A THR 225 OG1 
1493 1 Y 1 A THR 225 ? CG2 ? A THR 225 CG2 
1494 1 Y 1 A ASP 226 ? N   ? A ASP 226 N   
1495 1 Y 1 A ASP 226 ? C   ? A ASP 226 C   
1496 1 Y 1 A ASP 226 ? O   ? A ASP 226 O   
1497 1 Y 1 A ASP 226 ? CB  ? A ASP 226 CB  
1498 1 Y 1 A ASP 226 ? CG  ? A ASP 226 CG  
1499 1 Y 1 A ASP 226 ? OD1 ? A ASP 226 OD1 
1500 1 Y 1 A ASP 226 ? OD2 ? A ASP 226 OD2 
1501 1 Y 1 A ASN 227 ? N   ? A ASN 227 N   
1502 1 Y 1 A ASN 227 ? C   ? A ASN 227 C   
1503 1 Y 1 A ASN 227 ? O   ? A ASN 227 O   
1504 1 Y 1 A ASN 227 ? CB  ? A ASN 227 CB  
1505 1 Y 1 A ASN 227 ? CG  ? A ASN 227 CG  
1506 1 Y 1 A ASN 227 ? OD1 ? A ASN 227 OD1 
1507 1 Y 1 A ASN 227 ? ND2 ? A ASN 227 ND2 
1508 1 Y 1 A SER 228 ? N   ? A SER 228 N   
1509 1 Y 1 A SER 228 ? C   ? A SER 228 C   
1510 1 Y 1 A SER 228 ? O   ? A SER 228 O   
1511 1 Y 1 A SER 228 ? CB  ? A SER 228 CB  
1512 1 Y 1 A SER 228 ? OG  ? A SER 228 OG  
1513 1 Y 1 A PRO 229 ? N   ? A PRO 229 N   
1514 1 Y 1 A PRO 229 ? C   ? A PRO 229 C   
1515 1 Y 1 A PRO 229 ? O   ? A PRO 229 O   
1516 1 Y 1 A PRO 229 ? CB  ? A PRO 229 CB  
1517 1 Y 1 A PRO 229 ? CG  ? A PRO 229 CG  
1518 1 Y 1 A PRO 229 ? CD  ? A PRO 229 CD  
1519 1 Y 1 A GLU 230 ? N   ? A GLU 230 N   
1520 1 Y 1 A GLU 230 ? C   ? A GLU 230 C   
1521 1 Y 1 A GLU 230 ? O   ? A GLU 230 O   
1522 1 Y 1 A GLU 230 ? CB  ? A GLU 230 CB  
1523 1 Y 1 A GLU 230 ? CG  ? A GLU 230 CG  
1524 1 Y 1 A GLU 230 ? CD  ? A GLU 230 CD  
1525 1 Y 1 A GLU 230 ? OE1 ? A GLU 230 OE1 
1526 1 Y 1 A GLU 230 ? OE2 ? A GLU 230 OE2 
1527 1 Y 1 A THR 231 ? N   ? A THR 231 N   
1528 1 Y 1 A THR 231 ? C   ? A THR 231 C   
1529 1 Y 1 A THR 231 ? O   ? A THR 231 O   
1530 1 Y 1 A THR 231 ? CB  ? A THR 231 CB  
1531 1 Y 1 A THR 231 ? OG1 ? A THR 231 OG1 
1532 1 Y 1 A THR 231 ? CG2 ? A THR 231 CG2 
1533 1 Y 1 A VAL 232 ? N   ? A VAL 232 N   
1534 1 Y 1 A VAL 232 ? C   ? A VAL 232 C   
1535 1 Y 1 A VAL 232 ? O   ? A VAL 232 O   
1536 1 Y 1 A VAL 232 ? CB  ? A VAL 232 CB  
1537 1 Y 1 A VAL 232 ? CG1 ? A VAL 232 CG1 
1538 1 Y 1 A VAL 232 ? CG2 ? A VAL 232 CG2 
1539 1 Y 1 A GLN 233 ? N   ? A GLN 233 N   
1540 1 Y 1 A GLN 233 ? C   ? A GLN 233 C   
1541 1 Y 1 A GLN 233 ? O   ? A GLN 233 O   
1542 1 Y 1 A GLN 233 ? CB  ? A GLN 233 CB  
1543 1 Y 1 A GLN 233 ? CG  ? A GLN 233 CG  
1544 1 Y 1 A GLN 233 ? CD  ? A GLN 233 CD  
1545 1 Y 1 A GLN 233 ? OE1 ? A GLN 233 OE1 
1546 1 Y 1 A GLN 233 ? NE2 ? A GLN 233 NE2 
1547 1 Y 1 A VAL 234 ? N   ? A VAL 234 N   
1548 1 Y 1 A VAL 234 ? C   ? A VAL 234 C   
1549 1 Y 1 A VAL 234 ? O   ? A VAL 234 O   
1550 1 Y 1 A VAL 234 ? CB  ? A VAL 234 CB  
1551 1 Y 1 A VAL 234 ? CG1 ? A VAL 234 CG1 
1552 1 Y 1 A VAL 234 ? CG2 ? A VAL 234 CG2 
1553 1 Y 1 A CYS 235 ? N   ? A CYS 235 N   
1554 1 Y 1 A CYS 235 ? C   ? A CYS 235 C   
1555 1 Y 1 A CYS 235 ? O   ? A CYS 235 O   
1556 1 Y 1 A CYS 235 ? CB  ? A CYS 235 CB  
1557 1 Y 1 A CYS 235 ? SG  ? A CYS 235 SG  
1558 1 Y 1 A THR 236 ? N   ? A THR 236 N   
1559 1 Y 1 A THR 236 ? C   ? A THR 236 C   
1560 1 Y 1 A THR 236 ? O   ? A THR 236 O   
1561 1 Y 1 A THR 236 ? CB  ? A THR 236 CB  
1562 1 Y 1 A THR 236 ? OG1 ? A THR 236 OG1 
1563 1 Y 1 A THR 236 ? CG2 ? A THR 236 CG2 
1564 1 Y 1 A SER 237 ? N   ? A SER 237 N   
1565 1 Y 1 A SER 237 ? C   ? A SER 237 C   
1566 1 Y 1 A SER 237 ? O   ? A SER 237 O   
1567 1 Y 1 A SER 237 ? CB  ? A SER 237 CB  
1568 1 Y 1 A SER 237 ? OG  ? A SER 237 OG  
1569 1 Y 1 A ASP 238 ? N   ? A ASP 238 N   
1570 1 Y 1 A ASP 238 ? C   ? A ASP 238 C   
1571 1 Y 1 A ASP 238 ? O   ? A ASP 238 O   
1572 1 Y 1 A ASP 238 ? CB  ? A ASP 238 CB  
1573 1 Y 1 A ASP 238 ? CG  ? A ASP 238 CG  
1574 1 Y 1 A ASP 238 ? OD1 ? A ASP 238 OD1 
1575 1 Y 1 A ASP 238 ? OD2 ? A ASP 238 OD2 
1576 1 Y 1 A LEU 239 ? N   ? A LEU 239 N   
1577 1 Y 1 A LEU 239 ? C   ? A LEU 239 C   
1578 1 Y 1 A LEU 239 ? O   ? A LEU 239 O   
1579 1 Y 1 A LEU 239 ? CB  ? A LEU 239 CB  
1580 1 Y 1 A LEU 239 ? CG  ? A LEU 239 CG  
1581 1 Y 1 A LEU 239 ? CD1 ? A LEU 239 CD1 
1582 1 Y 1 A LEU 239 ? CD2 ? A LEU 239 CD2 
1583 1 Y 1 A GLU 240 ? N   ? A GLU 240 N   
1584 1 Y 1 A GLU 240 ? C   ? A GLU 240 C   
1585 1 Y 1 A GLU 240 ? O   ? A GLU 240 O   
1586 1 Y 1 A GLU 240 ? CB  ? A GLU 240 CB  
1587 1 Y 1 A GLU 240 ? CG  ? A GLU 240 CG  
1588 1 Y 1 A GLU 240 ? CD  ? A GLU 240 CD  
1589 1 Y 1 A GLU 240 ? OE1 ? A GLU 240 OE1 
1590 1 Y 1 A GLU 240 ? OE2 ? A GLU 240 OE2 
1591 1 Y 1 A THR 241 ? N   ? A THR 241 N   
1592 1 Y 1 A THR 241 ? C   ? A THR 241 C   
1593 1 Y 1 A THR 241 ? O   ? A THR 241 O   
1594 1 Y 1 A THR 241 ? CB  ? A THR 241 CB  
1595 1 Y 1 A THR 241 ? OG1 ? A THR 241 OG1 
1596 1 Y 1 A THR 241 ? CG2 ? A THR 241 CG2 
1597 1 Y 1 A SER 242 ? N   ? A SER 242 N   
1598 1 Y 1 A SER 242 ? C   ? A SER 242 C   
1599 1 Y 1 A SER 242 ? O   ? A SER 242 O   
1600 1 Y 1 A SER 242 ? CB  ? A SER 242 CB  
1601 1 Y 1 A SER 242 ? OG  ? A SER 242 OG  
1602 1 Y 1 A ASP 243 ? N   ? A ASP 243 N   
1603 1 Y 1 A ASP 243 ? C   ? A ASP 243 C   
1604 1 Y 1 A ASP 243 ? O   ? A ASP 243 O   
1605 1 Y 1 A ASP 243 ? CB  ? A ASP 243 CB  
1606 1 Y 1 A ASP 243 ? CG  ? A ASP 243 CG  
1607 1 Y 1 A ASP 243 ? OD1 ? A ASP 243 OD1 
1608 1 Y 1 A ASP 243 ? OD2 ? A ASP 243 OD2 
1609 1 Y 1 A CYS 244 ? N   ? A CYS 244 N   
1610 1 Y 1 A CYS 244 ? C   ? A CYS 244 C   
1611 1 Y 1 A CYS 244 ? O   ? A CYS 244 O   
1612 1 Y 1 A CYS 244 ? CB  ? A CYS 244 CB  
1613 1 Y 1 A CYS 244 ? SG  ? A CYS 244 SG  
1614 1 Y 1 A SER 245 ? N   ? A SER 245 N   
1615 1 Y 1 A SER 245 ? C   ? A SER 245 C   
1616 1 Y 1 A SER 245 ? O   ? A SER 245 O   
1617 1 Y 1 A SER 245 ? CB  ? A SER 245 CB  
1618 1 Y 1 A SER 245 ? OG  ? A SER 245 OG  
1619 1 Y 1 A ASN 246 ? N   ? A ASN 246 N   
1620 1 Y 1 A ASN 246 ? C   ? A ASN 246 C   
1621 1 Y 1 A ASN 246 ? O   ? A ASN 246 O   
1622 1 Y 1 A ASN 246 ? CB  ? A ASN 246 CB  
1623 1 Y 1 A ASN 246 ? CG  ? A ASN 246 CG  
1624 1 Y 1 A ASN 246 ? OD1 ? A ASN 246 OD1 
1625 1 Y 1 A ASN 246 ? ND2 ? A ASN 246 ND2 
1626 1 Y 1 A SER 247 ? N   ? A SER 247 N   
1627 1 Y 1 A SER 247 ? C   ? A SER 247 C   
1628 1 Y 1 A SER 247 ? O   ? A SER 247 O   
1629 1 Y 1 A SER 247 ? CB  ? A SER 247 CB  
1630 1 Y 1 A SER 247 ? OG  ? A SER 247 OG  
1631 1 Y 1 A ILE 248 ? N   ? A ILE 248 N   
1632 1 Y 1 A ILE 248 ? C   ? A ILE 248 C   
1633 1 Y 1 A ILE 248 ? O   ? A ILE 248 O   
1634 1 Y 1 A ILE 248 ? CB  ? A ILE 248 CB  
1635 1 Y 1 A ILE 248 ? CG1 ? A ILE 248 CG1 
1636 1 Y 1 A ILE 248 ? CG2 ? A ILE 248 CG2 
1637 1 Y 1 A ILE 248 ? CD1 ? A ILE 248 CD1 
1638 1 Y 1 A VAL 249 ? N   ? A VAL 249 N   
1639 1 Y 1 A VAL 249 ? C   ? A VAL 249 C   
1640 1 Y 1 A VAL 249 ? O   ? A VAL 249 O   
1641 1 Y 1 A VAL 249 ? CB  ? A VAL 249 CB  
1642 1 Y 1 A VAL 249 ? CG1 ? A VAL 249 CG1 
1643 1 Y 1 A VAL 249 ? CG2 ? A VAL 249 CG2 
1644 1 Y 1 A PRO 250 ? N   ? A PRO 250 N   
1645 1 Y 1 A PRO 250 ? C   ? A PRO 250 C   
1646 1 Y 1 A PRO 250 ? O   ? A PRO 250 O   
1647 1 Y 1 A PRO 250 ? CB  ? A PRO 250 CB  
1648 1 Y 1 A PRO 250 ? CG  ? A PRO 250 CG  
1649 1 Y 1 A PRO 250 ? CD  ? A PRO 250 CD  
1650 1 Y 1 A PHE 251 ? N   ? A PHE 251 N   
1651 1 Y 1 A PHE 251 ? C   ? A PHE 251 C   
1652 1 Y 1 A PHE 251 ? O   ? A PHE 251 O   
1653 1 Y 1 A PHE 251 ? CB  ? A PHE 251 CB  
1654 1 Y 1 A PHE 251 ? CG  ? A PHE 251 CG  
1655 1 Y 1 A PHE 251 ? CD1 ? A PHE 251 CD1 
1656 1 Y 1 A PHE 251 ? CD2 ? A PHE 251 CD2 
1657 1 Y 1 A PHE 251 ? CE1 ? A PHE 251 CE1 
1658 1 Y 1 A PHE 251 ? CE2 ? A PHE 251 CE2 
1659 1 Y 1 A PHE 251 ? CZ  ? A PHE 251 CZ  
1660 1 Y 1 A THR 252 ? N   ? A THR 252 N   
1661 1 Y 1 A THR 252 ? C   ? A THR 252 C   
1662 1 Y 1 A THR 252 ? O   ? A THR 252 O   
1663 1 Y 1 A THR 252 ? CB  ? A THR 252 CB  
1664 1 Y 1 A THR 252 ? OG1 ? A THR 252 OG1 
1665 1 Y 1 A THR 252 ? CG2 ? A THR 252 CG2 
1666 1 Y 1 A SER 253 ? N   ? A SER 253 N   
1667 1 Y 1 A SER 253 ? C   ? A SER 253 C   
1668 1 Y 1 A SER 253 ? O   ? A SER 253 O   
1669 1 Y 1 A SER 253 ? CB  ? A SER 253 CB  
1670 1 Y 1 A SER 253 ? OG  ? A SER 253 OG  
1671 1 Y 1 A VAL 254 ? N   ? A VAL 254 N   
1672 1 Y 1 A VAL 254 ? C   ? A VAL 254 C   
1673 1 Y 1 A VAL 254 ? O   ? A VAL 254 O   
1674 1 Y 1 A VAL 254 ? CB  ? A VAL 254 CB  
1675 1 Y 1 A VAL 254 ? CG1 ? A VAL 254 CG1 
1676 1 Y 1 A VAL 254 ? CG2 ? A VAL 254 CG2 
1677 1 Y 1 A LEU 255 ? N   ? A LEU 255 N   
1678 1 Y 1 A LEU 255 ? C   ? A LEU 255 C   
1679 1 Y 1 A LEU 255 ? O   ? A LEU 255 O   
1680 1 Y 1 A LEU 255 ? CB  ? A LEU 255 CB  
1681 1 Y 1 A LEU 255 ? CG  ? A LEU 255 CG  
1682 1 Y 1 A LEU 255 ? CD1 ? A LEU 255 CD1 
1683 1 Y 1 A LEU 255 ? CD2 ? A LEU 255 CD2 
1684 1 Y 1 A ASP 256 ? N   ? A ASP 256 N   
1685 1 Y 1 A ASP 256 ? C   ? A ASP 256 C   
1686 1 Y 1 A ASP 256 ? O   ? A ASP 256 O   
1687 1 Y 1 A ASP 256 ? CB  ? A ASP 256 CB  
1688 1 Y 1 A ASP 256 ? CG  ? A ASP 256 CG  
1689 1 Y 1 A ASP 256 ? OD1 ? A ASP 256 OD1 
1690 1 Y 1 A ASP 256 ? OD2 ? A ASP 256 OD2 
1691 1 Y 1 A LEU 258 ? N   ? A LEU 258 N   
1692 1 Y 1 A LEU 258 ? C   ? A LEU 258 C   
1693 1 Y 1 A LEU 258 ? O   ? A LEU 258 O   
1694 1 Y 1 A LEU 258 ? CB  ? A LEU 258 CB  
1695 1 Y 1 A LEU 258 ? CG  ? A LEU 258 CG  
1696 1 Y 1 A LEU 258 ? CD1 ? A LEU 258 CD1 
1697 1 Y 1 A LEU 258 ? CD2 ? A LEU 258 CD2 
1698 1 Y 1 A SER 259 ? N   ? A SER 259 N   
1699 1 Y 1 A SER 259 ? C   ? A SER 259 C   
1700 1 Y 1 A SER 259 ? O   ? A SER 259 O   
1701 1 Y 1 A SER 259 ? CB  ? A SER 259 CB  
1702 1 Y 1 A SER 259 ? OG  ? A SER 259 OG  
1703 1 Y 1 A TYR 260 ? N   ? A TYR 260 N   
1704 1 Y 1 A TYR 260 ? C   ? A TYR 260 C   
1705 1 Y 1 A TYR 260 ? O   ? A TYR 260 O   
1706 1 Y 1 A TYR 260 ? CB  ? A TYR 260 CB  
1707 1 Y 1 A TYR 260 ? CG  ? A TYR 260 CG  
1708 1 Y 1 A TYR 260 ? CD1 ? A TYR 260 CD1 
1709 1 Y 1 A TYR 260 ? CD2 ? A TYR 260 CD2 
1710 1 Y 1 A TYR 260 ? CE1 ? A TYR 260 CE1 
1711 1 Y 1 A TYR 260 ? CE2 ? A TYR 260 CE2 
1712 1 Y 1 A TYR 260 ? CZ  ? A TYR 260 CZ  
1713 1 Y 1 A TYR 260 ? OH  ? A TYR 260 OH  
1714 1 Y 1 A PHE 261 ? N   ? A PHE 261 N   
1715 1 Y 1 A PHE 261 ? C   ? A PHE 261 C   
1716 1 Y 1 A PHE 261 ? O   ? A PHE 261 O   
1717 1 Y 1 A PHE 261 ? CB  ? A PHE 261 CB  
1718 1 Y 1 A PHE 261 ? CG  ? A PHE 261 CG  
1719 1 Y 1 A PHE 261 ? CD1 ? A PHE 261 CD1 
1720 1 Y 1 A PHE 261 ? CD2 ? A PHE 261 CD2 
1721 1 Y 1 A PHE 261 ? CE1 ? A PHE 261 CE1 
1722 1 Y 1 A PHE 261 ? CE2 ? A PHE 261 CE2 
1723 1 Y 1 A PHE 261 ? CZ  ? A PHE 261 CZ  
1724 1 Y 1 A GLY 262 ? N   ? A GLY 262 N   
1725 1 Y 1 A GLY 262 ? C   ? A GLY 262 C   
1726 1 Y 1 A GLY 262 ? O   ? A GLY 262 O   
1727 1 Y 1 A ILE 263 ? N   ? A ILE 263 N   
1728 1 Y 1 A ILE 263 ? C   ? A ILE 263 C   
1729 1 Y 1 A ILE 263 ? O   ? A ILE 263 O   
1730 1 Y 1 A ILE 263 ? CB  ? A ILE 263 CB  
1731 1 Y 1 A ILE 263 ? CG1 ? A ILE 263 CG1 
1732 1 Y 1 A ILE 263 ? CG2 ? A ILE 263 CG2 
1733 1 Y 1 A ILE 263 ? CD1 ? A ILE 263 CD1 
1734 1 Y 1 A ASN 264 ? N   ? A ASN 264 N   
1735 1 Y 1 A ASN 264 ? C   ? A ASN 264 C   
1736 1 Y 1 A ASN 264 ? O   ? A ASN 264 O   
1737 1 Y 1 A ASN 264 ? CB  ? A ASN 264 CB  
1738 1 Y 1 A ASN 264 ? CG  ? A ASN 264 CG  
1739 1 Y 1 A ASN 264 ? OD1 ? A ASN 264 OD1 
1740 1 Y 1 A ASN 264 ? ND2 ? A ASN 264 ND2 
1741 1 Y 1 A THR 265 ? N   ? A THR 265 N   
1742 1 Y 1 A THR 265 ? C   ? A THR 265 C   
1743 1 Y 1 A THR 265 ? O   ? A THR 265 O   
1744 1 Y 1 A THR 265 ? CB  ? A THR 265 CB  
1745 1 Y 1 A THR 265 ? OG1 ? A THR 265 OG1 
1746 1 Y 1 A THR 265 ? CG2 ? A THR 265 CG2 
1747 1 Y 1 A GLY 266 ? N   ? A GLY 266 N   
1748 1 Y 1 A GLY 266 ? C   ? A GLY 266 C   
1749 1 Y 1 A GLY 266 ? O   ? A GLY 266 O   
1750 1 Y 1 A LEU 267 ? N   ? A LEU 267 N   
1751 1 Y 1 A LEU 267 ? C   ? A LEU 267 C   
1752 1 Y 1 A LEU 267 ? O   ? A LEU 267 O   
1753 1 Y 1 A LEU 267 ? CB  ? A LEU 267 CB  
1754 1 Y 1 A LEU 267 ? CG  ? A LEU 267 CG  
1755 1 Y 1 A LEU 267 ? CD1 ? A LEU 267 CD1 
1756 1 Y 1 A LEU 267 ? CD2 ? A LEU 267 CD2 
1757 1 Y 1 A CYS 268 ? N   ? A CYS 268 N   
1758 1 Y 1 A CYS 268 ? C   ? A CYS 268 C   
1759 1 Y 1 A CYS 268 ? O   ? A CYS 268 O   
1760 1 Y 1 A CYS 268 ? CB  ? A CYS 268 CB  
1761 1 Y 1 A CYS 268 ? SG  ? A CYS 268 SG  
1762 1 Y 1 A SER 269 ? N   ? A SER 269 N   
1763 1 Y 1 A SER 269 ? C   ? A SER 269 C   
1764 1 Y 1 A SER 269 ? O   ? A SER 269 O   
1765 1 Y 1 A SER 269 ? CB  ? A SER 269 CB  
1766 1 Y 1 A SER 269 ? OG  ? A SER 269 OG  
# 
_software.name             PROLSQ 
_software.classification   refinement 
_software.version          . 
_software.citation_id      ? 
_software.pdbx_ordinal     1 
# 
_cell.entry_id           1TGL 
_cell.length_a           71.600 
_cell.length_b           75.000 
_cell.length_c           55.000 
_cell.angle_alpha        90.00 
_cell.angle_beta         90.00 
_cell.angle_gamma        90.00 
_cell.Z_PDB              4 
_cell.pdbx_unique_axis   ? 
_cell.length_a_esd       ? 
_cell.length_b_esd       ? 
_cell.length_c_esd       ? 
_cell.angle_alpha_esd    ? 
_cell.angle_beta_esd     ? 
_cell.angle_gamma_esd    ? 
# 
_symmetry.entry_id                         1TGL 
_symmetry.space_group_name_H-M             'P 21 21 21' 
_symmetry.pdbx_full_space_group_name_H-M   ? 
_symmetry.cell_setting                     ? 
_symmetry.Int_Tables_number                19 
_symmetry.space_group_name_Hall            ? 
# 
_exptl.entry_id          1TGL 
_exptl.method            'X-RAY DIFFRACTION' 
_exptl.crystals_number   ? 
# 
_exptl_crystal.id                    1 
_exptl_crystal.density_meas          ? 
_exptl_crystal.density_Matthews      2.50 
_exptl_crystal.density_percent_sol   50.82 
_exptl_crystal.description           ? 
_exptl_crystal.F_000                 ? 
_exptl_crystal.preparation           ? 
# 
_diffrn.id                     1 
_diffrn.ambient_temp           ? 
_diffrn.ambient_temp_details   ? 
_diffrn.crystal_id             1 
# 
_diffrn_radiation.diffrn_id                        1 
_diffrn_radiation.wavelength_id                    1 
_diffrn_radiation.monochromator                    ? 
_diffrn_radiation.pdbx_monochromatic_or_laue_m_l   ? 
_diffrn_radiation.pdbx_diffrn_protocol             ? 
_diffrn_radiation.pdbx_scattering_type             x-ray 
# 
_diffrn_radiation_wavelength.id           1 
_diffrn_radiation_wavelength.wavelength   . 
_diffrn_radiation_wavelength.wt           1.0 
# 
_refine.entry_id                                 1TGL 
_refine.ls_number_reflns_obs                     ? 
_refine.ls_number_reflns_all                     ? 
_refine.pdbx_ls_sigma_I                          ? 
_refine.pdbx_ls_sigma_F                          ? 
_refine.pdbx_data_cutoff_high_absF               ? 
_refine.pdbx_data_cutoff_low_absF                ? 
_refine.pdbx_data_cutoff_high_rms_absF           ? 
_refine.ls_d_res_low                             7.5 
_refine.ls_d_res_high                            1.9 
_refine.ls_percent_reflns_obs                    ? 
_refine.ls_R_factor_obs                          0.138 
_refine.ls_R_factor_all                          ? 
_refine.ls_R_factor_R_work                       ? 
_refine.ls_R_factor_R_free                       ? 
_refine.ls_R_factor_R_free_error                 ? 
_refine.ls_R_factor_R_free_error_details         ? 
_refine.ls_percent_reflns_R_free                 ? 
_refine.ls_number_reflns_R_free                  ? 
_refine.ls_number_parameters                     ? 
_refine.ls_number_restraints                     ? 
_refine.occupancy_min                            ? 
_refine.occupancy_max                            ? 
_refine.B_iso_mean                               ? 
_refine.aniso_B[1][1]                            ? 
_refine.aniso_B[2][2]                            ? 
_refine.aniso_B[3][3]                            ? 
_refine.aniso_B[1][2]                            ? 
_refine.aniso_B[1][3]                            ? 
_refine.aniso_B[2][3]                            ? 
_refine.solvent_model_details                    ? 
_refine.solvent_model_param_ksol                 ? 
_refine.solvent_model_param_bsol                 ? 
_refine.pdbx_ls_cross_valid_method               ? 
_refine.details                                  ? 
_refine.pdbx_starting_model                      ? 
_refine.pdbx_method_to_determine_struct          ? 
_refine.pdbx_isotropic_thermal_model             ? 
_refine.pdbx_stereochemistry_target_values       ? 
_refine.pdbx_stereochem_target_val_spec_case     ? 
_refine.pdbx_R_Free_selection_details            ? 
_refine.pdbx_overall_ESU_R                       ? 
_refine.pdbx_overall_ESU_R_Free                  ? 
_refine.overall_SU_ML                            ? 
_refine.overall_SU_B                             ? 
_refine.pdbx_refine_id                           'X-RAY DIFFRACTION' 
_refine.ls_redundancy_reflns_obs                 ? 
_refine.pdbx_overall_phase_error                 ? 
_refine.B_iso_min                                ? 
_refine.B_iso_max                                ? 
_refine.correlation_coeff_Fo_to_Fc               ? 
_refine.correlation_coeff_Fo_to_Fc_free          ? 
_refine.pdbx_solvent_vdw_probe_radii             ? 
_refine.pdbx_solvent_ion_probe_radii             ? 
_refine.pdbx_solvent_shrinkage_radii             ? 
_refine.overall_SU_R_Cruickshank_DPI             ? 
_refine.overall_SU_R_free                        ? 
_refine.ls_wR_factor_R_free                      ? 
_refine.ls_wR_factor_R_work                      ? 
_refine.overall_FOM_free_R_set                   ? 
_refine.overall_FOM_work_R_set                   ? 
_refine.pdbx_diffrn_id                           1 
_refine.pdbx_TLS_residual_ADP_flag               ? 
_refine.pdbx_overall_SU_R_free_Cruickshank_DPI   ? 
_refine.pdbx_overall_SU_R_Blow_DPI               ? 
_refine.pdbx_overall_SU_R_free_Blow_DPI          ? 
# 
_refine_hist.pdbx_refine_id                   'X-RAY DIFFRACTION' 
_refine_hist.cycle_id                         LAST 
_refine_hist.pdbx_number_atoms_protein        286 
_refine_hist.pdbx_number_atoms_nucleic_acid   0 
_refine_hist.pdbx_number_atoms_ligand         0 
_refine_hist.number_atoms_solvent             0 
_refine_hist.number_atoms_total               286 
_refine_hist.d_res_high                       1.9 
_refine_hist.d_res_low                        7.5 
# 
_struct.entry_id                  1TGL 
_struct.title                     'A SERINE PROTEASE TRIAD FORMS THE CATALYTIC CENTRE OF A TRIACYLGLYCEROL LIPASE' 
_struct.pdbx_model_details        ? 
_struct.pdbx_CASP_flag            ? 
_struct.pdbx_model_type_details   ? 
# 
_struct_keywords.entry_id        1TGL 
_struct_keywords.pdbx_keywords   HYDROLASE 
_struct_keywords.text            'HYDROLASE, CARBOXYLIC ESTERASE' 
# 
_struct_asym.id                            A 
_struct_asym.pdbx_blank_PDB_chainid_flag   N 
_struct_asym.pdbx_modified                 N 
_struct_asym.entity_id                     1 
_struct_asym.details                       ? 
# 
_struct_ref.id                         1 
_struct_ref.db_name                    UNP 
_struct_ref.db_code                    LIP_RHIMI 
_struct_ref.entity_id                  1 
_struct_ref.pdbx_db_accession          P19515 
_struct_ref.pdbx_align_begin           1 
_struct_ref.pdbx_seq_one_letter_code   
;MVLKQRANYLGFLIVFFTAFLVEAVPIKRQSNSTVDSLPPLIPSRTSAPSSSPSTTDPEAPAMSRNGPLPSDVETKYGMA
LNATSYPDSVVQAMSIDGGIRAATSQEINELTYYTTLSANSYCRTVIPGATWDCIHCDATEDLKIIKTWSTLIYDTNAMV
ARGDSEKTIYIVFRGSSSIRNWIADLTFVPVSYPPVSGTKVHKGFLDSYGEVQNELVATVLDQFKQYPSYKVAVTGHSLG
GATALLCALDLYQREEGLSSSNLFLYTQGQPRVGDPAFANYVVSTGIPYRRTVNERDIVPHLPPAAFGFLHAGEEYWITD
NSPETVQVCTSDLETSDCSNSIVPFTSVLDHLSYFGINTGLCT
;
_struct_ref.pdbx_db_isoform            ? 
# 
_struct_ref_seq.align_id                      1 
_struct_ref_seq.ref_id                        1 
_struct_ref_seq.pdbx_PDB_id_code              1TGL 
_struct_ref_seq.pdbx_strand_id                A 
_struct_ref_seq.seq_align_beg                 1 
_struct_ref_seq.pdbx_seq_align_beg_ins_code   ? 
_struct_ref_seq.seq_align_end                 268 
_struct_ref_seq.pdbx_seq_align_end_ins_code   ? 
_struct_ref_seq.pdbx_db_accession             P19515 
_struct_ref_seq.db_align_beg                  95 
_struct_ref_seq.pdbx_db_align_beg_ins_code    ? 
_struct_ref_seq.db_align_end                  362 
_struct_ref_seq.pdbx_db_align_end_ins_code    ? 
_struct_ref_seq.pdbx_auth_seq_align_beg       1 
_struct_ref_seq.pdbx_auth_seq_align_end       268 
# 
loop_
_struct_ref_seq_dif.align_id 
_struct_ref_seq_dif.pdbx_pdb_id_code 
_struct_ref_seq_dif.mon_id 
_struct_ref_seq_dif.pdbx_pdb_strand_id 
_struct_ref_seq_dif.seq_num 
_struct_ref_seq_dif.pdbx_pdb_ins_code 
_struct_ref_seq_dif.pdbx_seq_db_name 
_struct_ref_seq_dif.pdbx_seq_db_accession_code 
_struct_ref_seq_dif.db_mon_id 
_struct_ref_seq_dif.pdbx_seq_db_seq_num 
_struct_ref_seq_dif.details 
_struct_ref_seq_dif.pdbx_auth_seq_num 
_struct_ref_seq_dif.pdbx_ordinal 
1 1TGL ASN A 3   ? UNP P19515 ASP 97  conflict 3   1 
1 1TGL ASN A 181 ? UNP P19515 ASP 275 conflict 181 2 
1 1TGL SER A 220 ? UNP P19515 GLU 314 conflict 220 3 
# 
_pdbx_struct_assembly.id                   1 
_pdbx_struct_assembly.details              author_defined_assembly 
_pdbx_struct_assembly.method_details       ? 
_pdbx_struct_assembly.oligomeric_details   monomeric 
_pdbx_struct_assembly.oligomeric_count     1 
# 
_pdbx_struct_assembly_gen.assembly_id       1 
_pdbx_struct_assembly_gen.oper_expression   1 
_pdbx_struct_assembly_gen.asym_id_list      A 
# 
_pdbx_struct_oper_list.id                   1 
_pdbx_struct_oper_list.type                 'identity operation' 
_pdbx_struct_oper_list.name                 1_555 
_pdbx_struct_oper_list.symmetry_operation   x,y,z 
_pdbx_struct_oper_list.matrix[1][1]         1.0000000000 
_pdbx_struct_oper_list.matrix[1][2]         0.0000000000 
_pdbx_struct_oper_list.matrix[1][3]         0.0000000000 
_pdbx_struct_oper_list.vector[1]            0.0000000000 
_pdbx_struct_oper_list.matrix[2][1]         0.0000000000 
_pdbx_struct_oper_list.matrix[2][2]         1.0000000000 
_pdbx_struct_oper_list.matrix[2][3]         0.0000000000 
_pdbx_struct_oper_list.vector[2]            0.0000000000 
_pdbx_struct_oper_list.matrix[3][1]         0.0000000000 
_pdbx_struct_oper_list.matrix[3][2]         0.0000000000 
_pdbx_struct_oper_list.matrix[3][3]         1.0000000000 
_pdbx_struct_oper_list.vector[3]            0.0000000000 
# 
_struct_biol.id        1 
_struct_biol.details   ? 
# 
_struct_site.id                   CAT 
_struct_site.pdbx_evidence_code   Author 
_struct_site.pdbx_auth_asym_id    ? 
_struct_site.pdbx_auth_comp_id    ? 
_struct_site.pdbx_auth_seq_id     ? 
_struct_site.pdbx_auth_ins_code   ? 
_struct_site.pdbx_num_residues    3 
_struct_site.details              'CATALYTIC SITE' 
# 
loop_
_struct_site_gen.id 
_struct_site_gen.site_id 
_struct_site_gen.pdbx_num_res 
_struct_site_gen.label_comp_id 
_struct_site_gen.label_asym_id 
_struct_site_gen.label_seq_id 
_struct_site_gen.pdbx_auth_ins_code 
_struct_site_gen.auth_comp_id 
_struct_site_gen.auth_asym_id 
_struct_site_gen.auth_seq_id 
_struct_site_gen.label_atom_id 
_struct_site_gen.label_alt_id 
_struct_site_gen.symmetry 
_struct_site_gen.details 
1 CAT 3 SER A 144 ? SER A 144 . ? 1_555 ? 
2 CAT 3 ASP A 203 ? ASP A 203 . ? 1_555 ? 
3 CAT 3 HIS A 257 ? HIS A 257 . ? 1_555 ? 
# 
_pdbx_validate_rmsd_bond.id                        1 
_pdbx_validate_rmsd_bond.PDB_model_num             1 
_pdbx_validate_rmsd_bond.auth_atom_id_1            CB 
_pdbx_validate_rmsd_bond.auth_asym_id_1            A 
_pdbx_validate_rmsd_bond.auth_comp_id_1            SER 
_pdbx_validate_rmsd_bond.auth_seq_id_1             144 
_pdbx_validate_rmsd_bond.PDB_ins_code_1            ? 
_pdbx_validate_rmsd_bond.label_alt_id_1            ? 
_pdbx_validate_rmsd_bond.auth_atom_id_2            OG 
_pdbx_validate_rmsd_bond.auth_asym_id_2            A 
_pdbx_validate_rmsd_bond.auth_comp_id_2            SER 
_pdbx_validate_rmsd_bond.auth_seq_id_2             144 
_pdbx_validate_rmsd_bond.PDB_ins_code_2            ? 
_pdbx_validate_rmsd_bond.label_alt_id_2            ? 
_pdbx_validate_rmsd_bond.bond_value                1.496 
_pdbx_validate_rmsd_bond.bond_target_value         1.418 
_pdbx_validate_rmsd_bond.bond_deviation            0.078 
_pdbx_validate_rmsd_bond.bond_standard_deviation   0.013 
_pdbx_validate_rmsd_bond.linker_flag               N 
# 
loop_
_pdbx_validate_rmsd_angle.id 
_pdbx_validate_rmsd_angle.PDB_model_num 
_pdbx_validate_rmsd_angle.auth_atom_id_1 
_pdbx_validate_rmsd_angle.auth_asym_id_1 
_pdbx_validate_rmsd_angle.auth_comp_id_1 
_pdbx_validate_rmsd_angle.auth_seq_id_1 
_pdbx_validate_rmsd_angle.PDB_ins_code_1 
_pdbx_validate_rmsd_angle.label_alt_id_1 
_pdbx_validate_rmsd_angle.auth_atom_id_2 
_pdbx_validate_rmsd_angle.auth_asym_id_2 
_pdbx_validate_rmsd_angle.auth_comp_id_2 
_pdbx_validate_rmsd_angle.auth_seq_id_2 
_pdbx_validate_rmsd_angle.PDB_ins_code_2 
_pdbx_validate_rmsd_angle.label_alt_id_2 
_pdbx_validate_rmsd_angle.auth_atom_id_3 
_pdbx_validate_rmsd_angle.auth_asym_id_3 
_pdbx_validate_rmsd_angle.auth_comp_id_3 
_pdbx_validate_rmsd_angle.auth_seq_id_3 
_pdbx_validate_rmsd_angle.PDB_ins_code_3 
_pdbx_validate_rmsd_angle.label_alt_id_3 
_pdbx_validate_rmsd_angle.angle_value 
_pdbx_validate_rmsd_angle.angle_target_value 
_pdbx_validate_rmsd_angle.angle_deviation 
_pdbx_validate_rmsd_angle.angle_standard_deviation 
_pdbx_validate_rmsd_angle.linker_flag 
1 1 N  A SER 144 ? ? CA A SER 144 ? ? CB  A SER 144 ? ? 97.32  110.50 -13.18 1.50 N 
2 1 CB A ASP 203 ? ? CG A ASP 203 ? ? OD2 A ASP 203 ? ? 123.98 118.30 5.68   0.90 N 
# 
_pdbx_entry_details.entry_id                 1TGL 
_pdbx_entry_details.compound_details         ? 
_pdbx_entry_details.source_details           ? 
_pdbx_entry_details.nonpolymer_details       ? 
_pdbx_entry_details.sequence_details         
;RESIDUE 156 IN THIS ENTRY IS ASP AS IDENTIFIED BY ELECTRON
DENSITY. IN THE PAPER CITED AS REFERENCE 2 ABOVE IT WAS
INCORRECTLY ASSIGNED AS GLY.
;
_pdbx_entry_details.has_ligand_of_interest   ? 
# 
loop_
_pdbx_unobs_or_zero_occ_residues.id 
_pdbx_unobs_or_zero_occ_residues.PDB_model_num 
_pdbx_unobs_or_zero_occ_residues.polymer_flag 
_pdbx_unobs_or_zero_occ_residues.occupancy_flag 
_pdbx_unobs_or_zero_occ_residues.auth_asym_id 
_pdbx_unobs_or_zero_occ_residues.auth_comp_id 
_pdbx_unobs_or_zero_occ_residues.auth_seq_id 
_pdbx_unobs_or_zero_occ_residues.PDB_ins_code 
_pdbx_unobs_or_zero_occ_residues.label_asym_id 
_pdbx_unobs_or_zero_occ_residues.label_comp_id 
_pdbx_unobs_or_zero_occ_residues.label_seq_id 
1 1 Y 1 A SER 1 ? A SER 1 
2 1 Y 1 A ILE 2 ? A ILE 2 
3 1 Y 1 A ASN 3 ? A ASN 3 
4 1 Y 1 A GLY 4 ? A GLY 4 
# 
loop_
_chem_comp_atom.comp_id 
_chem_comp_atom.atom_id 
_chem_comp_atom.type_symbol 
_chem_comp_atom.pdbx_aromatic_flag 
_chem_comp_atom.pdbx_stereo_config 
_chem_comp_atom.pdbx_ordinal 
ALA N    N N N 1   
ALA CA   C N S 2   
ALA C    C N N 3   
ALA O    O N N 4   
ALA CB   C N N 5   
ALA OXT  O N N 6   
ALA H    H N N 7   
ALA H2   H N N 8   
ALA HA   H N N 9   
ALA HB1  H N N 10  
ALA HB2  H N N 11  
ALA HB3  H N N 12  
ALA HXT  H N N 13  
ARG N    N N N 14  
ARG CA   C N S 15  
ARG C    C N N 16  
ARG O    O N N 17  
ARG CB   C N N 18  
ARG CG   C N N 19  
ARG CD   C N N 20  
ARG NE   N N N 21  
ARG CZ   C N N 22  
ARG NH1  N N N 23  
ARG NH2  N N N 24  
ARG OXT  O N N 25  
ARG H    H N N 26  
ARG H2   H N N 27  
ARG HA   H N N 28  
ARG HB2  H N N 29  
ARG HB3  H N N 30  
ARG HG2  H N N 31  
ARG HG3  H N N 32  
ARG HD2  H N N 33  
ARG HD3  H N N 34  
ARG HE   H N N 35  
ARG HH11 H N N 36  
ARG HH12 H N N 37  
ARG HH21 H N N 38  
ARG HH22 H N N 39  
ARG HXT  H N N 40  
ASN N    N N N 41  
ASN CA   C N S 42  
ASN C    C N N 43  
ASN O    O N N 44  
ASN CB   C N N 45  
ASN CG   C N N 46  
ASN OD1  O N N 47  
ASN ND2  N N N 48  
ASN OXT  O N N 49  
ASN H    H N N 50  
ASN H2   H N N 51  
ASN HA   H N N 52  
ASN HB2  H N N 53  
ASN HB3  H N N 54  
ASN HD21 H N N 55  
ASN HD22 H N N 56  
ASN HXT  H N N 57  
ASP N    N N N 58  
ASP CA   C N S 59  
ASP C    C N N 60  
ASP O    O N N 61  
ASP CB   C N N 62  
ASP CG   C N N 63  
ASP OD1  O N N 64  
ASP OD2  O N N 65  
ASP OXT  O N N 66  
ASP H    H N N 67  
ASP H2   H N N 68  
ASP HA   H N N 69  
ASP HB2  H N N 70  
ASP HB3  H N N 71  
ASP HD2  H N N 72  
ASP HXT  H N N 73  
CYS N    N N N 74  
CYS CA   C N R 75  
CYS C    C N N 76  
CYS O    O N N 77  
CYS CB   C N N 78  
CYS SG   S N N 79  
CYS OXT  O N N 80  
CYS H    H N N 81  
CYS H2   H N N 82  
CYS HA   H N N 83  
CYS HB2  H N N 84  
CYS HB3  H N N 85  
CYS HG   H N N 86  
CYS HXT  H N N 87  
GLN N    N N N 88  
GLN CA   C N S 89  
GLN C    C N N 90  
GLN O    O N N 91  
GLN CB   C N N 92  
GLN CG   C N N 93  
GLN CD   C N N 94  
GLN OE1  O N N 95  
GLN NE2  N N N 96  
GLN OXT  O N N 97  
GLN H    H N N 98  
GLN H2   H N N 99  
GLN HA   H N N 100 
GLN HB2  H N N 101 
GLN HB3  H N N 102 
GLN HG2  H N N 103 
GLN HG3  H N N 104 
GLN HE21 H N N 105 
GLN HE22 H N N 106 
GLN HXT  H N N 107 
GLU N    N N N 108 
GLU CA   C N S 109 
GLU C    C N N 110 
GLU O    O N N 111 
GLU CB   C N N 112 
GLU CG   C N N 113 
GLU CD   C N N 114 
GLU OE1  O N N 115 
GLU OE2  O N N 116 
GLU OXT  O N N 117 
GLU H    H N N 118 
GLU H2   H N N 119 
GLU HA   H N N 120 
GLU HB2  H N N 121 
GLU HB3  H N N 122 
GLU HG2  H N N 123 
GLU HG3  H N N 124 
GLU HE2  H N N 125 
GLU HXT  H N N 126 
GLY N    N N N 127 
GLY CA   C N N 128 
GLY C    C N N 129 
GLY O    O N N 130 
GLY OXT  O N N 131 
GLY H    H N N 132 
GLY H2   H N N 133 
GLY HA2  H N N 134 
GLY HA3  H N N 135 
GLY HXT  H N N 136 
HIS N    N N N 137 
HIS CA   C N S 138 
HIS C    C N N 139 
HIS O    O N N 140 
HIS CB   C N N 141 
HIS CG   C Y N 142 
HIS ND1  N Y N 143 
HIS CD2  C Y N 144 
HIS CE1  C Y N 145 
HIS NE2  N Y N 146 
HIS OXT  O N N 147 
HIS H    H N N 148 
HIS H2   H N N 149 
HIS HA   H N N 150 
HIS HB2  H N N 151 
HIS HB3  H N N 152 
HIS HD1  H N N 153 
HIS HD2  H N N 154 
HIS HE1  H N N 155 
HIS HE2  H N N 156 
HIS HXT  H N N 157 
ILE N    N N N 158 
ILE CA   C N S 159 
ILE C    C N N 160 
ILE O    O N N 161 
ILE CB   C N S 162 
ILE CG1  C N N 163 
ILE CG2  C N N 164 
ILE CD1  C N N 165 
ILE OXT  O N N 166 
ILE H    H N N 167 
ILE H2   H N N 168 
ILE HA   H N N 169 
ILE HB   H N N 170 
ILE HG12 H N N 171 
ILE HG13 H N N 172 
ILE HG21 H N N 173 
ILE HG22 H N N 174 
ILE HG23 H N N 175 
ILE HD11 H N N 176 
ILE HD12 H N N 177 
ILE HD13 H N N 178 
ILE HXT  H N N 179 
LEU N    N N N 180 
LEU CA   C N S 181 
LEU C    C N N 182 
LEU O    O N N 183 
LEU CB   C N N 184 
LEU CG   C N N 185 
LEU CD1  C N N 186 
LEU CD2  C N N 187 
LEU OXT  O N N 188 
LEU H    H N N 189 
LEU H2   H N N 190 
LEU HA   H N N 191 
LEU HB2  H N N 192 
LEU HB3  H N N 193 
LEU HG   H N N 194 
LEU HD11 H N N 195 
LEU HD12 H N N 196 
LEU HD13 H N N 197 
LEU HD21 H N N 198 
LEU HD22 H N N 199 
LEU HD23 H N N 200 
LEU HXT  H N N 201 
LYS N    N N N 202 
LYS CA   C N S 203 
LYS C    C N N 204 
LYS O    O N N 205 
LYS CB   C N N 206 
LYS CG   C N N 207 
LYS CD   C N N 208 
LYS CE   C N N 209 
LYS NZ   N N N 210 
LYS OXT  O N N 211 
LYS H    H N N 212 
LYS H2   H N N 213 
LYS HA   H N N 214 
LYS HB2  H N N 215 
LYS HB3  H N N 216 
LYS HG2  H N N 217 
LYS HG3  H N N 218 
LYS HD2  H N N 219 
LYS HD3  H N N 220 
LYS HE2  H N N 221 
LYS HE3  H N N 222 
LYS HZ1  H N N 223 
LYS HZ2  H N N 224 
LYS HZ3  H N N 225 
LYS HXT  H N N 226 
MET N    N N N 227 
MET CA   C N S 228 
MET C    C N N 229 
MET O    O N N 230 
MET CB   C N N 231 
MET CG   C N N 232 
MET SD   S N N 233 
MET CE   C N N 234 
MET OXT  O N N 235 
MET H    H N N 236 
MET H2   H N N 237 
MET HA   H N N 238 
MET HB2  H N N 239 
MET HB3  H N N 240 
MET HG2  H N N 241 
MET HG3  H N N 242 
MET HE1  H N N 243 
MET HE2  H N N 244 
MET HE3  H N N 245 
MET HXT  H N N 246 
PHE N    N N N 247 
PHE CA   C N S 248 
PHE C    C N N 249 
PHE O    O N N 250 
PHE CB   C N N 251 
PHE CG   C Y N 252 
PHE CD1  C Y N 253 
PHE CD2  C Y N 254 
PHE CE1  C Y N 255 
PHE CE2  C Y N 256 
PHE CZ   C Y N 257 
PHE OXT  O N N 258 
PHE H    H N N 259 
PHE H2   H N N 260 
PHE HA   H N N 261 
PHE HB2  H N N 262 
PHE HB3  H N N 263 
PHE HD1  H N N 264 
PHE HD2  H N N 265 
PHE HE1  H N N 266 
PHE HE2  H N N 267 
PHE HZ   H N N 268 
PHE HXT  H N N 269 
PRO N    N N N 270 
PRO CA   C N S 271 
PRO C    C N N 272 
PRO O    O N N 273 
PRO CB   C N N 274 
PRO CG   C N N 275 
PRO CD   C N N 276 
PRO OXT  O N N 277 
PRO H    H N N 278 
PRO HA   H N N 279 
PRO HB2  H N N 280 
PRO HB3  H N N 281 
PRO HG2  H N N 282 
PRO HG3  H N N 283 
PRO HD2  H N N 284 
PRO HD3  H N N 285 
PRO HXT  H N N 286 
SER N    N N N 287 
SER CA   C N S 288 
SER C    C N N 289 
SER O    O N N 290 
SER CB   C N N 291 
SER OG   O N N 292 
SER OXT  O N N 293 
SER H    H N N 294 
SER H2   H N N 295 
SER HA   H N N 296 
SER HB2  H N N 297 
SER HB3  H N N 298 
SER HG   H N N 299 
SER HXT  H N N 300 
THR N    N N N 301 
THR CA   C N S 302 
THR C    C N N 303 
THR O    O N N 304 
THR CB   C N R 305 
THR OG1  O N N 306 
THR CG2  C N N 307 
THR OXT  O N N 308 
THR H    H N N 309 
THR H2   H N N 310 
THR HA   H N N 311 
THR HB   H N N 312 
THR HG1  H N N 313 
THR HG21 H N N 314 
THR HG22 H N N 315 
THR HG23 H N N 316 
THR HXT  H N N 317 
TRP N    N N N 318 
TRP CA   C N S 319 
TRP C    C N N 320 
TRP O    O N N 321 
TRP CB   C N N 322 
TRP CG   C Y N 323 
TRP CD1  C Y N 324 
TRP CD2  C Y N 325 
TRP NE1  N Y N 326 
TRP CE2  C Y N 327 
TRP CE3  C Y N 328 
TRP CZ2  C Y N 329 
TRP CZ3  C Y N 330 
TRP CH2  C Y N 331 
TRP OXT  O N N 332 
TRP H    H N N 333 
TRP H2   H N N 334 
TRP HA   H N N 335 
TRP HB2  H N N 336 
TRP HB3  H N N 337 
TRP HD1  H N N 338 
TRP HE1  H N N 339 
TRP HE3  H N N 340 
TRP HZ2  H N N 341 
TRP HZ3  H N N 342 
TRP HH2  H N N 343 
TRP HXT  H N N 344 
TYR N    N N N 345 
TYR CA   C N S 346 
TYR C    C N N 347 
TYR O    O N N 348 
TYR CB   C N N 349 
TYR CG   C Y N 350 
TYR CD1  C Y N 351 
TYR CD2  C Y N 352 
TYR CE1  C Y N 353 
TYR CE2  C Y N 354 
TYR CZ   C Y N 355 
TYR OH   O N N 356 
TYR OXT  O N N 357 
TYR H    H N N 358 
TYR H2   H N N 359 
TYR HA   H N N 360 
TYR HB2  H N N 361 
TYR HB3  H N N 362 
TYR HD1  H N N 363 
TYR HD2  H N N 364 
TYR HE1  H N N 365 
TYR HE2  H N N 366 
TYR HH   H N N 367 
TYR HXT  H N N 368 
VAL N    N N N 369 
VAL CA   C N S 370 
VAL C    C N N 371 
VAL O    O N N 372 
VAL CB   C N N 373 
VAL CG1  C N N 374 
VAL CG2  C N N 375 
VAL OXT  O N N 376 
VAL H    H N N 377 
VAL H2   H N N 378 
VAL HA   H N N 379 
VAL HB   H N N 380 
VAL HG11 H N N 381 
VAL HG12 H N N 382 
VAL HG13 H N N 383 
VAL HG21 H N N 384 
VAL HG22 H N N 385 
VAL HG23 H N N 386 
VAL HXT  H N N 387 
# 
loop_
_chem_comp_bond.comp_id 
_chem_comp_bond.atom_id_1 
_chem_comp_bond.atom_id_2 
_chem_comp_bond.value_order 
_chem_comp_bond.pdbx_aromatic_flag 
_chem_comp_bond.pdbx_stereo_config 
_chem_comp_bond.pdbx_ordinal 
ALA N   CA   sing N N 1   
ALA N   H    sing N N 2   
ALA N   H2   sing N N 3   
ALA CA  C    sing N N 4   
ALA CA  CB   sing N N 5   
ALA CA  HA   sing N N 6   
ALA C   O    doub N N 7   
ALA C   OXT  sing N N 8   
ALA CB  HB1  sing N N 9   
ALA CB  HB2  sing N N 10  
ALA CB  HB3  sing N N 11  
ALA OXT HXT  sing N N 12  
ARG N   CA   sing N N 13  
ARG N   H    sing N N 14  
ARG N   H2   sing N N 15  
ARG CA  C    sing N N 16  
ARG CA  CB   sing N N 17  
ARG CA  HA   sing N N 18  
ARG C   O    doub N N 19  
ARG C   OXT  sing N N 20  
ARG CB  CG   sing N N 21  
ARG CB  HB2  sing N N 22  
ARG CB  HB3  sing N N 23  
ARG CG  CD   sing N N 24  
ARG CG  HG2  sing N N 25  
ARG CG  HG3  sing N N 26  
ARG CD  NE   sing N N 27  
ARG CD  HD2  sing N N 28  
ARG CD  HD3  sing N N 29  
ARG NE  CZ   sing N N 30  
ARG NE  HE   sing N N 31  
ARG CZ  NH1  sing N N 32  
ARG CZ  NH2  doub N N 33  
ARG NH1 HH11 sing N N 34  
ARG NH1 HH12 sing N N 35  
ARG NH2 HH21 sing N N 36  
ARG NH2 HH22 sing N N 37  
ARG OXT HXT  sing N N 38  
ASN N   CA   sing N N 39  
ASN N   H    sing N N 40  
ASN N   H2   sing N N 41  
ASN CA  C    sing N N 42  
ASN CA  CB   sing N N 43  
ASN CA  HA   sing N N 44  
ASN C   O    doub N N 45  
ASN C   OXT  sing N N 46  
ASN CB  CG   sing N N 47  
ASN CB  HB2  sing N N 48  
ASN CB  HB3  sing N N 49  
ASN CG  OD1  doub N N 50  
ASN CG  ND2  sing N N 51  
ASN ND2 HD21 sing N N 52  
ASN ND2 HD22 sing N N 53  
ASN OXT HXT  sing N N 54  
ASP N   CA   sing N N 55  
ASP N   H    sing N N 56  
ASP N   H2   sing N N 57  
ASP CA  C    sing N N 58  
ASP CA  CB   sing N N 59  
ASP CA  HA   sing N N 60  
ASP C   O    doub N N 61  
ASP C   OXT  sing N N 62  
ASP CB  CG   sing N N 63  
ASP CB  HB2  sing N N 64  
ASP CB  HB3  sing N N 65  
ASP CG  OD1  doub N N 66  
ASP CG  OD2  sing N N 67  
ASP OD2 HD2  sing N N 68  
ASP OXT HXT  sing N N 69  
CYS N   CA   sing N N 70  
CYS N   H    sing N N 71  
CYS N   H2   sing N N 72  
CYS CA  C    sing N N 73  
CYS CA  CB   sing N N 74  
CYS CA  HA   sing N N 75  
CYS C   O    doub N N 76  
CYS C   OXT  sing N N 77  
CYS CB  SG   sing N N 78  
CYS CB  HB2  sing N N 79  
CYS CB  HB3  sing N N 80  
CYS SG  HG   sing N N 81  
CYS OXT HXT  sing N N 82  
GLN N   CA   sing N N 83  
GLN N   H    sing N N 84  
GLN N   H2   sing N N 85  
GLN CA  C    sing N N 86  
GLN CA  CB   sing N N 87  
GLN CA  HA   sing N N 88  
GLN C   O    doub N N 89  
GLN C   OXT  sing N N 90  
GLN CB  CG   sing N N 91  
GLN CB  HB2  sing N N 92  
GLN CB  HB3  sing N N 93  
GLN CG  CD   sing N N 94  
GLN CG  HG2  sing N N 95  
GLN CG  HG3  sing N N 96  
GLN CD  OE1  doub N N 97  
GLN CD  NE2  sing N N 98  
GLN NE2 HE21 sing N N 99  
GLN NE2 HE22 sing N N 100 
GLN OXT HXT  sing N N 101 
GLU N   CA   sing N N 102 
GLU N   H    sing N N 103 
GLU N   H2   sing N N 104 
GLU CA  C    sing N N 105 
GLU CA  CB   sing N N 106 
GLU CA  HA   sing N N 107 
GLU C   O    doub N N 108 
GLU C   OXT  sing N N 109 
GLU CB  CG   sing N N 110 
GLU CB  HB2  sing N N 111 
GLU CB  HB3  sing N N 112 
GLU CG  CD   sing N N 113 
GLU CG  HG2  sing N N 114 
GLU CG  HG3  sing N N 115 
GLU CD  OE1  doub N N 116 
GLU CD  OE2  sing N N 117 
GLU OE2 HE2  sing N N 118 
GLU OXT HXT  sing N N 119 
GLY N   CA   sing N N 120 
GLY N   H    sing N N 121 
GLY N   H2   sing N N 122 
GLY CA  C    sing N N 123 
GLY CA  HA2  sing N N 124 
GLY CA  HA3  sing N N 125 
GLY C   O    doub N N 126 
GLY C   OXT  sing N N 127 
GLY OXT HXT  sing N N 128 
HIS N   CA   sing N N 129 
HIS N   H    sing N N 130 
HIS N   H2   sing N N 131 
HIS CA  C    sing N N 132 
HIS CA  CB   sing N N 133 
HIS CA  HA   sing N N 134 
HIS C   O    doub N N 135 
HIS C   OXT  sing N N 136 
HIS CB  CG   sing N N 137 
HIS CB  HB2  sing N N 138 
HIS CB  HB3  sing N N 139 
HIS CG  ND1  sing Y N 140 
HIS CG  CD2  doub Y N 141 
HIS ND1 CE1  doub Y N 142 
HIS ND1 HD1  sing N N 143 
HIS CD2 NE2  sing Y N 144 
HIS CD2 HD2  sing N N 145 
HIS CE1 NE2  sing Y N 146 
HIS CE1 HE1  sing N N 147 
HIS NE2 HE2  sing N N 148 
HIS OXT HXT  sing N N 149 
ILE N   CA   sing N N 150 
ILE N   H    sing N N 151 
ILE N   H2   sing N N 152 
ILE CA  C    sing N N 153 
ILE CA  CB   sing N N 154 
ILE CA  HA   sing N N 155 
ILE C   O    doub N N 156 
ILE C   OXT  sing N N 157 
ILE CB  CG1  sing N N 158 
ILE CB  CG2  sing N N 159 
ILE CB  HB   sing N N 160 
ILE CG1 CD1  sing N N 161 
ILE CG1 HG12 sing N N 162 
ILE CG1 HG13 sing N N 163 
ILE CG2 HG21 sing N N 164 
ILE CG2 HG22 sing N N 165 
ILE CG2 HG23 sing N N 166 
ILE CD1 HD11 sing N N 167 
ILE CD1 HD12 sing N N 168 
ILE CD1 HD13 sing N N 169 
ILE OXT HXT  sing N N 170 
LEU N   CA   sing N N 171 
LEU N   H    sing N N 172 
LEU N   H2   sing N N 173 
LEU CA  C    sing N N 174 
LEU CA  CB   sing N N 175 
LEU CA  HA   sing N N 176 
LEU C   O    doub N N 177 
LEU C   OXT  sing N N 178 
LEU CB  CG   sing N N 179 
LEU CB  HB2  sing N N 180 
LEU CB  HB3  sing N N 181 
LEU CG  CD1  sing N N 182 
LEU CG  CD2  sing N N 183 
LEU CG  HG   sing N N 184 
LEU CD1 HD11 sing N N 185 
LEU CD1 HD12 sing N N 186 
LEU CD1 HD13 sing N N 187 
LEU CD2 HD21 sing N N 188 
LEU CD2 HD22 sing N N 189 
LEU CD2 HD23 sing N N 190 
LEU OXT HXT  sing N N 191 
LYS N   CA   sing N N 192 
LYS N   H    sing N N 193 
LYS N   H2   sing N N 194 
LYS CA  C    sing N N 195 
LYS CA  CB   sing N N 196 
LYS CA  HA   sing N N 197 
LYS C   O    doub N N 198 
LYS C   OXT  sing N N 199 
LYS CB  CG   sing N N 200 
LYS CB  HB2  sing N N 201 
LYS CB  HB3  sing N N 202 
LYS CG  CD   sing N N 203 
LYS CG  HG2  sing N N 204 
LYS CG  HG3  sing N N 205 
LYS CD  CE   sing N N 206 
LYS CD  HD2  sing N N 207 
LYS CD  HD3  sing N N 208 
LYS CE  NZ   sing N N 209 
LYS CE  HE2  sing N N 210 
LYS CE  HE3  sing N N 211 
LYS NZ  HZ1  sing N N 212 
LYS NZ  HZ2  sing N N 213 
LYS NZ  HZ3  sing N N 214 
LYS OXT HXT  sing N N 215 
MET N   CA   sing N N 216 
MET N   H    sing N N 217 
MET N   H2   sing N N 218 
MET CA  C    sing N N 219 
MET CA  CB   sing N N 220 
MET CA  HA   sing N N 221 
MET C   O    doub N N 222 
MET C   OXT  sing N N 223 
MET CB  CG   sing N N 224 
MET CB  HB2  sing N N 225 
MET CB  HB3  sing N N 226 
MET CG  SD   sing N N 227 
MET CG  HG2  sing N N 228 
MET CG  HG3  sing N N 229 
MET SD  CE   sing N N 230 
MET CE  HE1  sing N N 231 
MET CE  HE2  sing N N 232 
MET CE  HE3  sing N N 233 
MET OXT HXT  sing N N 234 
PHE N   CA   sing N N 235 
PHE N   H    sing N N 236 
PHE N   H2   sing N N 237 
PHE CA  C    sing N N 238 
PHE CA  CB   sing N N 239 
PHE CA  HA   sing N N 240 
PHE C   O    doub N N 241 
PHE C   OXT  sing N N 242 
PHE CB  CG   sing N N 243 
PHE CB  HB2  sing N N 244 
PHE CB  HB3  sing N N 245 
PHE CG  CD1  doub Y N 246 
PHE CG  CD2  sing Y N 247 
PHE CD1 CE1  sing Y N 248 
PHE CD1 HD1  sing N N 249 
PHE CD2 CE2  doub Y N 250 
PHE CD2 HD2  sing N N 251 
PHE CE1 CZ   doub Y N 252 
PHE CE1 HE1  sing N N 253 
PHE CE2 CZ   sing Y N 254 
PHE CE2 HE2  sing N N 255 
PHE CZ  HZ   sing N N 256 
PHE OXT HXT  sing N N 257 
PRO N   CA   sing N N 258 
PRO N   CD   sing N N 259 
PRO N   H    sing N N 260 
PRO CA  C    sing N N 261 
PRO CA  CB   sing N N 262 
PRO CA  HA   sing N N 263 
PRO C   O    doub N N 264 
PRO C   OXT  sing N N 265 
PRO CB  CG   sing N N 266 
PRO CB  HB2  sing N N 267 
PRO CB  HB3  sing N N 268 
PRO CG  CD   sing N N 269 
PRO CG  HG2  sing N N 270 
PRO CG  HG3  sing N N 271 
PRO CD  HD2  sing N N 272 
PRO CD  HD3  sing N N 273 
PRO OXT HXT  sing N N 274 
SER N   CA   sing N N 275 
SER N   H    sing N N 276 
SER N   H2   sing N N 277 
SER CA  C    sing N N 278 
SER CA  CB   sing N N 279 
SER CA  HA   sing N N 280 
SER C   O    doub N N 281 
SER C   OXT  sing N N 282 
SER CB  OG   sing N N 283 
SER CB  HB2  sing N N 284 
SER CB  HB3  sing N N 285 
SER OG  HG   sing N N 286 
SER OXT HXT  sing N N 287 
THR N   CA   sing N N 288 
THR N   H    sing N N 289 
THR N   H2   sing N N 290 
THR CA  C    sing N N 291 
THR CA  CB   sing N N 292 
THR CA  HA   sing N N 293 
THR C   O    doub N N 294 
THR C   OXT  sing N N 295 
THR CB  OG1  sing N N 296 
THR CB  CG2  sing N N 297 
THR CB  HB   sing N N 298 
THR OG1 HG1  sing N N 299 
THR CG2 HG21 sing N N 300 
THR CG2 HG22 sing N N 301 
THR CG2 HG23 sing N N 302 
THR OXT HXT  sing N N 303 
TRP N   CA   sing N N 304 
TRP N   H    sing N N 305 
TRP N   H2   sing N N 306 
TRP CA  C    sing N N 307 
TRP CA  CB   sing N N 308 
TRP CA  HA   sing N N 309 
TRP C   O    doub N N 310 
TRP C   OXT  sing N N 311 
TRP CB  CG   sing N N 312 
TRP CB  HB2  sing N N 313 
TRP CB  HB3  sing N N 314 
TRP CG  CD1  doub Y N 315 
TRP CG  CD2  sing Y N 316 
TRP CD1 NE1  sing Y N 317 
TRP CD1 HD1  sing N N 318 
TRP CD2 CE2  doub Y N 319 
TRP CD2 CE3  sing Y N 320 
TRP NE1 CE2  sing Y N 321 
TRP NE1 HE1  sing N N 322 
TRP CE2 CZ2  sing Y N 323 
TRP CE3 CZ3  doub Y N 324 
TRP CE3 HE3  sing N N 325 
TRP CZ2 CH2  doub Y N 326 
TRP CZ2 HZ2  sing N N 327 
TRP CZ3 CH2  sing Y N 328 
TRP CZ3 HZ3  sing N N 329 
TRP CH2 HH2  sing N N 330 
TRP OXT HXT  sing N N 331 
TYR N   CA   sing N N 332 
TYR N   H    sing N N 333 
TYR N   H2   sing N N 334 
TYR CA  C    sing N N 335 
TYR CA  CB   sing N N 336 
TYR CA  HA   sing N N 337 
TYR C   O    doub N N 338 
TYR C   OXT  sing N N 339 
TYR CB  CG   sing N N 340 
TYR CB  HB2  sing N N 341 
TYR CB  HB3  sing N N 342 
TYR CG  CD1  doub Y N 343 
TYR CG  CD2  sing Y N 344 
TYR CD1 CE1  sing Y N 345 
TYR CD1 HD1  sing N N 346 
TYR CD2 CE2  doub Y N 347 
TYR CD2 HD2  sing N N 348 
TYR CE1 CZ   doub Y N 349 
TYR CE1 HE1  sing N N 350 
TYR CE2 CZ   sing Y N 351 
TYR CE2 HE2  sing N N 352 
TYR CZ  OH   sing N N 353 
TYR OH  HH   sing N N 354 
TYR OXT HXT  sing N N 355 
VAL N   CA   sing N N 356 
VAL N   H    sing N N 357 
VAL N   H2   sing N N 358 
VAL CA  C    sing N N 359 
VAL CA  CB   sing N N 360 
VAL CA  HA   sing N N 361 
VAL C   O    doub N N 362 
VAL C   OXT  sing N N 363 
VAL CB  CG1  sing N N 364 
VAL CB  CG2  sing N N 365 
VAL CB  HB   sing N N 366 
VAL CG1 HG11 sing N N 367 
VAL CG1 HG12 sing N N 368 
VAL CG1 HG13 sing N N 369 
VAL CG2 HG21 sing N N 370 
VAL CG2 HG22 sing N N 371 
VAL CG2 HG23 sing N N 372 
VAL OXT HXT  sing N N 373 
# 
_atom_sites.entry_id                    1TGL 
_atom_sites.fract_transf_matrix[1][1]   -0.01297168 
_atom_sites.fract_transf_matrix[1][2]   -0.00517999 
_atom_sites.fract_transf_matrix[1][3]   0.00025302 
_atom_sites.fract_transf_matrix[2][1]   0.00489095 
_atom_sites.fract_transf_matrix[2][2]   -0.01231769 
_atom_sites.fract_transf_matrix[2][3]   -0.00142898 
_atom_sites.fract_transf_matrix[3][1]   0.00102691 
_atom_sites.fract_transf_matrix[3][2]   -0.00168882 
_atom_sites.fract_transf_matrix[3][3]   0.01807224 
_atom_sites.fract_transf_vector[1]      -0.038274 
_atom_sites.fract_transf_vector[2]      0.393249 
_atom_sites.fract_transf_vector[3]      0.513951 
# 
_atom_sites_footnote.id     1 
_atom_sites_footnote.text   'RESIDUES PRO 34, PRO 209, PRO 229, AND PRO 250 ARE CIS PROLINES.' 
# 
loop_
_atom_type.symbol 
C 
N 
O 
# 
loop_
_atom_site.group_PDB 
_atom_site.id 
_atom_site.type_symbol 
_atom_site.label_atom_id 
_atom_site.label_alt_id 
_atom_site.label_comp_id 
_atom_site.label_asym_id 
_atom_site.label_entity_id 
_atom_site.label_seq_id 
_atom_site.pdbx_PDB_ins_code 
_atom_site.Cartn_x 
_atom_site.Cartn_y 
_atom_site.Cartn_z 
_atom_site.occupancy 
_atom_site.B_iso_or_equiv 
_atom_site.pdbx_formal_charge 
_atom_site.auth_seq_id 
_atom_site.auth_comp_id 
_atom_site.auth_asym_id 
_atom_site.auth_atom_id 
_atom_site.pdbx_PDB_model_num 
ATOM 1   C CA  . GLY A 1 5   ? -9.853  -20.044 4.601   1.00 30.83 ? 5   GLY A CA  1 
ATOM 2   C CA  . ILE A 1 6   ? -6.264  -20.905 3.792   1.00 28.05 ? 6   ILE A CA  1 
ATOM 3   C CA  . ARG A 1 7   ? -5.466  -21.455 0.043   1.00 22.20 ? 7   ARG A CA  1 
ATOM 4   C CA  . ALA A 1 8   ? -2.683  -21.103 -2.389  1.00 25.99 ? 8   ALA A CA  1 
ATOM 5   C CA  . ALA A 1 9   ? -2.519  -18.012 -4.667  1.00 22.00 ? 9   ALA A CA  1 
ATOM 6   C CA  . THR A 1 10  ? -2.794  -18.753 -8.435  1.00 22.34 ? 10  THR A CA  1 
ATOM 7   C CA  . SER A 1 11  ? -0.344  -17.989 -10.953 1.00 27.66 ? 11  SER A CA  1 
ATOM 8   C CA  . GLN A 1 12  ? -2.345  -15.001 -12.177 1.00 24.82 ? 12  GLN A CA  1 
ATOM 9   C CA  . GLU A 1 13  ? -2.657  -13.746 -8.623  1.00 21.47 ? 13  GLU A CA  1 
ATOM 10  C CA  . ILE A 1 14  ? 1.158   -13.757 -8.251  1.00 21.30 ? 14  ILE A CA  1 
ATOM 11  C CA  . ASN A 1 15  ? 1.462   -11.948 -11.525 1.00 20.77 ? 15  ASN A CA  1 
ATOM 12  C CA  . GLU A 1 16  ? -0.742  -9.117  -10.517 1.00 21.37 ? 16  GLU A CA  1 
ATOM 13  C CA  . LEU A 1 17  ? 0.712   -8.705  -7.044  1.00 15.40 ? 17  LEU A CA  1 
ATOM 14  C CA  . THR A 1 18  ? 4.392   -8.548  -8.584  1.00 14.28 ? 18  THR A CA  1 
ATOM 15  C CA  . TYR A 1 19  ? 2.997   -5.766  -11.094 1.00 12.99 ? 19  TYR A CA  1 
ATOM 16  C CA  . TYR A 1 20  ? 1.879   -3.695  -8.099  1.00 11.89 ? 20  TYR A CA  1 
ATOM 17  C CA  . THR A 1 21  ? 5.026   -4.460  -6.148  1.00 10.93 ? 21  THR A CA  1 
ATOM 18  C CA  . THR A 1 22  ? 7.063   -3.043  -9.288  1.00 11.94 ? 22  THR A CA  1 
ATOM 19  C CA  . LEU A 1 23  ? 5.102   0.178   -9.295  1.00 18.09 ? 23  LEU A CA  1 
ATOM 20  C CA  . SER A 1 24  ? 5.800   0.443   -5.451  1.00 17.35 ? 24  SER A CA  1 
ATOM 21  C CA  . ALA A 1 25  ? 9.543   -0.365  -5.962  1.00 16.26 ? 25  ALA A CA  1 
ATOM 22  C CA  . ASN A 1 26  ? 9.869   2.119   -8.927  1.00 15.10 ? 26  ASN A CA  1 
ATOM 23  C CA  . SER A 1 27  ? 8.531   4.973   -6.699  1.00 9.73  ? 27  SER A CA  1 
ATOM 24  C CA  . TYR A 1 28  ? 11.743  5.053   -4.683  1.00 16.12 ? 28  TYR A CA  1 
ATOM 25  C CA  . CYS A 1 29  ? 13.826  6.151   -7.828  1.00 15.71 ? 29  CYS A CA  1 
ATOM 26  C CA  . ARG A 1 30  ? 14.429  9.934   -7.859  1.00 16.04 ? 30  ARG A CA  1 
ATOM 27  C CA  . THR A 1 31  ? 13.871  10.088  -11.663 1.00 15.36 ? 31  THR A CA  1 
ATOM 28  C CA  . VAL A 1 32  ? 10.342  8.616   -11.244 1.00 18.21 ? 32  VAL A CA  1 
ATOM 29  C CA  . ILE A 1 33  ? 9.370   10.927  -8.140  1.00 16.33 ? 33  ILE A CA  1 
ATOM 30  C CA  . PRO A 1 34  ? 9.905   13.649  -8.432  1.00 20.79 ? 34  PRO A CA  1 
ATOM 31  C CA  . GLY A 1 35  ? 11.640  13.328  -11.863 1.00 14.69 ? 35  GLY A CA  1 
ATOM 32  C CA  . ALA A 1 36  ? 8.346   12.248  -13.281 1.00 18.63 ? 36  ALA A CA  1 
ATOM 33  C CA  . THR A 1 37  ? 10.014  9.903   -16.031 1.00 16.67 ? 37  THR A CA  1 
ATOM 34  C CA  . TRP A 1 38  ? 10.235  6.057   -16.289 1.00 11.83 ? 38  TRP A CA  1 
ATOM 35  C CA  . ASP A 1 39  ? 14.171  6.320   -16.340 1.00 17.64 ? 39  ASP A CA  1 
ATOM 36  C CA  . CYS A 1 40  ? 15.019  3.278   -14.137 1.00 16.05 ? 40  CYS A CA  1 
ATOM 37  C CA  . ILE A 1 41  ? 16.071  -0.324  -14.492 1.00 24.86 ? 41  ILE A CA  1 
ATOM 38  C CA  . HIS A 1 42  ? 12.717  -1.924  -13.867 1.00 23.54 ? 42  HIS A CA  1 
ATOM 39  C CA  . CYS A 1 43  ? 10.749  0.913   -15.284 1.00 19.11 ? 43  CYS A CA  1 
ATOM 40  C CA  . ASP A 1 44  ? 10.330  -0.908  -18.405 1.00 19.97 ? 44  ASP A CA  1 
ATOM 41  C CA  . ALA A 1 45  ? 7.279   -2.924  -16.784 1.00 21.64 ? 45  ALA A CA  1 
ATOM 42  C CA  . THR A 1 46  ? 5.256   0.425   -16.316 1.00 20.30 ? 46  THR A CA  1 
ATOM 43  C CA  . GLU A 1 47  ? 6.781   2.558   -18.965 1.00 23.42 ? 47  GLU A CA  1 
ATOM 44  C CA  . ASP A 1 48  ? 3.592   2.798   -20.942 1.00 21.91 ? 48  ASP A CA  1 
ATOM 45  C CA  . LEU A 1 49  ? 1.680   4.556   -18.090 1.00 19.20 ? 49  LEU A CA  1 
ATOM 46  C CA  . LYS A 1 50  ? 1.221   8.255   -18.589 1.00 17.02 ? 50  LYS A CA  1 
ATOM 47  C CA  . ILE A 1 51  ? 2.583   10.095  -15.370 1.00 22.52 ? 51  ILE A CA  1 
ATOM 48  C CA  . ILE A 1 52  ? -0.084  12.786  -14.608 1.00 17.17 ? 52  ILE A CA  1 
ATOM 49  C CA  . LYS A 1 53  ? 1.559   14.282  -11.625 1.00 19.32 ? 53  LYS A CA  1 
ATOM 50  C CA  . THR A 1 54  ? 4.108   13.716  -8.738  1.00 18.12 ? 54  THR A CA  1 
ATOM 51  C CA  . TRP A 1 55  ? 4.457   15.279  -5.336  1.00 15.14 ? 55  TRP A CA  1 
ATOM 52  C CA  . SER A 1 56  ? 7.343   15.428  -2.689  1.00 18.94 ? 56  SER A CA  1 
ATOM 53  C CA  . THR A 1 57  ? 5.645   17.359  0.231   1.00 15.74 ? 57  THR A CA  1 
ATOM 54  C CA  . LEU A 1 58  ? 7.709   19.678  2.474   1.00 21.56 ? 58  LEU A CA  1 
ATOM 55  C CA  . ILE A 1 59  ? 7.026   18.811  6.007   1.00 19.08 ? 59  ILE A CA  1 
ATOM 56  C CA  . TYR A 1 60  ? 6.292   15.111  5.946   1.00 18.83 ? 60  TYR A CA  1 
ATOM 57  C CA  . ASP A 1 61  ? 8.219   14.424  2.590   1.00 15.86 ? 61  ASP A CA  1 
ATOM 58  C CA  . THR A 1 62  ? 5.175   12.389  1.290   1.00 15.43 ? 62  THR A CA  1 
ATOM 59  C CA  . ASN A 1 63  ? 6.248   11.176  -2.281  1.00 9.71  ? 63  ASN A CA  1 
ATOM 60  C CA  . ALA A 1 64  ? 3.436   10.008  -4.428  1.00 11.25 ? 64  ALA A CA  1 
ATOM 61  C CA  . MET A 1 65  ? 2.150   10.017  -7.924  1.00 16.34 ? 65  MET A CA  1 
ATOM 62  C CA  . VAL A 1 66  ? -0.806  9.687   -10.224 1.00 13.18 ? 66  VAL A CA  1 
ATOM 63  C CA  . ALA A 1 67  ? -0.402  7.751   -13.493 1.00 13.54 ? 67  ALA A CA  1 
ATOM 64  C CA  . ARG A 1 68  ? -2.894  6.641   -16.134 1.00 16.84 ? 68  ARG A CA  1 
ATOM 65  C CA  . GLY A 1 69  ? -2.712  3.372   -18.226 1.00 16.61 ? 69  GLY A CA  1 
ATOM 66  C CA  . ASP A 1 70  ? -5.139  3.545   -21.207 1.00 20.31 ? 70  ASP A CA  1 
ATOM 67  C CA  . SER A 1 71  ? -4.537  0.151   -22.533 1.00 24.72 ? 71  SER A CA  1 
ATOM 68  C CA  . GLU A 1 72  ? -4.976  -1.178  -18.858 1.00 23.24 ? 72  GLU A CA  1 
ATOM 69  C CA  . LYS A 1 73  ? -7.891  1.206   -18.341 1.00 21.36 ? 73  LYS A CA  1 
ATOM 70  C CA  . THR A 1 74  ? -6.719  2.006   -14.829 1.00 13.67 ? 74  THR A CA  1 
ATOM 71  C CA  . ILE A 1 75  ? -5.897  5.117   -13.056 1.00 16.15 ? 75  ILE A CA  1 
ATOM 72  C CA  . TYR A 1 76  ? -2.958  4.326   -10.672 1.00 14.43 ? 76  TYR A CA  1 
ATOM 73  C CA  . ILE A 1 77  ? -2.133  5.994   -7.336  1.00 10.19 ? 77  ILE A CA  1 
ATOM 74  C CA  . VAL A 1 78  ? 1.419   5.119   -5.938  1.00 12.38 ? 78  VAL A CA  1 
ATOM 75  C CA  . PHE A 1 79  ? 2.822   6.053   -2.523  1.00 12.37 ? 79  PHE A CA  1 
ATOM 76  C CA  . ARG A 1 80  ? 6.567   5.770   -1.755  1.00 10.42 ? 80  ARG A CA  1 
ATOM 77  C CA  . GLY A 1 81  ? 7.780   4.528   1.621   1.00 10.86 ? 81  GLY A CA  1 
ATOM 78  C CA  . SER A 1 82  ? 10.571  6.333   3.664   1.00 15.38 ? 82  SER A CA  1 
ATOM 79  C CA  . SER A 1 83  ? 13.657  7.657   1.947   1.00 19.00 ? 83  SER A CA  1 
ATOM 80  C CA  . SER A 1 84  ? 15.805  6.113   4.768   1.00 24.94 ? 84  SER A CA  1 
ATOM 81  C CA  . ILE A 1 85  ? 13.959  2.844   5.578   1.00 22.50 ? 85  ILE A CA  1 
ATOM 82  C CA  . ARG A 1 86  ? 16.256  1.333   8.171   1.00 24.85 ? 86  ARG A CA  1 
ATOM 83  C CA  . ASN A 1 87  ? 16.130  4.267   10.343  1.00 25.72 ? 87  ASN A CA  1 
ATOM 84  C CA  . TRP A 1 88  ? 12.443  4.680   9.695   1.00 22.70 ? 88  TRP A CA  1 
ATOM 85  C CA  . ILE A 1 89  ? 11.987  1.179   11.166  1.00 20.92 ? 89  ILE A CA  1 
ATOM 86  C CA  . ALA A 1 90  ? 14.436  1.686   13.983  1.00 27.86 ? 90  ALA A CA  1 
ATOM 87  C CA  . ASP A 1 91  ? 12.532  4.884   15.086  1.00 31.59 ? 91  ASP A CA  1 
ATOM 88  C CA  . LEU A 1 92  ? 8.860   4.097   14.325  1.00 30.95 ? 92  LEU A CA  1 
ATOM 89  C CA  . THR A 1 93  ? 6.729   5.080   17.440  1.00 29.49 ? 93  THR A CA  1 
ATOM 90  C CA  . PHE A 1 94  ? 2.830   4.799   17.277  1.00 26.66 ? 94  PHE A CA  1 
ATOM 91  C CA  . VAL A 1 95  ? 0.591   7.661   18.585  1.00 25.72 ? 95  VAL A CA  1 
ATOM 92  C CA  . PRO A 1 96  ? -3.031  6.566   18.335  1.00 23.77 ? 96  PRO A CA  1 
ATOM 93  C CA  . VAL A 1 97  ? -5.373  9.518   17.619  1.00 19.80 ? 97  VAL A CA  1 
ATOM 94  C CA  . SER A 1 98  ? -8.987  9.718   16.521  1.00 22.40 ? 98  SER A CA  1 
ATOM 95  C CA  . TYR A 1 99  ? -9.553  9.032   12.862  1.00 15.50 ? 99  TYR A CA  1 
ATOM 96  C CA  . PRO A 1 100 ? -11.827 11.905  11.837  1.00 20.12 ? 100 PRO A CA  1 
ATOM 97  C CA  . PRO A 1 101 ? -14.232 10.373  9.331   1.00 15.94 ? 101 PRO A CA  1 
ATOM 98  C CA  . VAL A 1 102 ? -15.363 7.549   11.520  1.00 13.40 ? 102 VAL A CA  1 
ATOM 99  C CA  . SER A 1 103 ? -16.225 8.241   15.092  1.00 17.92 ? 103 SER A CA  1 
ATOM 100 C CA  . GLY A 1 104 ? -14.976 5.644   17.614  1.00 22.87 ? 104 GLY A CA  1 
ATOM 101 C CA  . THR A 1 105 ? -11.861 4.593   15.527  1.00 17.74 ? 105 THR A CA  1 
ATOM 102 C CA  . LYS A 1 106 ? -8.204  5.485   16.101  1.00 14.52 ? 106 LYS A CA  1 
ATOM 103 C CA  . VAL A 1 107 ? -5.158  5.494   13.557  1.00 12.04 ? 107 VAL A CA  1 
ATOM 104 C CA  . HIS A 1 108 ? -1.515  6.334   14.279  1.00 13.56 ? 108 HIS A CA  1 
ATOM 105 C CA  . LYS A 1 109 ? -1.189  10.055  13.842  1.00 14.96 ? 109 LYS A CA  1 
ATOM 106 C CA  . GLY A 1 110 ? 2.003   9.963   11.877  1.00 11.57 ? 110 GLY A CA  1 
ATOM 107 C CA  . PHE A 1 111 ? 0.248   8.157   8.868   1.00 16.15 ? 111 PHE A CA  1 
ATOM 108 C CA  . LEU A 1 112 ? -2.676  10.641  8.962   1.00 14.30 ? 112 LEU A CA  1 
ATOM 109 C CA  . ASP A 1 113 ? -0.183  13.616  8.959   1.00 17.53 ? 113 ASP A CA  1 
ATOM 110 C CA  . SER A 1 114 ? 1.696   12.010  5.927   1.00 17.48 ? 114 SER A CA  1 
ATOM 111 C CA  . TYR A 1 115 ? -1.447  11.589  3.877   1.00 18.27 ? 115 TYR A CA  1 
ATOM 112 C CA  . GLY A 1 116 ? -2.950  14.865  5.150   1.00 11.87 ? 116 GLY A CA  1 
ATOM 113 C CA  . GLU A 1 117 ? -0.107  16.776  3.566   1.00 19.01 ? 117 GLU A CA  1 
ATOM 114 C CA  . VAL A 1 118 ? -0.886  15.537  -0.221  1.00 17.00 ? 118 VAL A CA  1 
ATOM 115 C CA  . GLN A 1 119 ? -4.578  14.844  0.195   1.00 13.70 ? 119 GLN A CA  1 
ATOM 116 C CA  . ASN A 1 120 ? -6.124  17.817  -1.388  1.00 22.64 ? 120 ASN A CA  1 
ATOM 117 C CA  . GLU A 1 121 ? -4.210  18.197  -4.501  1.00 19.42 ? 121 GLU A CA  1 
ATOM 118 C CA  . LEU A 1 122 ? -3.939  14.379  -5.022  1.00 18.80 ? 122 LEU A CA  1 
ATOM 119 C CA  . VAL A 1 123 ? -7.600  13.613  -4.680  1.00 19.23 ? 123 VAL A CA  1 
ATOM 120 C CA  . ALA A 1 124 ? -8.425  16.578  -7.025  1.00 25.39 ? 124 ALA A CA  1 
ATOM 121 C CA  . THR A 1 125 ? -6.107  15.227  -9.733  1.00 21.34 ? 125 THR A CA  1 
ATOM 122 C CA  . VAL A 1 126 ? -7.604  11.749  -9.290  1.00 21.42 ? 126 VAL A CA  1 
ATOM 123 C CA  . LEU A 1 127 ? -11.211 12.937  -9.605  1.00 19.01 ? 127 LEU A CA  1 
ATOM 124 C CA  . ASP A 1 128 ? -10.332 15.064  -12.641 1.00 20.93 ? 128 ASP A CA  1 
ATOM 125 C CA  . GLN A 1 129 ? -8.873  11.937  -14.304 1.00 17.73 ? 129 GLN A CA  1 
ATOM 126 C CA  . PHE A 1 130 ? -11.779 9.752   -13.246 1.00 18.14 ? 130 PHE A CA  1 
ATOM 127 C CA  . LYS A 1 131 ? -14.282 12.402  -14.520 1.00 31.06 ? 131 LYS A CA  1 
ATOM 128 C CA  . GLN A 1 132 ? -12.448 12.197  -18.011 1.00 26.37 ? 132 GLN A CA  1 
ATOM 129 C CA  . TYR A 1 133 ? -12.237 8.309   -17.933 1.00 23.36 ? 133 TYR A CA  1 
ATOM 130 C CA  . PRO A 1 134 ? -15.311 7.179   -15.803 1.00 26.37 ? 134 PRO A CA  1 
ATOM 131 C CA  . SER A 1 135 ? -15.009 3.743   -17.222 1.00 28.18 ? 135 SER A CA  1 
ATOM 132 C CA  . TYR A 1 136 ? -11.570 3.017   -15.715 1.00 21.38 ? 136 TYR A CA  1 
ATOM 133 C CA  . LYS A 1 137 ? -10.710 1.367   -12.524 1.00 17.59 ? 137 LYS A CA  1 
ATOM 134 C CA  . VAL A 1 138 ? -8.630  3.153   -9.656  1.00 16.26 ? 138 VAL A CA  1 
ATOM 135 C CA  . ALA A 1 139 ? -5.762  1.094   -8.247  1.00 14.77 ? 139 ALA A CA  1 
ATOM 136 C CA  . VAL A 1 140 ? -3.915  2.271   -5.011  1.00 17.55 ? 140 VAL A CA  1 
ATOM 137 C CA  . THR A 1 141 ? -0.537  0.668   -4.097  1.00 9.15  ? 141 THR A CA  1 
ATOM 138 C CA  . GLY A 1 142 ? 2.375   1.379   -1.683  1.00 7.98  ? 142 GLY A CA  1 
ATOM 139 C CA  . HIS A 1 143 ? 5.204   -0.418  0.191   1.00 7.26  ? 143 HIS A CA  1 
ATOM 140 N N   . SER A 1 144 ? 5.628   -0.369  2.548   1.00 9.56  ? 144 SER A N   1 
ATOM 141 C CA  . SER A 1 144 ? 6.137   0.020   3.873   1.00 11.28 ? 144 SER A CA  1 
ATOM 142 C C   . SER A 1 144 ? 5.228   1.179   4.340   1.00 13.66 ? 144 SER A C   1 
ATOM 143 O O   . SER A 1 144 ? 4.017   1.126   4.417   1.00 10.69 ? 144 SER A O   1 
ATOM 144 C CB  . SER A 1 144 ? 7.612   0.419   3.416   1.00 7.43  ? 144 SER A CB  1 
ATOM 145 O OG  . SER A 1 144 ? 8.240   0.619   4.759   1.00 10.40 ? 144 SER A OG  1 
ATOM 146 C CA  . LEU A 1 145 ? 5.083   3.651   5.020   1.00 13.41 ? 145 LEU A CA  1 
ATOM 147 C CA  . GLY A 1 146 ? 3.631   4.058   1.426   1.00 8.26  ? 146 GLY A CA  1 
ATOM 148 C CA  . GLY A 1 147 ? 1.228   1.101   2.207   1.00 7.91  ? 147 GLY A CA  1 
ATOM 149 C CA  . ALA A 1 148 ? -0.159  2.917   5.319   1.00 12.16 ? 148 ALA A CA  1 
ATOM 150 C CA  . THR A 1 149 ? -0.680  6.127   3.224   1.00 9.10  ? 149 THR A CA  1 
ATOM 151 C CA  . ALA A 1 150 ? -2.174  4.029   0.310   1.00 13.47 ? 150 ALA A CA  1 
ATOM 152 C CA  . LEU A 1 151 ? -4.843  2.582   2.776   1.00 13.26 ? 151 LEU A CA  1 
ATOM 153 C CA  . LEU A 1 152 ? -5.848  6.063   4.117   1.00 10.89 ? 152 LEU A CA  1 
ATOM 154 C CA  . CYS A 1 153 ? -5.999  7.410   0.485   1.00 8.80  ? 153 CYS A CA  1 
ATOM 155 C CA  . ALA A 1 154 ? -8.333  4.655   -0.709  1.00 8.27  ? 154 ALA A CA  1 
ATOM 156 C CA  . LEU A 1 155 ? -10.664 5.158   2.286   1.00 12.32 ? 155 LEU A CA  1 
ATOM 157 C CA  . ASP A 1 156 ? -10.665 8.915   1.566   1.00 15.52 ? 156 ASP A CA  1 
ATOM 158 C CA  . LEU A 1 157 ? -11.624 8.242   -2.034  1.00 14.03 ? 157 LEU A CA  1 
ATOM 159 C CA  . TYR A 1 158 ? -14.473 5.931   -1.125  1.00 18.36 ? 158 TYR A CA  1 
ATOM 160 C CA  . GLN A 1 159 ? -15.840 8.375   1.507   1.00 19.50 ? 159 GLN A CA  1 
ATOM 161 C CA  . ARG A 1 160 ? -15.920 11.385  -1.135  1.00 28.11 ? 160 ARG A CA  1 
ATOM 162 C CA  . GLU A 1 161 ? -18.713 9.098   -2.703  1.00 46.20 ? 161 GLU A CA  1 
ATOM 163 C CA  . GLU A 1 162 ? -18.057 10.231  -6.233  1.00 37.82 ? 162 GLU A CA  1 
ATOM 164 C CA  . GLY A 1 163 ? -18.542 7.237   -8.172  1.00 24.45 ? 163 GLY A CA  1 
ATOM 165 C CA  . LEU A 1 164 ? -15.484 5.278   -6.625  1.00 20.99 ? 164 LEU A CA  1 
ATOM 166 C CA  . SER A 1 165 ? -16.847 2.152   -4.714  1.00 24.41 ? 165 SER A CA  1 
ATOM 167 C CA  . SER A 1 166 ? -16.047 -1.501  -3.973  1.00 24.36 ? 166 SER A CA  1 
ATOM 168 C CA  . SER A 1 167 ? -16.521 -2.355  -7.623  1.00 23.84 ? 167 SER A CA  1 
ATOM 169 C CA  . ASN A 1 168 ? -13.862 -0.113  -9.264  1.00 15.37 ? 168 ASN A CA  1 
ATOM 170 C CA  . LEU A 1 169 ? -11.406 0.860   -6.442  1.00 12.16 ? 169 LEU A CA  1 
ATOM 171 C CA  . PHE A 1 170 ? -8.594  -1.777  -5.537  1.00 16.73 ? 170 PHE A CA  1 
ATOM 172 C CA  . LEU A 1 171 ? -5.822  -1.428  -2.837  1.00 11.92 ? 171 LEU A CA  1 
ATOM 173 C CA  . TYR A 1 172 ? -2.545  -3.412  -2.928  1.00 10.41 ? 172 TYR A CA  1 
ATOM 174 C CA  . THR A 1 173 ? -0.036  -2.934  -0.192  1.00 13.93 ? 173 THR A CA  1 
ATOM 175 C CA  . GLN A 1 174 ? 3.481   -4.521  0.419   1.00 13.92 ? 174 GLN A CA  1 
ATOM 176 C CA  . GLY A 1 175 ? 5.179   -4.778  3.830   1.00 5.84  ? 175 GLY A CA  1 
ATOM 177 C CA  . GLN A 1 176 ? 2.505   -2.374  5.448   1.00 9.98  ? 176 GLN A CA  1 
ATOM 178 C CA  . PRO A 1 177 ? 2.520   -1.812  9.275   1.00 11.68 ? 177 PRO A CA  1 
ATOM 179 C CA  . ARG A 1 178 ? -0.823  -1.846  11.043  1.00 15.97 ? 178 ARG A CA  1 
ATOM 180 C CA  . VAL A 1 179 ? -2.601  1.640   10.778  1.00 16.78 ? 179 VAL A CA  1 
ATOM 181 C CA  . GLY A 1 180 ? -5.513  1.505   13.360  1.00 14.07 ? 180 GLY A CA  1 
ATOM 182 C CA  . ASN A 1 181 ? -7.299  -0.282  16.125  1.00 12.77 ? 181 ASN A CA  1 
ATOM 183 C CA  . PRO A 1 182 ? -9.930  -3.035  15.828  1.00 15.64 ? 182 PRO A CA  1 
ATOM 184 C CA  . ALA A 1 183 ? -12.685 -0.483  15.441  1.00 17.08 ? 183 ALA A CA  1 
ATOM 185 C CA  . PHE A 1 184 ? -10.895 1.094   12.371  1.00 17.19 ? 184 PHE A CA  1 
ATOM 186 C CA  . ALA A 1 185 ? -10.098 -2.394  10.855  1.00 15.50 ? 185 ALA A CA  1 
ATOM 187 C CA  . ASN A 1 186 ? -13.834 -3.304  10.900  1.00 11.79 ? 186 ASN A CA  1 
ATOM 188 C CA  . TYR A 1 187 ? -14.704 -0.098  9.399   1.00 7.23  ? 187 TYR A CA  1 
ATOM 189 C CA  . VAL A 1 188 ? -12.252 -0.852  6.557   1.00 6.19  ? 188 VAL A CA  1 
ATOM 190 C CA  . VAL A 1 189 ? -13.781 -4.336  6.028   1.00 14.49 ? 189 VAL A CA  1 
ATOM 191 C CA  . SER A 1 190 ? -17.324 -2.586  5.906   1.00 16.51 ? 190 SER A CA  1 
ATOM 192 C CA  . THR A 1 191 ? -16.341 -0.668  2.706   1.00 13.10 ? 191 THR A CA  1 
ATOM 193 C CA  . GLY A 1 192 ? -15.984 -3.953  0.883   1.00 10.50 ? 192 GLY A CA  1 
ATOM 194 C CA  . ILE A 1 193 ? -13.005 -2.436  -1.133  1.00 12.09 ? 193 ILE A CA  1 
ATOM 195 C CA  . PRO A 1 194 ? -10.858 -5.387  -2.517  1.00 15.68 ? 194 PRO A CA  1 
ATOM 196 C CA  . TYR A 1 195 ? -7.572  -5.112  -0.416  1.00 15.91 ? 195 TYR A CA  1 
ATOM 197 C CA  . ARG A 1 196 ? -4.586  -7.453  -1.037  1.00 10.99 ? 196 ARG A CA  1 
ATOM 198 C CA  . ARG A 1 197 ? -2.117  -7.114  1.848   1.00 14.06 ? 197 ARG A CA  1 
ATOM 199 C CA  . THR A 1 198 ? 1.179   -8.882  0.722   1.00 11.44 ? 198 THR A CA  1 
ATOM 200 C CA  . VAL A 1 199 ? 3.830   -9.874  3.456   1.00 10.88 ? 199 VAL A CA  1 
ATOM 201 C CA  . ASN A 1 200 ? 7.251   -11.240 2.313   1.00 13.06 ? 200 ASN A CA  1 
ATOM 202 C CA  . GLU A 1 201 ? 8.162   -14.095 4.669   1.00 13.30 ? 201 GLU A CA  1 
ATOM 203 C CA  . ARG A 1 202 ? 9.422   -12.922 8.037   1.00 15.03 ? 202 ARG A CA  1 
ATOM 204 N N   . ASP A 1 203 ? 9.239   -10.619 7.109   1.00 10.84 ? 203 ASP A N   1 
ATOM 205 C CA  . ASP A 1 203 ? 9.188   -9.141  7.198   1.00 7.86  ? 203 ASP A CA  1 
ATOM 206 C C   . ASP A 1 203 ? 8.643   -8.721  8.563   1.00 8.94  ? 203 ASP A C   1 
ATOM 207 O O   . ASP A 1 203 ? 7.441   -8.966  8.978   1.00 11.20 ? 203 ASP A O   1 
ATOM 208 C CB  . ASP A 1 203 ? 8.348   -8.656  5.997   1.00 7.77  ? 203 ASP A CB  1 
ATOM 209 C CG  . ASP A 1 203 ? 8.404   -7.120  5.967   1.00 7.68  ? 203 ASP A CG  1 
ATOM 210 O OD1 . ASP A 1 203 ? 7.997   -6.555  4.931   1.00 14.09 ? 203 ASP A OD1 1 
ATOM 211 O OD2 . ASP A 1 203 ? 8.985   -6.431  6.819   1.00 10.19 ? 203 ASP A OD2 1 
ATOM 212 C CA  . ILE A 1 204 ? 9.037   -7.455  10.556  1.00 9.04  ? 204 ILE A CA  1 
ATOM 213 C CA  . VAL A 1 205 ? 6.996   -4.240  9.429   1.00 12.14 ? 205 VAL A CA  1 
ATOM 214 C CA  . PRO A 1 206 ? 3.479   -6.014  9.047   1.00 9.40  ? 206 PRO A CA  1 
ATOM 215 C CA  . HIS A 1 207 ? 3.978   -7.030  12.750  1.00 12.49 ? 207 HIS A CA  1 
ATOM 216 C CA  . LEU A 1 208 ? 4.464   -3.380  13.941  1.00 14.14 ? 208 LEU A CA  1 
ATOM 217 C CA  . PRO A 1 209 ? 3.238   -2.046  16.351  1.00 22.55 ? 209 PRO A CA  1 
ATOM 218 C CA  . PRO A 1 210 ? 3.406   -5.018  18.597  1.00 30.88 ? 210 PRO A CA  1 
ATOM 219 C CA  . ALA A 1 211 ? 0.295   -7.108  18.746  1.00 38.31 ? 211 ALA A CA  1 
ATOM 220 C CA  . ALA A 1 212 ? 0.171   -6.157  22.339  1.00 36.35 ? 212 ALA A CA  1 
ATOM 221 C CA  . PHE A 1 213 ? -0.401  -2.390  21.614  1.00 28.57 ? 213 PHE A CA  1 
ATOM 222 C CA  . GLY A 1 214 ? -3.935  -2.897  20.307  1.00 25.81 ? 214 GLY A CA  1 
ATOM 223 C CA  . PHE A 1 215 ? -3.809  -2.159  16.519  1.00 12.62 ? 215 PHE A CA  1 
ATOM 224 C CA  . LEU A 1 216 ? -5.198  -4.933  13.981  1.00 17.81 ? 216 LEU A CA  1 
ATOM 225 C CA  . HIS A 1 217 ? -4.907  -5.408  10.289  1.00 11.10 ? 217 HIS A CA  1 
ATOM 226 C CA  . ALA A 1 218 ? -7.831  -5.556  7.808   1.00 9.70  ? 218 ALA A CA  1 
ATOM 227 C CA  . GLY A 1 219 ? -7.261  -6.679  4.214   1.00 12.98 ? 219 GLY A CA  1 
ATOM 228 C CA  . SER A 1 220 ? -6.748  -10.335 2.891   1.00 16.16 ? 220 SER A CA  1 
ATOM 229 C CA  . GLU A 1 221 ? -3.265  -11.531 3.660   1.00 14.09 ? 221 GLU A CA  1 
ATOM 230 C CA  . TYR A 1 222 ? -1.084  -12.960 0.685   1.00 13.32 ? 222 TYR A CA  1 
ATOM 231 C CA  . TRP A 1 223 ? 2.088   -14.338 2.542   1.00 8.64  ? 223 TRP A CA  1 
ATOM 232 C CA  . ILE A 1 224 ? 5.121   -15.227 0.196   1.00 15.98 ? 224 ILE A CA  1 
ATOM 233 C CA  . THR A 1 225 ? 6.355   -18.195 2.107   1.00 14.37 ? 225 THR A CA  1 
ATOM 234 C CA  . ASP A 1 226 ? 9.053   -19.148 -0.624  1.00 26.01 ? 226 ASP A CA  1 
ATOM 235 C CA  . ASN A 1 227 ? 10.968  -17.535 -3.378  1.00 32.96 ? 227 ASN A CA  1 
ATOM 236 C CA  . SER A 1 228 ? 11.969  -20.249 -5.429  1.00 44.20 ? 228 SER A CA  1 
ATOM 237 C CA  . PRO A 1 229 ? 9.522   -21.119 -6.938  1.00 31.34 ? 229 PRO A CA  1 
ATOM 238 C CA  . GLU A 1 230 ? 7.580   -18.426 -5.633  1.00 28.54 ? 230 GLU A CA  1 
ATOM 239 C CA  . THR A 1 231 ? 4.988   -19.583 -3.285  1.00 18.60 ? 231 THR A CA  1 
ATOM 240 C CA  . VAL A 1 232 ? 2.046   -17.582 -1.719  1.00 17.26 ? 232 VAL A CA  1 
ATOM 241 C CA  . GLN A 1 233 ? -0.431  -18.667 1.042   1.00 17.39 ? 233 GLN A CA  1 
ATOM 242 C CA  . VAL A 1 234 ? -3.654  -16.703 1.150   1.00 17.72 ? 234 VAL A CA  1 
ATOM 243 C CA  . CYS A 1 235 ? -5.570  -16.225 4.456   1.00 16.83 ? 235 CYS A CA  1 
ATOM 244 C CA  . THR A 1 236 ? -8.956  -15.178 2.877   1.00 15.65 ? 236 THR A CA  1 
ATOM 245 C CA  . SER A 1 237 ? -10.337 -13.563 6.099   1.00 18.76 ? 237 SER A CA  1 
ATOM 246 C CA  . ASP A 1 238 ? -10.627 -9.778  5.695   1.00 21.57 ? 238 ASP A CA  1 
ATOM 247 C CA  . LEU A 1 239 ? -9.368  -9.326  9.278   1.00 18.97 ? 239 LEU A CA  1 
ATOM 248 C CA  . GLU A 1 240 ? -6.061  -10.334 10.687  1.00 22.87 ? 240 GLU A CA  1 
ATOM 249 C CA  . THR A 1 241 ? -5.553  -14.116 11.464  1.00 23.75 ? 241 THR A CA  1 
ATOM 250 C CA  . SER A 1 242 ? -2.986  -16.222 13.127  1.00 26.35 ? 242 SER A CA  1 
ATOM 251 C CA  . ASP A 1 243 ? -2.566  -18.384 10.217  1.00 19.64 ? 243 ASP A CA  1 
ATOM 252 C CA  . CYS A 1 244 ? -0.263  -16.536 7.837   1.00 18.49 ? 244 CYS A CA  1 
ATOM 253 C CA  . SER A 1 245 ? 2.707   -14.418 8.766   1.00 13.72 ? 245 SER A CA  1 
ATOM 254 C CA  . ASN A 1 246 ? 1.733   -13.939 12.274  1.00 13.32 ? 246 ASN A CA  1 
ATOM 255 C CA  . SER A 1 247 ? 2.747   -17.647 12.630  1.00 18.72 ? 247 SER A CA  1 
ATOM 256 C CA  . ILE A 1 248 ? 6.568   -16.833 12.712  1.00 18.24 ? 248 ILE A CA  1 
ATOM 257 C CA  . VAL A 1 249 ? 6.375   -14.121 15.353  1.00 14.69 ? 249 VAL A CA  1 
ATOM 258 C CA  . PRO A 1 250 ? 8.616   -13.157 17.101  1.00 16.54 ? 250 PRO A CA  1 
ATOM 259 C CA  . PHE A 1 251 ? 11.305  -14.452 14.779  1.00 9.57  ? 251 PHE A CA  1 
ATOM 260 C CA  . THR A 1 252 ? 11.202  -11.678 12.211  1.00 18.23 ? 252 THR A CA  1 
ATOM 261 C CA  . SER A 1 253 ? 13.542  -10.301 9.540   1.00 14.74 ? 253 SER A CA  1 
ATOM 262 C CA  . VAL A 1 254 ? 14.506  -6.763  8.677   1.00 15.70 ? 254 VAL A CA  1 
ATOM 263 C CA  . LEU A 1 255 ? 16.031  -7.751  5.269   1.00 6.85  ? 255 LEU A CA  1 
ATOM 264 C CA  . ASP A 1 256 ? 12.705  -9.475  4.235   1.00 10.51 ? 256 ASP A CA  1 
ATOM 265 N N   . HIS A 1 257 ? 12.000  -7.123  4.415   1.00 11.49 ? 257 HIS A N   1 
ATOM 266 C CA  . HIS A 1 257 ? 11.188  -5.931  4.101   1.00 10.96 ? 257 HIS A CA  1 
ATOM 267 C C   . HIS A 1 257 ? 11.571  -5.324  2.776   1.00 12.37 ? 257 HIS A C   1 
ATOM 268 O O   . HIS A 1 257 ? 10.830  -4.803  1.902   1.00 13.62 ? 257 HIS A O   1 
ATOM 269 C CB  . HIS A 1 257 ? 11.461  -4.804  5.226   1.00 11.73 ? 257 HIS A CB  1 
ATOM 270 C CG  . HIS A 1 257 ? 10.475  -3.696  5.063   1.00 21.65 ? 257 HIS A CG  1 
ATOM 271 N ND1 . HIS A 1 257 ? 9.093   -3.980  4.924   1.00 13.23 ? 257 HIS A ND1 1 
ATOM 272 C CD2 . HIS A 1 257 ? 10.578  -2.352  5.001   1.00 15.49 ? 257 HIS A CD2 1 
ATOM 273 C CE1 . HIS A 1 257 ? 8.409   -2.788  4.884   1.00 15.72 ? 257 HIS A CE1 1 
ATOM 274 N NE2 . HIS A 1 257 ? 9.278   -1.824  4.968   1.00 17.92 ? 257 HIS A NE2 1 
ATOM 275 C CA  . LEU A 1 258 ? 13.512  -4.816  1.365   1.00 12.41 ? 258 LEU A CA  1 
ATOM 276 C CA  . SER A 1 259 ? 12.793  -7.431  -1.383  1.00 20.72 ? 259 SER A CA  1 
ATOM 277 C CA  . TYR A 1 260 ? 9.197   -8.590  -2.576  1.00 13.94 ? 260 TYR A CA  1 
ATOM 278 C CA  . PHE A 1 261 ? 9.097   -11.085 -5.454  1.00 12.10 ? 261 PHE A CA  1 
ATOM 279 C CA  . GLY A 1 262 ? 12.653  -10.719 -5.897  1.00 21.63 ? 262 GLY A CA  1 
ATOM 280 C CA  . ILE A 1 263 ? 12.341  -6.791  -6.501  1.00 19.85 ? 263 ILE A CA  1 
ATOM 281 C CA  . ASN A 1 264 ? 14.394  -4.514  -4.316  1.00 17.49 ? 264 ASN A CA  1 
ATOM 282 C CA  . THR A 1 265 ? 11.639  -2.456  -2.505  1.00 13.27 ? 265 THR A CA  1 
ATOM 283 C CA  . GLY A 1 266 ? 13.253  0.564   -0.733  1.00 17.28 ? 266 GLY A CA  1 
ATOM 284 C CA  . LEU A 1 267 ? 16.422  1.065   -2.811  1.00 28.43 ? 267 LEU A CA  1 
ATOM 285 C CA  . CYS A 1 268 ? 15.374  1.422   -6.394  1.00 38.86 ? 268 CYS A CA  1 
ATOM 286 C CA  . SER A 1 269 ? 18.044  -1.314  -6.475  1.00 57.89 ? 269 SER A CA  1 
# 
